data_8T1F
#
_entry.id   8T1F
#
_cell.length_a   1.00
_cell.length_b   1.00
_cell.length_c   1.00
_cell.angle_alpha   90.00
_cell.angle_beta   90.00
_cell.angle_gamma   90.00
#
_symmetry.space_group_name_H-M   'P 1'
#
loop_
_entity.id
_entity.type
_entity.pdbx_description
1 polymer 'Transient receptor potential cation channel subfamily V member 4/Enhanced green fluorescent protein chimera'
2 non-polymer 2-methyl-1-[3-(morpholin-4-yl)propyl]-5-phenyl-N-[3-(trifluoromethyl)phenyl]-1H-pyrrole-3-carboxamide
3 non-polymer '(2S)-3-(hexadecanoyloxy)-2-[(9Z)-octadec-9-enoyloxy]propyl 2-(trimethylammonio)ethyl phosphate'
#
_entity_poly.entity_id   1
_entity_poly.type   'polypeptide(L)'
_entity_poly.pdbx_seq_one_letter_code
;MADSSEGPRAGPGEVAELPGDESGTPGGEAFPLSSLANLFEGEDGSLSPSPADASRPAGPGDGRPNLRMKFQGAFRKGVP
NPIDLLESTLYESSVVPGPKKAPMDSLFDYGTYRHHSSDNKRWRKKIIEKQPQSPKAPAPQPPPILKVFNRPILFDIVSR
GSTADLDGLLPFLLTHKKRLTDEEFREPSTGKTCLPKALLNLSNGRNDTIPVLLDIAERTGNMREFINSPFRDIYYRGQT
ALHIAIERRCKHYVELLVAQGADVHAQARGRFFQPKDEGGYFYFGELPLSLAACTNQPHIVNYLTENPHKKADMRRQDSR
GNTVLHALVAIADNTRENTKFVTKMYDLLLLKCARLFPDSNLEAVLNNDGLSPLMMAAKTGKIGIFQHIIRREVTDEDTR
HLSRKFKDWAYGPVYSSLYDLSSLDTCGEEASVLEILVYNSKIENRHEMLAVEPINELLRDKWRKFGAVSFYINVVSYLC
AMVIFTLTAYYQPLEGTPPYPYRTTVDYLRLAGEVITLFTGVLFFFTNIKDLFMKKCPGVNSLFIDGSFQLLYFIYSVLV
IVSAALYLAGIEAYLAVMVFALVLGWMNALYFTRGLKLTGTYSIMIQKILFKDLFRFLLVYLLFMIGYASALVSLLNPCA
NMKVCNEDQTNCTVPTYPSCRDSETFSTFLLDLFKLTIGMGDLEMLSSTKYPVVFIILLVTYIILTFVLLLNMLIALMGE
TVGQVSKESKHIWKLQWATTILDIERSFPVFLRKAFRSGEMVTVGKSSDGTPDRRWCFRVDEVNWSHWNQNLGIINEDPG
KNETYQYYGFSHTVGRLRRDRWSSVVPRVVELNKNSNPDEVVVPLDSMGNPRCDGHQQGYPRKWRTDDAPLLVPRGSAAA
AVSKGEELFTGVVPILVELDGDVNGHKFSVSGEGEGDATYGKLTLKFICTTGKLPVPWPTLVTTLTYGVQCFSRYPDHMK
QHDFFKSAMPEGYVQERTIFFKDDGNYKTRAEVKFEGDTLVNRIELKGIDFKEDGNILGHKLEYNYNSHNVYIMADKQKN
GIKVNFKIRHNIEDGSVQLADHYQQNTPIGDGPVLLPDNHYLSTQSKLSKDPNEKRDHMVLLEFVTAAGITLGMDELYKS
GLRSWSHPQFEK
;
_entity_poly.pdbx_strand_id   A,B,C,D
#
# COMPACT_ATOMS: atom_id res chain seq x y z
N VAL A 148 -59.58 -25.48 39.79
CA VAL A 148 -59.37 -25.81 38.40
C VAL A 148 -58.00 -25.33 37.93
N PHE A 149 -57.04 -25.26 38.85
CA PHE A 149 -55.71 -24.77 38.51
C PHE A 149 -54.67 -25.73 39.08
N ASN A 150 -53.81 -26.26 38.22
CA ASN A 150 -52.65 -27.04 38.62
C ASN A 150 -51.42 -26.40 37.99
N ARG A 151 -50.30 -27.14 38.01
CA ARG A 151 -49.06 -26.62 37.45
C ARG A 151 -49.13 -26.34 35.95
N PRO A 152 -49.46 -27.32 35.03
CA PRO A 152 -49.29 -27.02 33.59
C PRO A 152 -50.25 -26.00 33.02
N ILE A 153 -51.33 -25.71 33.75
CA ILE A 153 -52.35 -24.78 33.27
C ILE A 153 -51.98 -23.34 33.61
N LEU A 154 -51.57 -23.08 34.85
CA LEU A 154 -51.13 -21.77 35.31
C LEU A 154 -49.98 -21.19 34.48
N PHE A 155 -48.94 -22.00 34.26
CA PHE A 155 -47.83 -21.66 33.39
C PHE A 155 -48.27 -21.41 31.94
N ASP A 156 -49.37 -22.04 31.53
CA ASP A 156 -49.87 -21.88 30.17
C ASP A 156 -50.69 -20.60 30.03
N ILE A 157 -51.53 -20.29 31.03
CA ILE A 157 -52.43 -19.14 30.98
C ILE A 157 -51.64 -17.84 30.98
N VAL A 158 -50.67 -17.72 31.88
CA VAL A 158 -49.91 -16.48 32.02
C VAL A 158 -49.01 -16.26 30.81
N SER A 159 -48.58 -17.35 30.18
CA SER A 159 -47.79 -17.29 28.95
C SER A 159 -48.60 -16.68 27.80
N ARG A 160 -49.92 -16.90 27.79
CA ARG A 160 -50.79 -16.27 26.81
C ARG A 160 -50.90 -14.78 27.07
N GLY A 161 -51.25 -14.42 28.31
CA GLY A 161 -51.46 -13.03 28.66
C GLY A 161 -52.92 -12.67 28.78
N SER A 162 -53.70 -13.56 29.39
CA SER A 162 -55.13 -13.32 29.58
C SER A 162 -55.53 -13.59 31.02
N THR A 163 -55.81 -12.52 31.77
CA THR A 163 -56.14 -12.64 33.19
C THR A 163 -57.57 -13.10 33.41
N ALA A 164 -58.39 -13.09 32.35
CA ALA A 164 -59.78 -13.52 32.42
C ALA A 164 -59.88 -15.01 32.72
N ASP A 165 -58.96 -15.80 32.17
CA ASP A 165 -58.96 -17.25 32.37
C ASP A 165 -58.58 -17.61 33.80
N LEU A 166 -57.76 -16.78 34.44
CA LEU A 166 -57.28 -17.10 35.78
C LEU A 166 -58.14 -16.45 36.85
N ASP A 167 -59.31 -15.94 36.46
CA ASP A 167 -60.31 -15.51 37.43
C ASP A 167 -60.88 -16.74 38.13
N GLY A 168 -60.41 -16.95 39.36
CA GLY A 168 -60.75 -18.16 40.07
C GLY A 168 -59.64 -18.70 40.94
N LEU A 169 -58.45 -18.10 40.86
CA LEU A 169 -57.37 -18.45 41.78
C LEU A 169 -57.73 -18.06 43.21
N LEU A 170 -58.22 -16.83 43.40
CA LEU A 170 -58.56 -16.29 44.72
C LEU A 170 -59.62 -17.12 45.47
N PRO A 171 -60.59 -17.78 44.79
CA PRO A 171 -61.27 -18.89 45.48
C PRO A 171 -60.39 -20.11 45.73
N PHE A 172 -59.57 -20.49 44.75
CA PHE A 172 -58.85 -21.77 44.76
C PHE A 172 -57.78 -21.85 45.84
N LEU A 173 -56.98 -20.79 46.02
CA LEU A 173 -55.90 -20.81 47.00
C LEU A 173 -56.43 -20.87 48.43
N LEU A 174 -57.55 -20.20 48.68
CA LEU A 174 -58.05 -20.05 50.04
C LEU A 174 -58.72 -21.31 50.58
N THR A 175 -59.73 -21.82 49.86
CA THR A 175 -60.56 -22.89 50.40
C THR A 175 -59.86 -24.24 50.31
N HIS A 176 -58.78 -24.33 49.52
CA HIS A 176 -58.06 -25.58 49.39
C HIS A 176 -56.78 -25.60 50.22
N LYS A 177 -56.48 -24.51 50.93
CA LYS A 177 -55.20 -24.26 51.61
C LYS A 177 -54.02 -24.41 50.64
N LYS A 178 -53.93 -23.51 49.67
CA LYS A 178 -52.89 -23.52 48.66
C LYS A 178 -52.19 -22.16 48.64
N ARG A 179 -50.92 -22.17 48.28
CA ARG A 179 -50.13 -20.95 48.16
C ARG A 179 -49.40 -20.97 46.82
N LEU A 180 -48.98 -19.79 46.33
CA LEU A 180 -48.16 -19.76 45.13
C LEU A 180 -46.68 -19.77 45.50
N THR A 181 -46.28 -20.65 46.40
CA THR A 181 -44.86 -20.87 46.66
C THR A 181 -44.62 -22.34 46.96
N ASP A 182 -45.65 -23.16 46.76
CA ASP A 182 -45.58 -24.57 47.04
C ASP A 182 -44.87 -25.28 45.90
N GLU A 183 -44.46 -26.52 46.15
CA GLU A 183 -43.73 -27.33 45.17
C GLU A 183 -44.62 -27.68 43.99
N GLU A 184 -45.93 -27.76 44.21
CA GLU A 184 -46.85 -28.09 43.13
C GLU A 184 -47.00 -26.94 42.14
N PHE A 185 -46.83 -25.70 42.58
CA PHE A 185 -46.95 -24.54 41.69
C PHE A 185 -45.61 -23.99 41.26
N ARG A 186 -44.53 -24.73 41.46
CA ARG A 186 -43.19 -24.31 41.08
C ARG A 186 -42.55 -25.46 40.33
N GLU A 187 -41.85 -25.15 39.23
CA GLU A 187 -41.22 -26.17 38.39
C GLU A 187 -40.09 -26.86 39.15
N PRO A 188 -39.65 -28.04 38.72
CA PRO A 188 -38.49 -28.64 39.40
C PRO A 188 -37.16 -28.24 38.79
N SER A 189 -36.24 -27.72 39.63
CA SER A 189 -34.81 -27.68 39.36
C SER A 189 -34.43 -26.89 38.11
N THR A 190 -34.43 -25.53 38.20
CA THR A 190 -34.98 -24.47 37.35
C THR A 190 -36.36 -24.06 37.87
N GLY A 191 -36.48 -24.04 39.20
CA GLY A 191 -37.74 -23.82 39.88
C GLY A 191 -38.33 -22.43 39.74
N LYS A 192 -38.75 -22.16 38.51
CA LYS A 192 -39.47 -20.97 38.09
C LYS A 192 -40.82 -20.88 38.78
N THR A 193 -41.34 -19.68 38.97
CA THR A 193 -42.62 -19.47 39.60
C THR A 193 -43.47 -18.70 38.59
N CYS A 194 -44.63 -18.20 39.01
CA CYS A 194 -45.55 -17.52 38.10
C CYS A 194 -44.97 -16.23 37.55
N LEU A 195 -44.38 -15.39 38.40
CA LEU A 195 -43.75 -14.15 37.96
C LEU A 195 -42.51 -14.31 37.07
N PRO A 196 -41.60 -15.26 37.28
CA PRO A 196 -40.56 -15.44 36.25
C PRO A 196 -41.08 -16.05 34.95
N LYS A 197 -42.14 -16.86 35.01
CA LYS A 197 -42.78 -17.32 33.78
C LYS A 197 -43.51 -16.19 33.08
N ALA A 198 -44.00 -15.23 33.86
CA ALA A 198 -44.71 -14.08 33.32
C ALA A 198 -43.79 -13.17 32.52
N LEU A 199 -42.74 -12.68 33.18
CA LEU A 199 -41.91 -11.62 32.62
C LEU A 199 -41.12 -12.12 31.41
N LEU A 200 -40.83 -13.41 31.36
CA LEU A 200 -40.20 -13.99 30.17
C LEU A 200 -41.19 -14.09 29.01
N ASN A 201 -42.44 -14.47 29.28
CA ASN A 201 -43.48 -14.55 28.26
C ASN A 201 -44.20 -13.20 28.19
N LEU A 202 -43.54 -12.25 27.54
CA LEU A 202 -44.01 -10.88 27.46
C LEU A 202 -44.40 -10.55 26.02
N SER A 203 -45.40 -9.68 25.86
CA SER A 203 -45.81 -9.23 24.53
C SER A 203 -45.83 -7.70 24.58
N ASN A 204 -44.91 -7.09 23.81
CA ASN A 204 -44.56 -5.67 23.69
C ASN A 204 -44.63 -4.89 25.01
N GLY A 205 -44.16 -5.52 26.09
CA GLY A 205 -44.13 -4.92 27.40
C GLY A 205 -45.48 -4.82 28.09
N ARG A 206 -46.40 -5.77 27.88
CA ARG A 206 -47.63 -5.67 28.64
C ARG A 206 -47.84 -6.82 29.63
N ASN A 207 -48.08 -8.03 29.13
CA ASN A 207 -48.49 -9.20 29.91
C ASN A 207 -49.47 -8.86 31.02
N ASP A 208 -50.69 -8.40 30.69
CA ASP A 208 -51.64 -7.80 31.64
C ASP A 208 -52.02 -8.62 32.86
N THR A 209 -51.62 -9.89 32.91
CA THR A 209 -51.86 -10.76 34.05
C THR A 209 -50.99 -10.42 35.27
N ILE A 210 -49.81 -9.83 35.06
CA ILE A 210 -48.83 -9.71 36.15
C ILE A 210 -49.21 -8.80 37.32
N PRO A 211 -50.12 -7.77 37.23
CA PRO A 211 -50.57 -7.17 38.49
C PRO A 211 -51.47 -8.12 39.27
N VAL A 212 -52.25 -8.91 38.53
CA VAL A 212 -53.25 -9.80 39.14
C VAL A 212 -52.53 -10.94 39.85
N LEU A 213 -51.49 -11.49 39.23
CA LEU A 213 -50.61 -12.47 39.87
C LEU A 213 -49.94 -11.90 41.10
N LEU A 214 -49.64 -10.61 41.08
CA LEU A 214 -48.98 -9.94 42.18
C LEU A 214 -49.99 -9.64 43.28
N ASP A 215 -51.27 -9.47 42.89
CA ASP A 215 -52.32 -9.20 43.87
C ASP A 215 -52.70 -10.43 44.67
N ILE A 216 -52.75 -11.59 44.01
CA ILE A 216 -53.20 -12.85 44.60
C ILE A 216 -52.23 -13.29 45.69
N ALA A 217 -50.95 -12.92 45.55
CA ALA A 217 -49.95 -13.30 46.53
C ALA A 217 -50.15 -12.56 47.86
N GLU A 218 -50.54 -11.28 47.82
CA GLU A 218 -50.74 -10.56 49.08
C GLU A 218 -52.07 -10.94 49.72
N ARG A 219 -53.02 -11.44 48.93
CA ARG A 219 -54.23 -12.01 49.50
C ARG A 219 -53.94 -13.33 50.20
N THR A 220 -52.85 -13.99 49.82
CA THR A 220 -52.38 -15.15 50.55
C THR A 220 -51.24 -14.81 51.50
N GLY A 221 -50.61 -13.66 51.33
CA GLY A 221 -49.49 -13.29 52.17
C GLY A 221 -48.17 -13.91 51.75
N ASN A 222 -47.67 -13.53 50.56
CA ASN A 222 -46.44 -14.14 50.06
C ASN A 222 -45.39 -13.14 49.58
N MET A 223 -45.63 -11.83 49.71
CA MET A 223 -44.92 -10.80 48.95
C MET A 223 -43.43 -10.71 49.25
N ARG A 224 -43.00 -11.25 50.39
CA ARG A 224 -41.59 -11.30 50.73
C ARG A 224 -40.94 -12.64 50.44
N GLU A 225 -41.68 -13.61 49.92
CA GLU A 225 -41.11 -14.89 49.51
C GLU A 225 -41.53 -15.31 48.11
N PHE A 226 -42.40 -14.54 47.47
CA PHE A 226 -42.89 -14.83 46.13
C PHE A 226 -42.13 -14.02 45.09
N ILE A 227 -42.04 -12.71 45.30
CA ILE A 227 -41.27 -11.82 44.43
C ILE A 227 -39.80 -12.16 44.60
N ASN A 228 -39.40 -12.43 45.85
CA ASN A 228 -38.02 -12.68 46.17
C ASN A 228 -37.60 -14.13 45.98
N SER A 229 -38.48 -14.96 45.43
CA SER A 229 -38.23 -16.39 45.22
C SER A 229 -37.16 -16.60 44.17
N PRO A 230 -35.99 -17.09 44.54
CA PRO A 230 -34.92 -17.28 43.55
C PRO A 230 -35.14 -18.55 42.75
N PHE A 231 -34.34 -18.78 41.72
CA PHE A 231 -34.35 -20.09 41.10
C PHE A 231 -33.50 -20.98 42.00
N ARG A 232 -33.78 -22.29 42.05
CA ARG A 232 -32.93 -23.17 42.82
C ARG A 232 -32.11 -24.08 41.91
N ASP A 233 -31.91 -23.68 40.65
CA ASP A 233 -31.18 -24.45 39.66
C ASP A 233 -29.69 -24.40 39.97
N ILE A 234 -28.90 -25.26 39.32
CA ILE A 234 -27.46 -25.13 39.32
C ILE A 234 -26.97 -24.30 38.14
N TYR A 235 -27.88 -23.59 37.47
CA TYR A 235 -27.57 -22.91 36.23
C TYR A 235 -28.06 -21.46 36.27
N TYR A 236 -29.01 -21.17 37.15
CA TYR A 236 -29.44 -19.79 37.37
C TYR A 236 -29.59 -19.59 38.88
N ARG A 237 -28.56 -19.95 39.65
CA ARG A 237 -28.63 -20.31 41.07
C ARG A 237 -29.28 -19.26 41.95
N GLY A 238 -29.25 -17.99 41.57
CA GLY A 238 -29.85 -16.98 42.41
C GLY A 238 -30.73 -16.00 41.70
N GLN A 239 -31.01 -16.23 40.42
CA GLN A 239 -31.75 -15.27 39.58
C GLN A 239 -33.16 -15.05 40.10
N THR A 240 -33.43 -13.84 40.56
CA THR A 240 -34.70 -13.49 41.17
C THR A 240 -35.61 -12.99 40.05
N ALA A 241 -36.88 -12.68 40.38
CA ALA A 241 -37.80 -12.15 39.37
C ALA A 241 -37.46 -10.72 39.02
N LEU A 242 -36.67 -10.05 39.85
CA LEU A 242 -36.27 -8.67 39.57
C LEU A 242 -35.26 -8.62 38.43
N HIS A 243 -34.43 -9.66 38.30
CA HIS A 243 -33.42 -9.69 37.25
C HIS A 243 -34.02 -9.83 35.87
N ILE A 244 -35.24 -10.35 35.77
CA ILE A 244 -35.86 -10.56 34.48
C ILE A 244 -36.55 -9.28 34.01
N ALA A 245 -37.10 -8.50 34.93
CA ALA A 245 -37.73 -7.24 34.57
C ALA A 245 -36.71 -6.22 34.13
N ILE A 246 -35.53 -6.22 34.76
CA ILE A 246 -34.44 -5.34 34.36
C ILE A 246 -33.84 -5.77 33.03
N GLU A 247 -33.70 -7.07 32.80
CA GLU A 247 -33.16 -7.59 31.56
C GLU A 247 -34.07 -7.36 30.37
N ARG A 248 -35.38 -7.50 30.54
CA ARG A 248 -36.29 -7.37 29.39
C ARG A 248 -36.69 -5.92 29.15
N ARG A 249 -35.71 -5.00 29.15
CA ARG A 249 -35.79 -3.61 28.72
C ARG A 249 -36.99 -2.82 29.24
N CYS A 250 -37.49 -3.18 30.42
CA CYS A 250 -38.77 -2.68 30.91
C CYS A 250 -38.58 -2.05 32.28
N LYS A 251 -38.84 -0.76 32.38
CA LYS A 251 -38.63 -0.06 33.63
C LYS A 251 -39.89 0.02 34.48
N HIS A 252 -41.06 -0.06 33.84
CA HIS A 252 -42.30 0.14 34.58
C HIS A 252 -42.72 -1.13 35.31
N TYR A 253 -42.09 -2.26 35.00
CA TYR A 253 -42.35 -3.46 35.79
C TYR A 253 -41.30 -3.66 36.87
N VAL A 254 -40.21 -2.90 36.81
CA VAL A 254 -39.27 -2.80 37.92
C VAL A 254 -39.99 -2.06 39.04
N GLU A 255 -40.77 -1.04 38.67
CA GLU A 255 -41.52 -0.22 39.61
C GLU A 255 -42.55 -1.04 40.38
N LEU A 256 -43.19 -2.00 39.71
CA LEU A 256 -44.15 -2.86 40.39
C LEU A 256 -43.45 -3.89 41.28
N LEU A 257 -42.26 -4.33 40.89
CA LEU A 257 -41.57 -5.34 41.70
C LEU A 257 -40.87 -4.72 42.89
N VAL A 258 -40.25 -3.56 42.72
CA VAL A 258 -39.47 -2.95 43.80
C VAL A 258 -40.38 -2.38 44.89
N ALA A 259 -41.45 -1.69 44.48
CA ALA A 259 -42.34 -1.04 45.44
C ALA A 259 -43.09 -2.05 46.28
N GLN A 260 -43.35 -3.23 45.74
CA GLN A 260 -43.96 -4.30 46.52
C GLN A 260 -42.94 -5.17 47.25
N GLY A 261 -41.73 -4.69 47.46
CA GLY A 261 -40.80 -5.39 48.33
C GLY A 261 -39.87 -6.36 47.62
N ALA A 262 -39.12 -5.89 46.63
CA ALA A 262 -38.17 -6.74 45.95
C ALA A 262 -36.90 -6.96 46.76
N ASP A 263 -35.94 -7.64 46.15
CA ASP A 263 -34.70 -8.04 46.80
C ASP A 263 -33.55 -7.40 46.07
N VAL A 264 -33.55 -6.06 45.98
CA VAL A 264 -32.70 -5.22 45.13
C VAL A 264 -31.19 -5.55 45.19
N HIS A 265 -30.77 -6.26 46.23
CA HIS A 265 -29.41 -6.76 46.31
C HIS A 265 -29.30 -8.28 46.25
N ALA A 266 -30.14 -8.96 45.45
CA ALA A 266 -30.07 -10.43 45.31
C ALA A 266 -29.17 -10.79 44.15
N GLN A 267 -28.37 -11.84 44.33
CA GLN A 267 -27.26 -12.14 43.44
C GLN A 267 -27.55 -13.38 42.61
N ALA A 268 -27.40 -13.26 41.29
CA ALA A 268 -27.58 -14.38 40.38
C ALA A 268 -26.26 -15.13 40.20
N ARG A 269 -25.89 -15.87 41.24
CA ARG A 269 -24.61 -16.56 41.27
C ARG A 269 -24.65 -17.91 40.55
N GLY A 270 -25.20 -17.91 39.34
CA GLY A 270 -25.41 -19.15 38.61
C GLY A 270 -24.19 -19.65 37.88
N ARG A 271 -24.39 -20.58 36.94
CA ARG A 271 -23.33 -21.05 36.07
C ARG A 271 -23.47 -20.45 34.68
N PHE A 272 -24.64 -19.91 34.36
CA PHE A 272 -24.87 -19.10 33.17
C PHE A 272 -24.35 -17.68 33.32
N PHE A 273 -24.41 -17.14 34.54
CA PHE A 273 -24.06 -15.75 34.78
C PHE A 273 -22.59 -15.57 35.11
N GLN A 274 -21.75 -16.50 34.69
CA GLN A 274 -20.31 -16.44 34.79
C GLN A 274 -19.73 -15.91 33.49
N PRO A 275 -18.45 -15.51 33.47
CA PRO A 275 -17.84 -15.13 32.18
C PRO A 275 -17.68 -16.26 31.19
N LYS A 276 -17.20 -15.94 29.98
CA LYS A 276 -16.98 -16.93 28.94
C LYS A 276 -15.84 -17.88 29.29
N ASP A 277 -14.94 -17.47 30.18
CA ASP A 277 -13.88 -18.33 30.67
C ASP A 277 -14.36 -19.43 31.61
N GLU A 278 -15.45 -19.21 32.34
CA GLU A 278 -15.98 -20.20 33.26
C GLU A 278 -17.35 -20.72 32.84
N GLY A 279 -17.54 -20.98 31.56
CA GLY A 279 -18.76 -21.62 31.10
C GLY A 279 -19.85 -20.67 30.66
N GLY A 280 -20.22 -19.73 31.51
CA GLY A 280 -21.34 -18.83 31.28
C GLY A 280 -21.25 -17.94 30.07
N TYR A 281 -22.38 -17.31 29.71
CA TYR A 281 -22.45 -16.52 28.50
C TYR A 281 -22.51 -15.01 28.73
N PHE A 282 -22.87 -14.56 29.93
CA PHE A 282 -22.99 -13.13 30.20
C PHE A 282 -22.76 -12.89 31.68
N TYR A 283 -21.62 -12.26 32.00
CA TYR A 283 -21.29 -11.87 33.36
C TYR A 283 -21.51 -10.37 33.51
N PHE A 284 -22.34 -9.98 34.46
CA PHE A 284 -22.76 -8.59 34.63
C PHE A 284 -22.50 -8.17 36.07
N GLY A 285 -21.69 -8.93 36.79
CA GLY A 285 -21.41 -8.59 38.16
C GLY A 285 -22.49 -8.99 39.14
N GLU A 286 -23.44 -9.81 38.68
CA GLU A 286 -24.35 -10.61 39.50
C GLU A 286 -25.20 -9.82 40.49
N LEU A 287 -25.80 -8.72 40.06
CA LEU A 287 -26.52 -7.84 40.98
C LEU A 287 -27.46 -6.96 40.16
N PRO A 288 -28.64 -6.61 40.68
CA PRO A 288 -29.64 -5.92 39.85
C PRO A 288 -29.26 -4.50 39.43
N LEU A 289 -28.61 -3.73 40.31
CA LEU A 289 -28.02 -2.47 39.85
C LEU A 289 -26.89 -2.71 38.86
N SER A 290 -26.13 -3.79 39.03
CA SER A 290 -25.10 -4.15 38.09
C SER A 290 -25.65 -4.82 36.84
N LEU A 291 -26.95 -5.15 36.80
CA LEU A 291 -27.53 -5.61 35.54
C LEU A 291 -28.06 -4.45 34.73
N ALA A 292 -28.62 -3.43 35.38
CA ALA A 292 -29.13 -2.26 34.69
C ALA A 292 -28.04 -1.38 34.10
N ALA A 293 -26.87 -1.35 34.73
CA ALA A 293 -25.73 -0.63 34.17
C ALA A 293 -25.04 -1.38 33.06
N CYS A 294 -25.07 -2.70 33.09
CA CYS A 294 -24.40 -3.53 32.11
C CYS A 294 -25.27 -3.85 30.90
N THR A 295 -26.55 -3.49 30.93
CA THR A 295 -27.39 -3.60 29.74
C THR A 295 -27.87 -2.24 29.27
N ASN A 296 -27.02 -1.21 29.39
CA ASN A 296 -27.12 0.12 28.79
C ASN A 296 -28.23 0.98 29.40
N GLN A 297 -29.04 0.43 30.30
CA GLN A 297 -30.26 1.07 30.80
C GLN A 297 -29.96 2.23 31.73
N PRO A 298 -30.26 3.48 31.33
CA PRO A 298 -29.92 4.62 32.19
C PRO A 298 -30.92 4.80 33.32
N HIS A 299 -32.19 4.58 33.00
CA HIS A 299 -33.28 5.00 33.89
C HIS A 299 -33.49 4.00 35.01
N ILE A 300 -33.28 2.71 34.74
CA ILE A 300 -33.36 1.71 35.80
C ILE A 300 -32.19 1.85 36.77
N VAL A 301 -31.03 2.32 36.30
CA VAL A 301 -29.96 2.73 37.20
C VAL A 301 -30.40 3.90 38.08
N ASN A 302 -31.08 4.87 37.48
CA ASN A 302 -31.62 6.00 38.23
C ASN A 302 -32.75 5.58 39.17
N TYR A 303 -33.59 4.65 38.73
CA TYR A 303 -34.72 4.27 39.55
C TYR A 303 -34.30 3.37 40.71
N LEU A 304 -33.28 2.53 40.52
CA LEU A 304 -32.87 1.64 41.60
C LEU A 304 -32.07 2.36 42.68
N THR A 305 -31.62 3.59 42.42
CA THR A 305 -30.82 4.33 43.37
C THR A 305 -31.52 5.57 43.92
N GLU A 306 -32.59 6.03 43.27
CA GLU A 306 -33.36 7.16 43.78
C GLU A 306 -34.85 6.84 43.85
N ASN A 307 -35.20 5.69 44.43
CA ASN A 307 -36.58 5.34 44.69
C ASN A 307 -36.95 5.65 46.14
N PRO A 308 -38.24 5.89 46.43
CA PRO A 308 -38.64 6.04 47.84
C PRO A 308 -38.52 4.77 48.65
N HIS A 309 -38.56 3.61 47.99
CA HIS A 309 -38.35 2.32 48.61
C HIS A 309 -36.86 2.01 48.70
N LYS A 310 -36.55 0.74 48.96
CA LYS A 310 -35.18 0.24 49.15
C LYS A 310 -34.26 0.58 48.00
N LYS A 311 -33.13 1.21 48.31
CA LYS A 311 -32.19 1.70 47.30
C LYS A 311 -31.11 0.66 47.03
N ALA A 312 -30.58 0.73 45.82
CA ALA A 312 -29.44 -0.10 45.42
C ALA A 312 -28.18 0.71 45.67
N ASP A 313 -27.41 0.32 46.68
CA ASP A 313 -26.11 0.93 46.95
C ASP A 313 -25.15 0.65 45.81
N MET A 314 -24.43 1.68 45.39
CA MET A 314 -23.39 1.45 44.41
C MET A 314 -22.22 0.75 44.98
N ARG A 315 -22.04 0.84 46.30
CA ARG A 315 -20.86 0.31 46.98
C ARG A 315 -20.99 -1.16 47.34
N ARG A 316 -22.17 -1.76 47.17
CA ARG A 316 -22.30 -3.17 47.54
C ARG A 316 -21.60 -4.04 46.50
N GLN A 317 -21.01 -5.12 46.97
CA GLN A 317 -19.91 -5.79 46.31
C GLN A 317 -20.29 -7.25 46.08
N ASP A 318 -20.06 -7.74 44.86
CA ASP A 318 -20.40 -9.08 44.41
C ASP A 318 -19.66 -10.17 45.18
N SER A 319 -20.07 -11.43 45.01
CA SER A 319 -19.39 -12.56 45.63
C SER A 319 -17.96 -12.72 45.12
N ARG A 320 -17.68 -12.31 43.88
CA ARG A 320 -16.29 -12.26 43.45
C ARG A 320 -15.57 -11.02 43.95
N GLY A 321 -16.30 -10.02 44.43
CA GLY A 321 -15.72 -8.77 44.89
C GLY A 321 -15.88 -7.64 43.88
N ASN A 322 -16.65 -7.86 42.84
CA ASN A 322 -16.85 -6.84 41.82
C ASN A 322 -17.87 -5.81 42.27
N THR A 323 -17.54 -4.53 42.15
CA THR A 323 -18.53 -3.49 42.37
C THR A 323 -19.38 -3.29 41.12
N VAL A 324 -20.12 -2.19 41.09
CA VAL A 324 -20.94 -1.87 39.92
C VAL A 324 -20.04 -1.26 38.86
N LEU A 325 -18.82 -0.87 39.25
CA LEU A 325 -17.84 -0.38 38.29
C LEU A 325 -16.88 -1.45 37.80
N HIS A 326 -16.66 -2.51 38.57
CA HIS A 326 -15.87 -3.62 38.05
C HIS A 326 -16.62 -4.41 37.00
N ALA A 327 -17.96 -4.42 37.08
CA ALA A 327 -18.76 -5.14 36.11
C ALA A 327 -18.79 -4.41 34.77
N LEU A 328 -18.85 -3.07 34.80
CA LEU A 328 -18.76 -2.27 33.58
C LEU A 328 -17.43 -2.43 32.88
N VAL A 329 -16.35 -2.68 33.61
CA VAL A 329 -15.08 -3.03 33.00
C VAL A 329 -15.09 -4.44 32.42
N ALA A 330 -15.83 -5.37 33.05
CA ALA A 330 -15.90 -6.75 32.60
C ALA A 330 -16.61 -6.89 31.27
N ILE A 331 -17.75 -6.25 31.08
CA ILE A 331 -18.38 -6.26 29.76
C ILE A 331 -17.88 -5.08 28.94
N ALA A 332 -16.68 -5.18 28.43
CA ALA A 332 -16.17 -4.08 27.63
C ALA A 332 -15.45 -4.58 26.40
N ASP A 333 -16.08 -5.45 25.60
CA ASP A 333 -15.46 -5.91 24.37
C ASP A 333 -15.33 -4.70 23.47
N ASN A 334 -14.13 -4.15 23.44
CA ASN A 334 -13.92 -2.74 23.15
C ASN A 334 -14.05 -2.41 21.66
N THR A 335 -15.27 -2.54 21.15
CA THR A 335 -15.65 -2.00 19.86
C THR A 335 -16.14 -0.57 20.09
N ARG A 336 -16.73 0.06 19.06
CA ARG A 336 -17.14 1.45 19.18
C ARG A 336 -18.42 1.62 19.97
N GLU A 337 -19.45 0.81 19.70
CA GLU A 337 -20.72 0.95 20.40
C GLU A 337 -20.70 0.42 21.82
N ASN A 338 -19.67 -0.34 22.19
CA ASN A 338 -19.52 -0.80 23.57
C ASN A 338 -18.94 0.28 24.46
N THR A 339 -17.76 0.80 24.14
CA THR A 339 -17.10 1.79 24.96
C THR A 339 -17.74 3.17 24.87
N LYS A 340 -18.78 3.35 24.06
CA LYS A 340 -19.50 4.61 24.02
C LYS A 340 -20.42 4.77 25.23
N PHE A 341 -21.09 3.69 25.65
CA PHE A 341 -21.97 3.83 26.80
C PHE A 341 -21.29 3.37 28.09
N VAL A 342 -20.27 2.51 27.98
CA VAL A 342 -19.58 1.97 29.14
C VAL A 342 -18.82 3.09 29.84
N THR A 343 -18.10 3.90 29.07
CA THR A 343 -17.44 5.09 29.62
C THR A 343 -18.46 6.11 30.10
N LYS A 344 -19.65 6.12 29.51
CA LYS A 344 -20.71 6.99 29.97
C LYS A 344 -21.32 6.49 31.28
N MET A 345 -21.63 5.19 31.34
CA MET A 345 -22.26 4.62 32.52
C MET A 345 -21.28 4.47 33.67
N TYR A 346 -19.98 4.42 33.37
CA TYR A 346 -18.96 4.47 34.42
C TYR A 346 -18.99 5.82 35.11
N ASP A 347 -19.05 6.91 34.34
CA ASP A 347 -19.01 8.25 34.90
C ASP A 347 -20.34 8.60 35.56
N LEU A 348 -21.43 8.00 35.10
CA LEU A 348 -22.73 8.29 35.67
C LEU A 348 -22.84 7.66 37.06
N LEU A 349 -22.15 6.53 37.27
CA LEU A 349 -22.20 5.86 38.55
C LEU A 349 -21.12 6.36 39.49
N LEU A 350 -20.02 6.86 38.94
CA LEU A 350 -18.92 7.33 39.77
C LEU A 350 -19.27 8.65 40.44
N LEU A 351 -19.89 9.55 39.67
CA LEU A 351 -20.29 10.85 40.20
C LEU A 351 -21.46 10.71 41.17
N LYS A 352 -22.39 9.79 40.89
CA LYS A 352 -23.58 9.62 41.71
C LYS A 352 -23.22 9.08 43.10
N CYS A 353 -22.15 8.31 43.19
CA CYS A 353 -21.67 7.90 44.51
C CYS A 353 -20.69 8.92 45.08
N ALA A 354 -20.53 10.07 44.44
CA ALA A 354 -19.87 11.19 45.09
C ALA A 354 -20.89 12.19 45.62
N ARG A 355 -21.95 12.45 44.86
CA ARG A 355 -23.07 13.28 45.31
C ARG A 355 -23.74 12.64 46.51
N LEU A 356 -24.31 11.45 46.33
CA LEU A 356 -24.68 10.64 47.48
C LEU A 356 -23.38 10.15 48.11
N PHE A 357 -23.31 10.12 49.45
CA PHE A 357 -22.15 9.70 50.24
C PHE A 357 -20.86 10.40 49.85
N PRO A 358 -20.68 11.69 50.18
CA PRO A 358 -19.37 12.32 49.95
C PRO A 358 -18.34 11.80 50.95
N ASP A 359 -17.06 11.86 50.58
CA ASP A 359 -15.80 11.34 51.15
C ASP A 359 -15.63 9.87 50.80
N SER A 360 -16.55 9.32 50.03
CA SER A 360 -16.48 7.95 49.56
C SER A 360 -16.04 7.91 48.11
N ASN A 361 -15.53 6.76 47.69
CA ASN A 361 -15.07 6.57 46.32
C ASN A 361 -15.30 5.11 45.95
N LEU A 362 -16.08 4.88 44.89
CA LEU A 362 -16.30 3.54 44.36
C LEU A 362 -15.04 2.91 43.80
N GLU A 363 -14.20 3.73 43.16
CA GLU A 363 -13.03 3.23 42.45
C GLU A 363 -11.98 2.79 43.46
N ALA A 364 -12.06 3.33 44.68
CA ALA A 364 -11.18 2.94 45.78
C ALA A 364 -11.54 1.57 46.35
N VAL A 365 -12.73 1.07 46.03
CA VAL A 365 -13.18 -0.23 46.56
C VAL A 365 -12.53 -1.34 45.76
N LEU A 366 -11.87 -2.27 46.44
CA LEU A 366 -11.07 -3.31 45.80
C LEU A 366 -11.87 -4.57 45.54
N ASN A 367 -11.51 -5.26 44.47
CA ASN A 367 -11.92 -6.63 44.12
C ASN A 367 -11.34 -7.61 45.14
N ASN A 368 -11.87 -8.84 45.21
CA ASN A 368 -11.23 -9.85 46.05
C ASN A 368 -9.91 -10.35 45.48
N ASP A 369 -9.61 -10.08 44.22
CA ASP A 369 -8.31 -10.39 43.65
C ASP A 369 -7.29 -9.31 43.94
N GLY A 370 -7.67 -8.27 44.70
CA GLY A 370 -6.81 -7.16 45.04
C GLY A 370 -6.88 -6.02 44.05
N LEU A 371 -7.70 -6.15 43.02
CA LEU A 371 -7.72 -5.21 41.90
C LEU A 371 -8.56 -3.97 42.17
N SER A 372 -8.87 -3.26 41.10
CA SER A 372 -9.46 -1.92 41.10
C SER A 372 -10.02 -1.72 39.70
N PRO A 373 -11.00 -0.79 39.50
CA PRO A 373 -11.51 -0.56 38.14
C PRO A 373 -10.47 -0.12 37.12
N LEU A 374 -9.38 0.48 37.59
CA LEU A 374 -8.25 0.77 36.73
C LEU A 374 -7.36 -0.44 36.55
N MET A 375 -7.06 -1.17 37.63
CA MET A 375 -6.21 -2.35 37.51
C MET A 375 -6.90 -3.55 36.89
N MET A 376 -8.22 -3.58 36.82
CA MET A 376 -8.94 -4.63 36.10
C MET A 376 -9.04 -4.35 34.61
N ALA A 377 -9.08 -3.08 34.22
CA ALA A 377 -9.03 -2.70 32.81
C ALA A 377 -7.65 -2.81 32.22
N ALA A 378 -6.62 -2.98 33.05
CA ALA A 378 -5.25 -3.17 32.58
C ALA A 378 -4.91 -4.66 32.45
N LYS A 379 -5.35 -5.46 33.41
CA LYS A 379 -5.07 -6.89 33.41
C LYS A 379 -5.88 -7.61 32.33
N THR A 380 -7.08 -7.13 32.05
CA THR A 380 -7.95 -7.83 31.11
C THR A 380 -7.83 -7.34 29.67
N GLY A 381 -7.13 -6.23 29.43
CA GLY A 381 -6.83 -5.80 28.08
C GLY A 381 -7.83 -4.84 27.48
N LYS A 382 -8.62 -4.16 28.30
CA LYS A 382 -9.71 -3.33 27.81
C LYS A 382 -9.23 -1.90 27.64
N ILE A 383 -9.00 -1.45 26.40
CA ILE A 383 -8.42 -0.12 26.18
C ILE A 383 -9.45 0.96 26.50
N GLY A 384 -10.66 0.81 25.94
CA GLY A 384 -11.69 1.84 25.90
C GLY A 384 -12.09 2.51 27.20
N ILE A 385 -12.11 1.74 28.29
CA ILE A 385 -12.34 2.36 29.60
C ILE A 385 -11.03 2.62 30.35
N PHE A 386 -9.94 1.97 29.96
CA PHE A 386 -8.64 2.28 30.53
C PHE A 386 -8.17 3.66 30.08
N GLN A 387 -8.40 3.98 28.82
CA GLN A 387 -7.99 5.26 28.27
C GLN A 387 -8.87 6.38 28.82
N HIS A 388 -10.08 6.03 29.25
CA HIS A 388 -11.01 7.04 29.75
C HIS A 388 -10.78 7.35 31.21
N ILE A 389 -10.52 6.31 32.03
CA ILE A 389 -10.22 6.52 33.44
C ILE A 389 -8.92 7.26 33.65
N ILE A 390 -7.88 6.91 32.88
CA ILE A 390 -6.55 7.50 33.04
C ILE A 390 -6.49 8.95 32.54
N ARG A 391 -7.57 9.43 31.92
CA ARG A 391 -7.61 10.74 31.29
C ARG A 391 -8.94 11.39 31.66
N ARG A 392 -9.51 10.99 32.79
CA ARG A 392 -10.81 11.48 33.18
C ARG A 392 -10.71 12.90 33.72
N GLU A 393 -11.52 13.79 33.14
CA GLU A 393 -11.49 15.21 33.50
C GLU A 393 -12.93 15.63 33.79
N VAL A 394 -13.28 15.61 35.07
CA VAL A 394 -14.65 15.93 35.48
C VAL A 394 -14.71 17.43 35.72
N THR A 395 -15.62 18.11 34.99
CA THR A 395 -15.63 19.56 34.88
C THR A 395 -16.16 20.26 36.13
N ASP A 396 -17.37 19.90 36.56
CA ASP A 396 -18.11 20.64 37.59
C ASP A 396 -17.44 20.66 38.96
N GLU A 397 -17.57 21.79 39.65
CA GLU A 397 -16.84 22.12 40.87
C GLU A 397 -17.14 21.17 42.03
N ASP A 398 -18.36 20.63 42.07
CA ASP A 398 -18.82 19.78 43.15
C ASP A 398 -18.00 18.51 43.29
N THR A 399 -17.67 17.88 42.17
CA THR A 399 -16.87 16.67 42.13
C THR A 399 -15.68 16.90 41.21
N ARG A 400 -14.60 17.44 41.76
CA ARG A 400 -13.34 17.53 41.04
C ARG A 400 -12.27 16.62 41.58
N HIS A 401 -12.47 16.06 42.78
CA HIS A 401 -11.51 15.12 43.34
C HIS A 401 -11.59 13.74 42.70
N LEU A 402 -12.56 13.52 41.81
CA LEU A 402 -12.66 12.29 41.05
C LEU A 402 -11.86 12.35 39.76
N SER A 403 -11.29 13.50 39.42
CA SER A 403 -10.64 13.68 38.14
C SER A 403 -9.20 13.21 38.21
N ARG A 404 -8.64 12.89 37.03
CA ARG A 404 -7.26 12.44 36.95
C ARG A 404 -6.42 13.18 35.93
N LYS A 405 -7.00 13.96 35.02
CA LYS A 405 -6.23 14.87 34.16
C LYS A 405 -6.61 16.29 34.58
N PHE A 406 -5.71 16.92 35.31
CA PHE A 406 -5.93 18.29 35.77
C PHE A 406 -5.39 19.25 34.72
N LYS A 407 -5.26 20.52 35.09
CA LYS A 407 -4.84 21.55 34.15
C LYS A 407 -4.11 22.62 34.96
N ASP A 408 -2.78 22.59 34.92
CA ASP A 408 -1.95 23.28 35.90
C ASP A 408 -1.89 24.79 35.64
N TRP A 409 -1.52 25.20 34.44
CA TRP A 409 -1.50 26.60 34.06
C TRP A 409 -1.80 26.75 32.56
N ALA A 410 -1.93 27.98 32.10
CA ALA A 410 -2.13 28.28 30.69
C ALA A 410 -1.67 29.69 30.37
N TYR A 411 -1.07 29.89 29.20
CA TYR A 411 -0.65 31.21 28.75
C TYR A 411 -0.77 31.24 27.24
N GLY A 412 -1.93 31.65 26.74
CA GLY A 412 -2.18 31.59 25.32
C GLY A 412 -2.23 30.16 24.84
N PRO A 413 -1.51 29.86 23.78
CA PRO A 413 -1.51 28.49 23.26
C PRO A 413 -0.47 27.59 23.89
N VAL A 414 -0.36 27.58 25.21
CA VAL A 414 0.43 26.57 25.89
C VAL A 414 -0.21 26.30 27.25
N TYR A 415 -0.65 25.06 27.46
CA TYR A 415 -1.29 24.70 28.71
C TYR A 415 -0.66 23.42 29.26
N SER A 416 -0.67 23.32 30.58
CA SER A 416 0.04 22.28 31.30
C SER A 416 -0.98 21.27 31.83
N SER A 417 -1.25 20.24 31.04
CA SER A 417 -2.06 19.11 31.50
C SER A 417 -1.26 18.32 32.52
N LEU A 418 -1.91 17.93 33.60
CA LEU A 418 -1.24 17.42 34.79
C LEU A 418 -1.90 16.10 35.18
N TYR A 419 -1.40 15.00 34.60
CA TYR A 419 -1.96 13.67 34.82
C TYR A 419 -1.65 13.15 36.21
N ASP A 420 -2.63 12.46 36.79
CA ASP A 420 -2.55 11.94 38.16
C ASP A 420 -2.00 10.52 38.19
N LEU A 421 -0.76 10.36 38.65
CA LEU A 421 -0.23 9.06 39.03
C LEU A 421 -0.66 8.67 40.44
N SER A 422 -1.61 7.76 40.58
CA SER A 422 -2.05 7.31 41.89
C SER A 422 -1.97 5.81 42.03
N SER A 423 -2.23 5.07 40.95
CA SER A 423 -1.97 3.64 40.90
C SER A 423 -1.00 3.26 39.79
N LEU A 424 -0.69 4.18 38.88
CA LEU A 424 0.20 3.96 37.75
C LEU A 424 1.65 3.80 38.15
N ASP A 425 2.15 4.63 39.06
CA ASP A 425 3.55 4.53 39.48
C ASP A 425 3.60 4.61 40.99
N THR A 426 3.51 3.47 41.65
CA THR A 426 3.55 3.36 43.09
C THR A 426 4.78 2.52 43.40
N CYS A 427 5.85 3.19 43.80
CA CYS A 427 7.11 2.50 44.08
C CYS A 427 6.99 1.62 45.31
N GLY A 428 6.89 0.31 45.10
CA GLY A 428 6.87 -0.64 46.18
C GLY A 428 5.55 -0.87 46.90
N GLU A 429 5.08 0.09 47.69
CA GLU A 429 4.06 -0.21 48.69
C GLU A 429 2.62 -0.23 48.17
N GLU A 430 2.40 -0.87 47.02
CA GLU A 430 1.09 -1.01 46.39
C GLU A 430 1.27 -1.90 45.16
N ALA A 431 0.17 -2.48 44.66
CA ALA A 431 0.21 -3.04 43.32
C ALA A 431 0.16 -1.88 42.34
N SER A 432 0.53 -2.12 41.09
CA SER A 432 0.72 -1.01 40.17
C SER A 432 0.11 -1.32 38.81
N VAL A 433 -0.46 -0.30 38.16
CA VAL A 433 -0.99 -0.47 36.82
C VAL A 433 0.12 -0.65 35.80
N LEU A 434 1.29 -0.08 36.04
CA LEU A 434 2.40 -0.24 35.11
C LEU A 434 3.05 -1.60 35.24
N GLU A 435 3.06 -2.20 36.43
CA GLU A 435 3.58 -3.57 36.54
C GLU A 435 2.56 -4.58 36.02
N ILE A 436 1.27 -4.23 36.05
CA ILE A 436 0.25 -5.13 35.53
C ILE A 436 0.25 -5.11 33.99
N LEU A 437 0.37 -3.93 33.41
CA LEU A 437 0.43 -3.82 31.95
C LEU A 437 1.66 -4.48 31.36
N VAL A 438 2.84 -4.31 31.98
CA VAL A 438 4.06 -4.87 31.42
C VAL A 438 4.18 -6.38 31.66
N TYR A 439 3.75 -6.86 32.82
CA TYR A 439 3.97 -8.27 33.15
C TYR A 439 2.71 -9.11 32.98
N ASN A 440 1.61 -8.72 33.64
CA ASN A 440 0.46 -9.59 33.82
C ASN A 440 -0.72 -9.23 32.92
N SER A 441 -0.48 -8.64 31.76
CA SER A 441 -1.56 -8.21 30.89
C SER A 441 -1.81 -9.24 29.78
N LYS A 442 -2.68 -8.88 28.84
CA LYS A 442 -2.96 -9.71 27.67
C LYS A 442 -2.19 -9.12 26.50
N ILE A 443 -1.43 -9.96 25.80
CA ILE A 443 -0.40 -9.50 24.88
C ILE A 443 -0.98 -8.96 23.58
N GLU A 444 -2.27 -9.22 23.33
CA GLU A 444 -2.89 -8.71 22.11
C GLU A 444 -3.07 -7.21 22.17
N ASN A 445 -3.37 -6.68 23.35
CA ASN A 445 -3.60 -5.25 23.53
C ASN A 445 -2.49 -4.55 24.29
N ARG A 446 -1.47 -5.28 24.73
CA ARG A 446 -0.43 -4.77 25.62
C ARG A 446 0.39 -3.67 24.97
N HIS A 447 0.68 -3.80 23.69
CA HIS A 447 1.44 -2.78 22.97
C HIS A 447 0.62 -1.54 22.67
N GLU A 448 -0.70 -1.60 22.80
CA GLU A 448 -1.56 -0.47 22.55
C GLU A 448 -1.94 0.26 23.83
N MET A 449 -1.95 -0.43 24.97
CA MET A 449 -2.21 0.20 26.25
C MET A 449 -1.00 0.88 26.85
N LEU A 450 0.22 0.48 26.49
CA LEU A 450 1.39 1.19 27.00
C LEU A 450 1.75 2.39 26.13
N ALA A 451 0.74 3.15 25.68
CA ALA A 451 1.00 4.37 24.94
C ALA A 451 -0.09 5.41 25.10
N VAL A 452 -0.85 5.43 26.21
CA VAL A 452 -2.15 6.08 26.05
C VAL A 452 -2.07 7.60 26.22
N GLU A 453 -2.12 8.15 27.43
CA GLU A 453 -1.48 9.46 27.54
C GLU A 453 -0.18 9.48 28.36
N PRO A 454 -0.14 9.05 29.63
CA PRO A 454 1.09 9.28 30.40
C PRO A 454 2.07 8.14 30.35
N ILE A 455 1.63 6.93 29.97
CA ILE A 455 2.45 5.73 30.10
C ILE A 455 3.67 5.77 29.19
N ASN A 456 3.54 6.39 28.02
CA ASN A 456 4.67 6.49 27.11
C ASN A 456 5.70 7.50 27.61
N GLU A 457 5.25 8.59 28.22
CA GLU A 457 6.20 9.54 28.82
C GLU A 457 6.69 9.04 30.17
N LEU A 458 5.91 8.21 30.85
CA LEU A 458 6.33 7.68 32.14
C LEU A 458 7.46 6.68 31.98
N LEU A 459 7.42 5.90 30.90
CA LEU A 459 8.51 4.96 30.66
C LEU A 459 9.78 5.64 30.20
N ARG A 460 9.67 6.73 29.44
CA ARG A 460 10.88 7.45 29.05
C ARG A 460 11.44 8.25 30.21
N ASP A 461 10.60 8.75 31.11
CA ASP A 461 11.12 9.42 32.29
C ASP A 461 11.73 8.46 33.28
N LYS A 462 11.29 7.20 33.29
CA LYS A 462 11.98 6.15 34.01
C LYS A 462 13.10 5.52 33.21
N TRP A 463 13.43 6.07 32.03
CA TRP A 463 14.55 5.63 31.22
C TRP A 463 15.64 6.70 31.16
N ARG A 464 15.25 7.97 31.03
CA ARG A 464 16.18 9.10 31.09
C ARG A 464 16.85 9.18 32.45
N LYS A 465 16.12 8.77 33.48
CA LYS A 465 16.63 8.52 34.82
C LYS A 465 17.33 7.17 34.87
N PHE A 466 17.32 6.54 36.05
CA PHE A 466 17.97 5.27 36.40
C PHE A 466 17.94 4.17 35.32
N GLY A 467 16.87 4.12 34.52
CA GLY A 467 16.65 3.10 33.52
C GLY A 467 17.75 2.82 32.50
N ALA A 468 18.12 3.81 31.68
CA ALA A 468 19.13 3.61 30.64
C ALA A 468 20.50 3.35 31.22
N VAL A 469 20.88 4.13 32.23
CA VAL A 469 22.21 4.12 32.82
C VAL A 469 22.49 2.78 33.47
N SER A 470 21.54 2.30 34.29
CA SER A 470 21.75 1.04 34.97
C SER A 470 21.55 -0.18 34.06
N PHE A 471 21.06 0.03 32.84
CA PHE A 471 21.02 -1.08 31.89
C PHE A 471 22.38 -1.32 31.27
N TYR A 472 23.10 -0.24 30.93
CA TYR A 472 24.40 -0.42 30.28
C TYR A 472 25.48 -0.78 31.28
N ILE A 473 25.20 -0.67 32.57
CA ILE A 473 26.08 -1.23 33.60
C ILE A 473 26.03 -2.76 33.49
N ASN A 474 24.85 -3.29 33.18
CA ASN A 474 24.72 -4.74 33.14
C ASN A 474 25.34 -5.35 31.88
N VAL A 475 25.33 -4.62 30.76
CA VAL A 475 25.86 -5.21 29.53
C VAL A 475 27.38 -5.21 29.55
N VAL A 476 27.99 -4.26 30.26
CA VAL A 476 29.45 -4.26 30.37
C VAL A 476 29.89 -5.18 31.50
N SER A 477 28.94 -5.61 32.33
CA SER A 477 29.26 -6.55 33.39
C SER A 477 29.04 -7.99 32.93
N TYR A 478 28.00 -8.23 32.13
CA TYR A 478 27.71 -9.59 31.69
C TYR A 478 28.68 -10.03 30.60
N LEU A 479 29.08 -9.11 29.72
CA LEU A 479 30.06 -9.42 28.69
C LEU A 479 31.41 -9.75 29.31
N CYS A 480 31.81 -8.97 30.32
CA CYS A 480 33.00 -9.29 31.10
C CYS A 480 32.81 -10.57 31.91
N ALA A 481 31.57 -10.91 32.25
CA ALA A 481 31.31 -12.18 32.94
C ALA A 481 31.46 -13.35 31.98
N MET A 482 31.42 -13.08 30.67
CA MET A 482 31.59 -14.16 29.70
C MET A 482 33.00 -14.20 29.15
N VAL A 483 33.73 -13.08 29.27
CA VAL A 483 35.13 -13.04 28.89
C VAL A 483 35.94 -13.86 29.87
N ILE A 484 35.71 -13.64 31.17
CA ILE A 484 36.38 -14.37 32.24
C ILE A 484 36.02 -15.85 32.18
N PHE A 485 34.77 -16.15 31.82
CA PHE A 485 34.35 -17.53 31.60
C PHE A 485 35.03 -18.16 30.39
N THR A 486 35.39 -17.35 29.40
CA THR A 486 36.05 -17.87 28.20
C THR A 486 37.50 -18.25 28.50
N LEU A 487 38.20 -17.40 29.26
CA LEU A 487 39.60 -17.65 29.59
C LEU A 487 39.78 -18.87 30.47
N THR A 488 38.76 -19.21 31.27
CA THR A 488 38.81 -20.43 32.05
C THR A 488 38.65 -21.69 31.21
N ALA A 489 38.13 -21.57 29.98
CA ALA A 489 38.02 -22.70 29.07
C ALA A 489 39.29 -22.88 28.25
N TYR A 490 39.92 -21.79 27.84
CA TYR A 490 41.11 -21.85 27.01
C TYR A 490 42.38 -22.17 27.80
N TYR A 491 42.45 -21.76 29.07
CA TYR A 491 43.62 -22.01 29.91
C TYR A 491 43.51 -23.29 30.72
N GLN A 492 42.70 -24.25 30.29
CA GLN A 492 42.40 -25.39 31.14
C GLN A 492 43.29 -26.59 30.80
N PRO A 493 44.07 -27.09 31.77
CA PRO A 493 44.87 -28.29 31.52
C PRO A 493 44.08 -29.58 31.70
N LEU A 494 43.38 -30.00 30.65
CA LEU A 494 42.54 -31.19 30.66
C LEU A 494 43.35 -32.47 30.93
N GLU A 495 43.16 -33.05 32.12
CA GLU A 495 43.94 -34.22 32.55
C GLU A 495 43.18 -35.15 33.49
N GLY A 496 42.46 -36.14 32.96
CA GLY A 496 42.06 -37.30 33.76
C GLY A 496 41.10 -36.98 34.89
N THR A 497 41.68 -36.92 36.10
CA THR A 497 41.14 -36.57 37.41
C THR A 497 40.86 -35.06 37.47
N PRO A 498 40.39 -34.48 38.57
CA PRO A 498 40.44 -33.00 38.70
C PRO A 498 41.85 -32.47 38.53
N PRO A 499 42.05 -31.52 37.62
CA PRO A 499 43.40 -31.00 37.35
C PRO A 499 43.92 -30.03 38.40
N TYR A 500 43.35 -30.03 39.62
CA TYR A 500 43.43 -29.09 40.72
C TYR A 500 44.77 -28.39 41.00
N PRO A 501 45.95 -29.09 41.24
CA PRO A 501 47.03 -28.47 42.02
C PRO A 501 47.69 -27.25 41.39
N TYR A 502 47.01 -26.11 41.54
CA TYR A 502 47.33 -24.83 40.91
C TYR A 502 48.75 -24.36 41.25
N ARG A 503 48.99 -24.06 42.52
CA ARG A 503 50.29 -23.97 43.21
C ARG A 503 51.27 -22.94 42.62
N THR A 504 50.84 -22.14 41.64
CA THR A 504 51.76 -21.20 41.01
C THR A 504 51.10 -19.85 40.80
N THR A 505 51.88 -18.90 40.28
CA THR A 505 51.40 -17.55 40.08
C THR A 505 50.49 -17.43 38.87
N VAL A 506 50.44 -18.47 38.04
CA VAL A 506 49.66 -18.43 36.82
C VAL A 506 48.27 -19.00 37.07
N ASP A 507 48.21 -20.08 37.85
CA ASP A 507 47.02 -20.93 37.84
C ASP A 507 45.96 -20.47 38.83
N TYR A 508 46.27 -19.52 39.71
CA TYR A 508 45.23 -19.08 40.64
C TYR A 508 44.29 -18.08 39.97
N LEU A 509 44.67 -17.59 38.79
CA LEU A 509 43.72 -16.86 37.94
C LEU A 509 42.70 -17.81 37.34
N ARG A 510 43.10 -19.08 37.15
CA ARG A 510 42.17 -20.06 36.60
C ARG A 510 41.14 -20.50 37.65
N LEU A 511 41.57 -20.60 38.91
CA LEU A 511 40.65 -20.95 39.98
C LEU A 511 39.67 -19.82 40.27
N ALA A 512 40.17 -18.59 40.36
CA ALA A 512 39.34 -17.45 40.71
C ALA A 512 38.35 -17.12 39.60
N GLY A 513 38.72 -17.41 38.36
CA GLY A 513 37.80 -17.28 37.25
C GLY A 513 36.67 -18.30 37.33
N GLU A 514 36.98 -19.50 37.81
CA GLU A 514 35.97 -20.54 37.96
C GLU A 514 35.04 -20.22 39.12
N VAL A 515 35.53 -19.46 40.10
CA VAL A 515 34.72 -18.98 41.22
C VAL A 515 33.66 -18.02 40.72
N ILE A 516 34.08 -17.07 39.87
CA ILE A 516 33.18 -16.07 39.28
C ILE A 516 32.19 -16.76 38.34
N THR A 517 32.65 -17.82 37.68
CA THR A 517 31.82 -18.66 36.82
C THR A 517 30.66 -19.29 37.59
N LEU A 518 30.94 -19.85 38.76
CA LEU A 518 29.87 -20.38 39.59
C LEU A 518 29.03 -19.28 40.21
N PHE A 519 29.59 -18.08 40.38
CA PHE A 519 28.81 -16.96 40.87
C PHE A 519 27.83 -16.46 39.81
N THR A 520 28.16 -16.70 38.54
CA THR A 520 27.16 -16.50 37.49
C THR A 520 26.20 -17.68 37.46
N GLY A 521 26.63 -18.83 37.96
CA GLY A 521 25.82 -20.02 37.90
C GLY A 521 24.65 -20.05 38.86
N VAL A 522 24.92 -19.85 40.15
CA VAL A 522 23.90 -19.98 41.17
C VAL A 522 22.98 -18.75 41.16
N LEU A 523 23.50 -17.60 40.72
CA LEU A 523 22.72 -16.38 40.75
C LEU A 523 21.75 -16.29 39.57
N PHE A 524 22.12 -16.86 38.42
CA PHE A 524 21.20 -16.87 37.29
C PHE A 524 20.10 -17.89 37.54
N PHE A 525 20.38 -18.90 38.37
CA PHE A 525 19.38 -19.87 38.76
C PHE A 525 18.32 -19.23 39.64
N PHE A 526 18.75 -18.45 40.63
CA PHE A 526 17.84 -17.83 41.58
C PHE A 526 17.03 -16.72 40.94
N THR A 527 17.68 -15.89 40.11
CA THR A 527 17.02 -14.76 39.47
C THR A 527 15.96 -15.24 38.48
N ASN A 528 16.20 -16.38 37.83
CA ASN A 528 15.24 -16.90 36.88
C ASN A 528 14.02 -17.49 37.59
N ILE A 529 14.24 -18.39 38.55
CA ILE A 529 13.18 -19.20 39.14
C ILE A 529 12.31 -18.38 40.09
N LYS A 530 12.94 -17.60 40.97
CA LYS A 530 12.21 -16.82 41.96
C LYS A 530 11.38 -15.70 41.30
N ASP A 531 11.76 -15.30 40.09
CA ASP A 531 10.92 -14.40 39.31
C ASP A 531 9.87 -15.17 38.52
N LEU A 532 10.16 -16.44 38.18
CA LEU A 532 9.30 -17.25 37.32
C LEU A 532 7.96 -17.57 37.98
N PHE A 533 7.98 -18.17 39.17
CA PHE A 533 6.73 -18.61 39.80
C PHE A 533 5.98 -17.43 40.42
N MET A 534 6.72 -16.43 40.88
CA MET A 534 6.10 -15.28 41.53
C MET A 534 5.40 -14.37 40.53
N LYS A 535 6.15 -13.85 39.57
CA LYS A 535 5.60 -12.92 38.58
C LYS A 535 5.91 -13.38 37.17
N LYS A 536 5.66 -12.46 36.23
CA LYS A 536 6.02 -12.54 34.81
C LYS A 536 5.28 -13.59 33.99
N CYS A 537 4.43 -14.42 34.64
CA CYS A 537 3.43 -15.31 34.04
C CYS A 537 3.96 -16.21 32.92
N PRO A 538 4.66 -17.31 33.26
CA PRO A 538 5.35 -18.10 32.22
C PRO A 538 4.42 -18.83 31.25
N GLY A 539 3.68 -18.07 30.46
CA GLY A 539 2.77 -18.62 29.47
C GLY A 539 3.45 -19.01 28.17
N VAL A 540 2.68 -19.61 27.27
CA VAL A 540 3.18 -20.04 25.96
C VAL A 540 3.13 -18.91 24.93
N ASN A 541 2.54 -17.76 25.27
CA ASN A 541 2.39 -16.68 24.29
C ASN A 541 3.44 -15.59 24.46
N SER A 542 4.23 -15.61 25.53
CA SER A 542 5.22 -14.58 25.77
C SER A 542 6.61 -14.96 25.28
N LEU A 543 6.72 -15.92 24.36
CA LEU A 543 8.00 -16.50 23.96
C LEU A 543 8.91 -15.52 23.23
N PHE A 544 8.35 -14.45 22.66
CA PHE A 544 9.18 -13.38 22.11
C PHE A 544 9.17 -12.13 22.99
N ILE A 545 8.55 -12.20 24.16
CA ILE A 545 8.41 -11.10 25.10
C ILE A 545 9.14 -11.55 26.36
N ASP A 546 10.34 -12.10 26.15
CA ASP A 546 11.24 -12.65 27.16
C ASP A 546 10.65 -13.93 27.74
N GLY A 547 10.22 -14.83 26.85
CA GLY A 547 9.84 -16.17 27.24
C GLY A 547 10.89 -17.18 26.83
N SER A 548 11.46 -16.98 25.64
CA SER A 548 12.53 -17.83 25.14
C SER A 548 13.77 -17.65 26.00
N PHE A 549 14.14 -16.39 26.26
CA PHE A 549 15.30 -16.12 27.10
C PHE A 549 15.04 -16.51 28.55
N GLN A 550 13.78 -16.64 28.95
CA GLN A 550 13.44 -17.18 30.25
C GLN A 550 13.80 -18.67 30.33
N LEU A 551 13.84 -19.34 29.17
CA LEU A 551 14.18 -20.75 29.15
C LEU A 551 15.68 -20.96 28.92
N LEU A 552 16.32 -20.05 28.17
CA LEU A 552 17.73 -20.22 27.84
C LEU A 552 18.64 -19.90 29.02
N TYR A 553 18.29 -18.88 29.82
CA TYR A 553 19.10 -18.60 31.00
C TYR A 553 18.91 -19.63 32.10
N PHE A 554 17.87 -20.45 32.01
CA PHE A 554 17.80 -21.62 32.89
C PHE A 554 18.80 -22.69 32.45
N ILE A 555 18.90 -22.91 31.13
CA ILE A 555 19.77 -23.95 30.58
C ILE A 555 21.24 -23.60 30.82
N TYR A 556 21.58 -22.31 30.72
CA TYR A 556 22.93 -21.85 31.02
C TYR A 556 23.30 -22.11 32.47
N SER A 557 22.33 -22.06 33.37
CA SER A 557 22.63 -22.32 34.77
C SER A 557 22.58 -23.82 35.09
N VAL A 558 21.91 -24.60 34.26
CA VAL A 558 21.88 -26.06 34.44
C VAL A 558 23.25 -26.63 34.10
N LEU A 559 23.75 -26.28 32.91
CA LEU A 559 24.99 -26.84 32.36
C LEU A 559 26.21 -26.49 33.20
N VAL A 560 26.23 -25.31 33.79
CA VAL A 560 27.38 -24.86 34.56
C VAL A 560 27.39 -25.58 35.92
N ILE A 561 26.22 -26.02 36.39
CA ILE A 561 26.15 -26.76 37.64
C ILE A 561 26.67 -28.18 37.42
N VAL A 562 26.25 -28.80 36.32
CA VAL A 562 26.65 -30.16 35.96
C VAL A 562 28.15 -30.20 35.70
N SER A 563 28.67 -29.16 35.04
CA SER A 563 30.09 -29.08 34.69
C SER A 563 31.01 -29.04 35.89
N ALA A 564 30.79 -28.08 36.80
CA ALA A 564 31.65 -27.92 37.97
C ALA A 564 31.49 -29.09 38.94
N ALA A 565 30.33 -29.76 38.89
CA ALA A 565 30.15 -31.00 39.63
C ALA A 565 31.04 -32.09 39.06
N LEU A 566 30.98 -32.30 37.74
CA LEU A 566 31.81 -33.32 37.09
C LEU A 566 33.28 -32.92 37.09
N TYR A 567 33.57 -31.63 37.20
CA TYR A 567 34.94 -31.15 37.34
C TYR A 567 35.53 -31.62 38.67
N LEU A 568 34.85 -31.30 39.77
CA LEU A 568 35.41 -31.59 41.09
C LEU A 568 35.28 -33.07 41.45
N ALA A 569 34.37 -33.80 40.80
CA ALA A 569 34.22 -35.21 41.08
C ALA A 569 35.34 -36.02 40.43
N GLY A 570 35.44 -35.96 39.10
CA GLY A 570 36.49 -36.69 38.41
C GLY A 570 36.11 -37.25 37.05
N ILE A 571 34.83 -37.14 36.69
CA ILE A 571 34.34 -37.60 35.40
C ILE A 571 34.89 -36.69 34.31
N GLU A 572 35.60 -37.29 33.34
CA GLU A 572 36.35 -36.59 32.30
C GLU A 572 35.47 -35.73 31.39
N ALA A 573 34.17 -36.05 31.31
CA ALA A 573 33.25 -35.33 30.43
C ALA A 573 32.86 -33.95 30.93
N TYR A 574 33.54 -33.43 31.95
CA TYR A 574 33.28 -32.10 32.51
C TYR A 574 33.52 -31.00 31.48
N LEU A 575 34.54 -31.18 30.64
CA LEU A 575 34.92 -30.15 29.67
C LEU A 575 33.94 -30.13 28.51
N ALA A 576 33.32 -31.28 28.22
CA ALA A 576 32.26 -31.33 27.24
C ALA A 576 31.00 -30.64 27.76
N VAL A 577 30.73 -30.78 29.06
CA VAL A 577 29.58 -30.11 29.66
C VAL A 577 29.87 -28.63 29.81
N MET A 578 31.13 -28.28 30.05
CA MET A 578 31.55 -26.90 30.18
C MET A 578 31.41 -26.14 28.86
N VAL A 579 31.67 -26.83 27.75
CA VAL A 579 31.73 -26.16 26.45
C VAL A 579 30.33 -25.96 25.88
N PHE A 580 29.33 -26.60 26.48
CA PHE A 580 27.96 -26.25 26.10
C PHE A 580 27.52 -24.97 26.80
N ALA A 581 28.26 -24.53 27.81
CA ALA A 581 27.95 -23.26 28.47
C ALA A 581 28.66 -22.10 27.77
N LEU A 582 29.72 -22.40 27.02
CA LEU A 582 30.37 -21.41 26.19
C LEU A 582 29.46 -21.05 25.01
N VAL A 583 28.91 -22.08 24.36
CA VAL A 583 28.15 -21.90 23.14
C VAL A 583 26.77 -21.34 23.46
N LEU A 584 26.34 -21.45 24.71
CA LEU A 584 25.00 -21.00 25.06
C LEU A 584 25.09 -19.56 25.53
N GLY A 585 25.98 -19.29 26.48
CA GLY A 585 26.08 -18.01 27.15
C GLY A 585 26.40 -16.80 26.29
N TRP A 586 27.40 -16.92 25.40
CA TRP A 586 27.65 -15.87 24.42
C TRP A 586 26.48 -15.72 23.47
N MET A 587 25.84 -16.83 23.12
CA MET A 587 24.62 -16.76 22.33
C MET A 587 23.46 -16.25 23.18
N ASN A 588 23.53 -16.42 24.50
CA ASN A 588 22.50 -15.88 25.39
C ASN A 588 22.75 -14.43 25.75
N ALA A 589 23.83 -13.83 25.24
CA ALA A 589 24.11 -12.41 25.45
C ALA A 589 23.32 -11.56 24.46
N LEU A 590 22.54 -12.20 23.61
CA LEU A 590 21.66 -11.61 22.62
C LEU A 590 20.40 -11.02 23.26
N TYR A 591 20.21 -11.25 24.55
CA TYR A 591 19.23 -10.54 25.37
C TYR A 591 19.47 -9.04 25.34
N PHE A 592 20.70 -8.62 25.65
CA PHE A 592 21.11 -7.25 25.94
C PHE A 592 21.08 -6.33 24.75
N THR A 593 20.65 -6.71 23.56
CA THR A 593 20.39 -5.74 22.51
C THR A 593 19.06 -5.02 22.71
N ARG A 594 18.26 -5.47 23.66
CA ARG A 594 16.94 -4.91 23.98
C ARG A 594 17.06 -3.57 24.68
N GLY A 595 16.75 -2.49 23.97
CA GLY A 595 16.87 -1.17 24.53
C GLY A 595 17.34 -0.14 23.52
N LEU A 596 17.70 -0.60 22.32
CA LEU A 596 18.25 0.26 21.28
C LEU A 596 17.23 0.58 20.19
N LYS A 597 16.45 -0.42 19.76
CA LYS A 597 15.47 -0.48 18.67
C LYS A 597 16.17 -0.50 17.30
N LEU A 598 17.48 -0.28 17.27
CA LEU A 598 18.23 -0.39 16.03
C LEU A 598 18.57 -1.86 15.85
N THR A 599 19.33 -2.40 16.81
CA THR A 599 19.70 -3.80 16.74
C THR A 599 18.70 -4.68 17.48
N GLY A 600 17.85 -4.07 18.30
CA GLY A 600 16.87 -4.79 19.09
C GLY A 600 15.77 -5.44 18.29
N THR A 601 15.23 -4.72 17.29
CA THR A 601 14.19 -5.28 16.43
C THR A 601 14.81 -6.26 15.44
N TYR A 602 16.11 -6.10 15.19
CA TYR A 602 16.84 -7.06 14.34
C TYR A 602 16.89 -8.43 15.01
N SER A 603 17.13 -8.46 16.31
CA SER A 603 17.22 -9.73 17.02
C SER A 603 15.86 -10.37 17.22
N ILE A 604 14.78 -9.61 17.07
CA ILE A 604 13.44 -10.21 17.02
C ILE A 604 13.29 -11.12 15.82
N MET A 605 13.84 -10.73 14.67
CA MET A 605 13.85 -11.57 13.48
C MET A 605 14.66 -12.86 13.68
N ILE A 606 15.67 -12.83 14.55
CA ILE A 606 16.48 -14.02 14.82
C ILE A 606 15.62 -15.15 15.39
N GLN A 607 14.75 -14.84 16.35
CA GLN A 607 13.86 -15.89 16.86
C GLN A 607 12.63 -16.08 15.96
N LYS A 608 12.30 -15.07 15.15
CA LYS A 608 11.14 -15.18 14.26
C LYS A 608 11.38 -16.11 13.08
N ILE A 609 12.48 -15.88 12.34
CA ILE A 609 12.86 -16.71 11.19
C ILE A 609 13.16 -18.13 11.63
N LEU A 610 13.92 -18.30 12.72
CA LEU A 610 14.43 -19.60 13.14
C LEU A 610 13.35 -20.55 13.63
N PHE A 611 12.20 -20.02 14.04
CA PHE A 611 11.13 -20.85 14.60
C PHE A 611 9.98 -21.01 13.61
N LYS A 612 9.46 -19.91 13.06
CA LYS A 612 8.24 -20.01 12.27
C LYS A 612 8.51 -20.49 10.85
N ASP A 613 9.77 -20.45 10.42
CA ASP A 613 10.09 -20.67 9.02
C ASP A 613 11.20 -21.66 8.77
N LEU A 614 12.01 -21.98 9.78
CA LEU A 614 13.07 -22.96 9.65
C LEU A 614 12.61 -24.37 9.99
N PHE A 615 11.64 -24.49 10.90
CA PHE A 615 11.06 -25.79 11.23
C PHE A 615 9.90 -26.16 10.34
N ARG A 616 9.72 -25.37 9.27
CA ARG A 616 8.76 -25.62 8.23
C ARG A 616 9.40 -25.65 6.86
N PHE A 617 10.69 -25.34 6.79
CA PHE A 617 11.55 -25.64 5.65
C PHE A 617 12.32 -26.93 5.84
N LEU A 618 12.82 -27.19 7.06
CA LEU A 618 13.51 -28.43 7.33
C LEU A 618 12.57 -29.63 7.33
N LEU A 619 11.26 -29.40 7.46
CA LEU A 619 10.30 -30.47 7.18
C LEU A 619 10.31 -30.83 5.70
N VAL A 620 10.15 -29.82 4.84
CA VAL A 620 9.98 -30.07 3.41
C VAL A 620 11.31 -30.48 2.78
N TYR A 621 12.42 -29.96 3.30
CA TYR A 621 13.73 -30.35 2.80
C TYR A 621 14.06 -31.79 3.19
N LEU A 622 13.62 -32.25 4.35
CA LEU A 622 13.80 -33.65 4.72
C LEU A 622 12.72 -34.55 4.19
N LEU A 623 11.76 -34.05 3.41
CA LEU A 623 10.93 -34.94 2.61
C LEU A 623 11.59 -35.32 1.29
N PHE A 624 12.77 -34.76 1.01
CA PHE A 624 13.53 -35.13 -0.18
C PHE A 624 14.80 -35.87 0.21
N MET A 625 15.37 -35.54 1.36
CA MET A 625 16.61 -36.15 1.83
C MET A 625 16.34 -37.54 2.40
N ILE A 626 15.11 -37.83 2.81
CA ILE A 626 14.73 -39.18 3.20
C ILE A 626 14.20 -39.86 1.94
N GLY A 627 14.09 -39.08 0.87
CA GLY A 627 13.62 -39.58 -0.40
C GLY A 627 14.79 -39.98 -1.28
N TYR A 628 15.22 -39.06 -2.14
CA TYR A 628 16.35 -39.18 -3.06
C TYR A 628 17.59 -39.88 -2.49
N ALA A 629 18.03 -39.50 -1.28
CA ALA A 629 19.21 -40.10 -0.70
C ALA A 629 18.98 -41.56 -0.34
N SER A 630 17.78 -41.90 0.10
CA SER A 630 17.43 -43.30 0.32
C SER A 630 17.04 -43.96 -1.00
N ALA A 631 16.92 -43.16 -2.06
CA ALA A 631 16.63 -43.71 -3.37
C ALA A 631 17.91 -43.98 -4.16
N LEU A 632 18.84 -43.03 -4.15
CA LEU A 632 20.03 -43.14 -4.98
C LEU A 632 20.97 -44.25 -4.50
N VAL A 633 21.02 -44.47 -3.19
CA VAL A 633 21.93 -45.49 -2.65
C VAL A 633 21.29 -46.86 -2.80
N SER A 634 20.01 -46.90 -3.13
CA SER A 634 19.38 -48.16 -3.51
C SER A 634 19.89 -48.60 -4.88
N LEU A 635 20.17 -47.63 -5.74
CA LEU A 635 20.74 -47.88 -7.06
C LEU A 635 22.26 -47.96 -6.90
N LEU A 636 22.73 -49.01 -6.22
CA LEU A 636 24.14 -49.13 -5.85
C LEU A 636 24.46 -50.57 -5.49
N ASN A 637 25.53 -51.11 -6.07
CA ASN A 637 25.97 -52.49 -5.91
C ASN A 637 26.30 -52.80 -4.45
N PRO A 638 25.75 -53.89 -3.90
CA PRO A 638 25.89 -54.13 -2.45
C PRO A 638 27.16 -54.85 -2.04
N CYS A 639 28.31 -54.43 -2.60
CA CYS A 639 29.65 -54.97 -2.32
C CYS A 639 29.69 -56.49 -2.50
N ALA A 640 29.24 -56.96 -3.65
CA ALA A 640 29.19 -58.39 -3.92
C ALA A 640 29.28 -58.67 -5.42
N ARG A 661 32.81 -46.03 -4.64
CA ARG A 661 33.11 -46.94 -3.55
C ARG A 661 32.04 -48.03 -3.53
N ASP A 662 32.36 -49.19 -2.97
CA ASP A 662 31.53 -50.39 -3.06
C ASP A 662 30.15 -50.27 -2.41
N SER A 663 30.06 -50.20 -1.07
CA SER A 663 28.80 -50.21 -0.32
C SER A 663 28.99 -50.03 1.18
N GLU A 664 27.87 -49.96 1.91
CA GLU A 664 27.76 -50.08 3.37
C GLU A 664 28.51 -48.95 4.07
N THR A 665 28.43 -47.75 3.49
CA THR A 665 28.91 -46.53 4.15
C THR A 665 27.85 -45.45 4.00
N PHE A 666 26.60 -45.81 4.33
CA PHE A 666 25.43 -44.96 4.14
C PHE A 666 25.48 -43.68 4.95
N SER A 667 26.19 -43.71 6.08
CA SER A 667 26.42 -42.51 6.89
C SER A 667 27.21 -41.46 6.12
N THR A 668 28.14 -41.92 5.29
CA THR A 668 28.85 -41.01 4.40
C THR A 668 28.02 -40.70 3.15
N PHE A 669 27.26 -41.68 2.67
CA PHE A 669 26.47 -41.54 1.44
C PHE A 669 25.34 -40.53 1.61
N LEU A 670 24.86 -40.37 2.84
CA LEU A 670 23.95 -39.27 3.15
C LEU A 670 24.67 -37.94 2.99
N LEU A 671 25.90 -37.88 3.50
CA LEU A 671 26.69 -36.66 3.45
C LEU A 671 27.18 -36.37 2.04
N ASP A 672 27.52 -37.42 1.29
CA ASP A 672 28.03 -37.32 -0.08
C ASP A 672 27.05 -36.65 -1.03
N LEU A 673 25.75 -36.86 -0.79
CA LEU A 673 24.73 -36.18 -1.58
C LEU A 673 24.71 -34.70 -1.25
N PHE A 674 24.87 -34.36 0.03
CA PHE A 674 24.84 -32.98 0.49
C PHE A 674 26.03 -32.19 -0.04
N LYS A 675 27.15 -32.87 -0.30
CA LYS A 675 28.32 -32.23 -0.87
C LYS A 675 28.04 -31.78 -2.30
N LEU A 676 27.20 -32.53 -3.01
CA LEU A 676 26.89 -32.25 -4.41
C LEU A 676 25.98 -31.04 -4.55
N THR A 677 25.15 -30.77 -3.54
CA THR A 677 24.17 -29.70 -3.64
C THR A 677 24.75 -28.32 -3.38
N ILE A 678 25.94 -28.24 -2.79
CA ILE A 678 26.58 -26.96 -2.50
C ILE A 678 27.82 -26.74 -3.35
N GLY A 679 28.34 -27.79 -3.97
CA GLY A 679 29.44 -27.64 -4.90
C GLY A 679 30.60 -28.59 -4.66
N MET A 680 30.87 -28.92 -3.41
CA MET A 680 32.06 -29.71 -3.08
C MET A 680 31.83 -31.20 -3.25
N GLY A 681 31.34 -31.62 -4.40
CA GLY A 681 31.08 -33.03 -4.64
C GLY A 681 32.09 -33.64 -5.58
N ASP A 682 31.97 -34.95 -5.83
CA ASP A 682 32.93 -35.64 -6.66
C ASP A 682 32.24 -36.51 -7.73
N LEU A 683 31.02 -36.96 -7.42
CA LEU A 683 30.22 -37.92 -8.19
C LEU A 683 30.98 -39.23 -8.44
N GLU A 684 31.89 -39.58 -7.52
CA GLU A 684 32.59 -40.87 -7.52
C GLU A 684 31.64 -41.95 -7.03
N MET A 685 30.55 -41.54 -6.37
CA MET A 685 29.46 -42.40 -5.94
C MET A 685 28.74 -43.11 -7.08
N LEU A 686 28.95 -42.63 -8.32
CA LEU A 686 28.55 -43.33 -9.54
C LEU A 686 29.14 -44.74 -9.51
N SER A 687 30.48 -44.83 -9.46
CA SER A 687 31.24 -46.04 -9.16
C SER A 687 30.92 -47.22 -10.07
N SER A 688 30.57 -46.92 -11.33
CA SER A 688 30.02 -47.86 -12.30
C SER A 688 28.83 -48.63 -11.72
N THR A 689 27.76 -47.92 -11.41
CA THR A 689 26.56 -48.54 -10.88
C THR A 689 25.75 -49.21 -11.98
N LYS A 690 24.61 -49.77 -11.60
CA LYS A 690 23.80 -50.56 -12.53
C LYS A 690 23.15 -49.72 -13.62
N TYR A 691 22.73 -48.50 -13.30
CA TYR A 691 22.02 -47.65 -14.27
C TYR A 691 22.49 -46.21 -14.12
N PRO A 692 23.59 -45.85 -14.78
CA PRO A 692 24.16 -44.51 -14.62
C PRO A 692 23.35 -43.43 -15.30
N VAL A 693 22.53 -43.81 -16.28
CA VAL A 693 21.65 -42.88 -16.96
C VAL A 693 20.57 -42.43 -15.99
N VAL A 694 20.02 -43.38 -15.25
CA VAL A 694 18.95 -43.14 -14.28
C VAL A 694 19.51 -42.37 -13.10
N PHE A 695 20.70 -42.76 -12.65
CA PHE A 695 21.34 -42.19 -11.46
C PHE A 695 21.64 -40.71 -11.62
N ILE A 696 21.91 -40.27 -12.85
CA ILE A 696 22.31 -38.88 -13.04
C ILE A 696 21.10 -37.98 -13.31
N ILE A 697 19.97 -38.53 -13.76
CA ILE A 697 18.81 -37.67 -14.00
C ILE A 697 17.98 -37.52 -12.74
N LEU A 698 18.18 -38.42 -11.76
CA LEU A 698 17.65 -38.17 -10.43
C LEU A 698 18.52 -37.17 -9.67
N LEU A 699 19.83 -37.22 -9.92
CA LEU A 699 20.75 -36.34 -9.22
C LEU A 699 20.60 -34.90 -9.68
N VAL A 700 20.41 -34.70 -10.99
CA VAL A 700 20.25 -33.35 -11.52
C VAL A 700 18.83 -32.86 -11.25
N THR A 701 17.91 -33.77 -10.94
CA THR A 701 16.59 -33.37 -10.44
C THR A 701 16.70 -32.83 -9.03
N TYR A 702 17.52 -33.48 -8.19
CA TYR A 702 17.61 -33.12 -6.78
C TYR A 702 18.33 -31.79 -6.59
N ILE A 703 19.19 -31.40 -7.53
CA ILE A 703 19.89 -30.12 -7.47
C ILE A 703 18.88 -29.00 -7.70
N ILE A 704 17.98 -29.20 -8.65
CA ILE A 704 16.96 -28.21 -9.00
C ILE A 704 15.97 -28.06 -7.85
N LEU A 705 15.49 -29.19 -7.32
CA LEU A 705 14.46 -29.14 -6.29
C LEU A 705 14.99 -28.58 -4.98
N THR A 706 16.28 -28.77 -4.71
CA THR A 706 16.88 -28.12 -3.54
C THR A 706 17.31 -26.70 -3.84
N PHE A 707 17.25 -26.28 -5.09
CA PHE A 707 17.36 -24.85 -5.40
C PHE A 707 15.99 -24.21 -5.45
N VAL A 708 14.97 -25.00 -5.84
CA VAL A 708 13.58 -24.56 -5.81
C VAL A 708 13.14 -24.27 -4.38
N LEU A 709 13.44 -25.20 -3.46
CA LEU A 709 13.07 -25.03 -2.06
C LEU A 709 13.89 -23.95 -1.37
N LEU A 710 15.14 -23.75 -1.80
CA LEU A 710 15.98 -22.74 -1.19
C LEU A 710 15.50 -21.35 -1.56
N LEU A 711 14.90 -21.23 -2.74
CA LEU A 711 14.35 -19.95 -3.17
C LEU A 711 12.98 -19.79 -2.55
N ASN A 712 12.29 -20.90 -2.31
CA ASN A 712 10.98 -20.86 -1.65
C ASN A 712 11.11 -20.45 -0.19
N MET A 713 12.20 -20.86 0.45
CA MET A 713 12.49 -20.39 1.81
C MET A 713 12.71 -18.89 1.80
N LEU A 714 13.34 -18.39 0.74
CA LEU A 714 13.64 -16.96 0.63
C LEU A 714 12.37 -16.14 0.48
N ILE A 715 11.41 -16.62 -0.30
CA ILE A 715 10.18 -15.85 -0.51
C ILE A 715 9.18 -16.11 0.60
N ALA A 716 9.35 -17.21 1.33
CA ALA A 716 8.60 -17.40 2.57
C ALA A 716 9.13 -16.48 3.65
N LEU A 717 10.39 -16.03 3.49
CA LEU A 717 10.90 -14.98 4.35
C LEU A 717 10.58 -13.59 3.78
N MET A 718 9.72 -13.53 2.77
CA MET A 718 9.23 -12.26 2.26
C MET A 718 7.76 -12.02 2.59
N GLY A 719 6.93 -13.05 2.62
CA GLY A 719 5.51 -12.87 2.87
C GLY A 719 5.06 -13.11 4.30
N GLU A 720 5.41 -14.27 4.87
CA GLU A 720 5.04 -14.57 6.25
C GLU A 720 5.87 -13.72 7.20
N THR A 721 7.12 -13.51 6.83
CA THR A 721 8.09 -12.59 7.41
C THR A 721 7.79 -11.21 6.83
N VAL A 722 8.85 -10.49 6.41
CA VAL A 722 9.14 -9.07 6.30
C VAL A 722 8.05 -8.20 5.66
N GLY A 723 8.25 -6.88 5.60
CA GLY A 723 7.57 -5.79 6.29
C GLY A 723 6.24 -5.90 7.01
N GLN A 724 5.38 -6.88 6.70
CA GLN A 724 4.27 -7.18 7.60
C GLN A 724 4.72 -7.54 9.01
N VAL A 725 5.94 -8.05 9.16
CA VAL A 725 6.47 -8.36 10.50
C VAL A 725 7.28 -7.19 11.04
N SER A 726 7.84 -6.35 10.16
CA SER A 726 8.67 -5.23 10.58
C SER A 726 7.91 -4.18 11.38
N LYS A 727 6.59 -4.11 11.19
CA LYS A 727 5.76 -3.31 12.09
C LYS A 727 5.53 -4.05 13.41
N GLU A 728 5.42 -5.37 13.36
CA GLU A 728 5.16 -6.17 14.55
C GLU A 728 6.40 -6.29 15.41
N SER A 729 7.58 -6.21 14.82
CA SER A 729 8.81 -6.20 15.60
C SER A 729 8.98 -4.89 16.35
N LYS A 730 8.44 -3.81 15.79
CA LYS A 730 8.45 -2.53 16.50
C LYS A 730 7.54 -2.57 17.72
N HIS A 731 6.38 -3.21 17.59
CA HIS A 731 5.43 -3.34 18.68
C HIS A 731 5.99 -4.24 19.78
N ILE A 732 6.61 -5.35 19.38
CA ILE A 732 7.07 -6.32 20.36
C ILE A 732 8.44 -5.92 20.92
N TRP A 733 9.07 -4.91 20.31
CA TRP A 733 10.26 -4.35 20.95
C TRP A 733 9.89 -3.56 22.20
N LYS A 734 8.83 -2.76 22.15
CA LYS A 734 8.43 -1.94 23.29
C LYS A 734 7.92 -2.79 24.43
N LEU A 735 7.38 -3.97 24.13
CA LEU A 735 7.01 -4.92 25.18
C LEU A 735 8.23 -5.53 25.82
N GLN A 736 9.33 -5.64 25.08
CA GLN A 736 10.63 -6.03 25.63
C GLN A 736 11.34 -4.83 26.24
N TRP A 737 11.06 -3.64 25.73
CA TRP A 737 11.68 -2.44 26.27
C TRP A 737 11.08 -2.08 27.62
N ALA A 738 9.75 -2.11 27.73
CA ALA A 738 9.09 -1.77 28.98
C ALA A 738 9.34 -2.84 30.04
N THR A 739 9.68 -4.04 29.62
CA THR A 739 10.08 -5.10 30.53
C THR A 739 11.46 -4.77 31.12
N THR A 740 12.28 -4.07 30.34
CA THR A 740 13.66 -3.81 30.75
C THR A 740 13.71 -2.74 31.85
N ILE A 741 12.89 -1.70 31.73
CA ILE A 741 12.84 -0.66 32.77
C ILE A 741 12.29 -1.22 34.07
N LEU A 742 11.21 -1.99 34.00
CA LEU A 742 10.52 -2.45 35.21
C LEU A 742 11.34 -3.51 35.97
N ASP A 743 12.06 -4.37 35.26
CA ASP A 743 12.91 -5.37 35.89
C ASP A 743 14.05 -4.74 36.66
N ILE A 744 14.55 -3.60 36.18
CA ILE A 744 15.51 -2.83 36.96
C ILE A 744 14.81 -2.19 38.15
N GLU A 745 13.61 -1.67 37.93
CA GLU A 745 12.89 -0.88 38.92
C GLU A 745 12.24 -1.79 39.96
N ARG A 746 12.11 -3.08 39.66
CA ARG A 746 11.63 -4.05 40.63
C ARG A 746 12.75 -4.59 41.51
N SER A 747 13.99 -4.42 41.09
CA SER A 747 15.14 -4.95 41.83
C SER A 747 15.79 -3.93 42.75
N PHE A 748 15.48 -2.65 42.59
CA PHE A 748 15.96 -1.64 43.51
C PHE A 748 15.27 -1.80 44.87
N PRO A 749 15.94 -1.45 45.96
CA PRO A 749 15.24 -1.37 47.25
C PRO A 749 14.34 -0.16 47.28
N VAL A 750 13.36 -0.19 48.19
CA VAL A 750 12.20 0.70 48.19
C VAL A 750 12.62 2.14 48.42
N PHE A 751 13.61 2.36 49.31
CA PHE A 751 14.05 3.72 49.61
C PHE A 751 14.78 4.35 48.44
N LEU A 752 15.52 3.55 47.68
CA LEU A 752 16.15 4.04 46.46
C LEU A 752 15.11 4.18 45.35
N ARG A 753 14.11 3.29 45.36
CA ARG A 753 13.05 3.27 44.36
C ARG A 753 12.15 4.48 44.55
N LYS A 754 12.07 4.98 45.77
CA LYS A 754 11.32 6.21 46.08
C LYS A 754 12.18 7.44 45.81
N ALA A 755 13.49 7.26 45.71
CA ALA A 755 14.37 8.37 45.37
C ALA A 755 14.30 8.67 43.89
N PHE A 756 13.96 7.66 43.09
CA PHE A 756 13.82 7.80 41.63
C PHE A 756 12.36 7.82 41.19
N ARG A 757 11.47 8.46 41.94
CA ARG A 757 10.08 8.58 41.52
C ARG A 757 9.97 9.53 40.33
N SER A 758 8.82 9.50 39.68
CA SER A 758 8.52 10.41 38.58
C SER A 758 7.45 11.39 39.03
N GLY A 759 7.30 12.45 38.26
CA GLY A 759 6.33 13.48 38.58
C GLY A 759 6.73 14.28 39.80
N GLU A 760 5.74 14.97 40.36
CA GLU A 760 5.98 15.82 41.53
C GLU A 760 4.71 15.92 42.35
N MET A 761 4.86 16.10 43.65
CA MET A 761 3.73 16.20 44.57
C MET A 761 3.08 17.57 44.47
N VAL A 762 1.85 17.61 43.98
CA VAL A 762 1.18 18.85 43.62
C VAL A 762 -0.07 19.00 44.48
N THR A 763 -0.19 20.13 45.18
CA THR A 763 -1.48 20.56 45.71
C THR A 763 -2.44 20.83 44.57
N VAL A 764 -3.48 20.01 44.48
CA VAL A 764 -4.24 19.87 43.24
C VAL A 764 -5.64 20.44 43.36
N GLY A 765 -6.09 20.75 44.56
CA GLY A 765 -7.42 21.28 44.74
C GLY A 765 -7.86 21.09 46.18
N LYS A 766 -8.97 21.75 46.51
CA LYS A 766 -9.56 21.65 47.83
C LYS A 766 -10.41 20.38 47.88
N SER A 767 -10.10 19.51 48.83
CA SER A 767 -10.89 18.29 49.01
C SER A 767 -12.23 18.61 49.66
N SER A 768 -13.07 17.58 49.75
CA SER A 768 -14.44 17.69 50.27
C SER A 768 -14.49 18.17 51.71
N ASP A 769 -13.60 17.65 52.56
CA ASP A 769 -13.56 18.04 53.96
C ASP A 769 -12.96 19.43 54.15
N GLY A 770 -12.19 19.90 53.18
CA GLY A 770 -11.52 21.18 53.28
C GLY A 770 -10.02 21.09 53.46
N THR A 771 -9.44 19.91 53.38
CA THR A 771 -7.99 19.69 53.48
C THR A 771 -7.41 19.77 52.08
N PRO A 772 -6.11 20.03 51.91
CA PRO A 772 -5.54 20.00 50.56
C PRO A 772 -5.43 18.58 50.01
N ASP A 773 -5.61 18.47 48.70
CA ASP A 773 -5.52 17.20 47.99
C ASP A 773 -4.10 17.10 47.44
N ARG A 774 -3.32 16.17 47.98
CA ARG A 774 -1.89 16.08 47.72
C ARG A 774 -1.59 14.83 46.90
N ARG A 775 -1.62 14.99 45.58
CA ARG A 775 -1.41 13.87 44.66
C ARG A 775 0.07 13.67 44.36
N TRP A 776 0.36 12.85 43.35
CA TRP A 776 1.71 12.61 42.85
C TRP A 776 1.72 12.79 41.33
N CYS A 777 1.18 13.92 40.89
CA CYS A 777 0.87 14.15 39.48
C CYS A 777 2.13 14.24 38.62
N PHE A 778 1.93 14.07 37.31
CA PHE A 778 2.99 14.05 36.30
C PHE A 778 2.62 15.01 35.18
N ARG A 779 3.49 15.98 34.92
CA ARG A 779 3.17 17.07 34.01
C ARG A 779 3.45 16.70 32.55
N VAL A 780 2.47 16.96 31.70
CA VAL A 780 2.63 16.84 30.25
C VAL A 780 2.16 18.13 29.60
N ASP A 781 3.10 18.88 29.02
CA ASP A 781 2.76 20.15 28.38
C ASP A 781 2.28 19.91 26.96
N GLU A 782 1.40 20.79 26.49
CA GLU A 782 0.75 20.62 25.20
C GLU A 782 0.43 21.99 24.64
N VAL A 783 0.35 22.08 23.31
CA VAL A 783 0.14 23.32 22.58
C VAL A 783 -1.09 23.18 21.68
N ASN A 784 -2.06 24.08 21.84
CA ASN A 784 -3.30 24.05 21.06
C ASN A 784 -3.51 25.43 20.45
N TRP A 785 -3.58 25.47 19.11
CA TRP A 785 -3.74 26.71 18.37
C TRP A 785 -5.16 26.99 17.94
N SER A 786 -6.06 26.02 18.06
CA SER A 786 -7.41 26.16 17.50
C SER A 786 -8.44 26.57 18.53
N HIS A 787 -8.59 25.81 19.61
CA HIS A 787 -9.59 26.13 20.62
C HIS A 787 -9.08 27.23 21.53
N TRP A 788 -9.29 28.49 21.14
CA TRP A 788 -8.77 29.61 21.93
C TRP A 788 -9.60 29.91 23.16
N ASN A 789 -9.74 28.95 24.06
CA ASN A 789 -10.45 29.17 25.31
C ASN A 789 -9.74 28.48 26.47
N GLN A 790 -8.39 28.45 26.44
CA GLN A 790 -7.62 27.80 27.49
C GLN A 790 -7.61 28.64 28.77
N ASN A 791 -8.78 28.77 29.40
CA ASN A 791 -8.94 29.44 30.69
C ASN A 791 -10.02 28.63 31.40
N LEU A 792 -9.58 27.73 32.29
CA LEU A 792 -10.41 26.64 32.79
C LEU A 792 -10.13 26.55 34.28
N GLY A 793 -10.41 25.42 34.92
CA GLY A 793 -10.12 25.24 36.34
C GLY A 793 -8.63 25.18 36.67
N ILE A 794 -7.89 26.25 36.39
CA ILE A 794 -6.44 26.36 36.53
C ILE A 794 -6.06 26.27 38.00
N ILE A 795 -5.02 25.50 38.31
CA ILE A 795 -4.59 25.34 39.69
C ILE A 795 -3.74 26.54 40.12
N ASN A 796 -2.61 26.74 39.45
CA ASN A 796 -1.68 27.82 39.75
C ASN A 796 -1.90 28.95 38.76
N GLU A 797 -2.27 30.13 39.27
CA GLU A 797 -2.60 31.25 38.39
C GLU A 797 -1.37 31.86 37.73
N ASP A 798 -0.18 31.60 38.28
CA ASP A 798 1.07 32.05 37.69
C ASP A 798 1.56 31.06 36.63
N PRO A 799 1.52 31.45 35.35
CA PRO A 799 1.83 30.48 34.29
C PRO A 799 3.31 30.17 34.19
N GLY A 800 3.78 29.23 35.00
CA GLY A 800 5.17 28.83 34.91
C GLY A 800 5.60 27.75 35.87
N LYS A 801 6.63 27.00 35.50
CA LYS A 801 7.27 26.05 36.39
C LYS A 801 8.38 26.74 37.19
N ASN A 802 8.03 27.15 38.40
CA ASN A 802 8.94 27.88 39.28
C ASN A 802 10.04 26.96 39.80
N VAL B 148 -6.61 48.01 58.68
CA VAL B 148 -7.88 47.59 58.10
C VAL B 148 -7.62 46.72 56.88
N PHE B 149 -6.74 47.19 56.00
CA PHE B 149 -6.38 46.47 54.78
C PHE B 149 -4.93 45.99 54.86
N ASN B 150 -4.68 44.87 54.18
CA ASN B 150 -3.36 44.26 54.20
C ASN B 150 -3.21 43.42 52.94
N ARG B 151 -1.97 43.04 52.63
CA ARG B 151 -1.64 42.20 51.47
C ARG B 151 -2.36 40.85 51.47
N PRO B 152 -2.49 40.08 52.60
CA PRO B 152 -3.35 38.90 52.53
C PRO B 152 -4.83 39.24 52.49
N ILE B 153 -5.19 40.48 52.78
CA ILE B 153 -6.59 40.90 52.81
C ILE B 153 -6.99 41.45 51.45
N LEU B 154 -6.24 42.44 50.95
CA LEU B 154 -6.60 43.19 49.75
C LEU B 154 -6.58 42.32 48.51
N PHE B 155 -5.50 41.55 48.32
CA PHE B 155 -5.38 40.64 47.19
C PHE B 155 -6.42 39.52 47.23
N ASP B 156 -6.90 39.17 48.42
CA ASP B 156 -7.95 38.17 48.56
C ASP B 156 -9.31 38.73 48.15
N ILE B 157 -9.55 40.01 48.47
CA ILE B 157 -10.76 40.72 48.07
C ILE B 157 -10.83 40.83 46.56
N VAL B 158 -9.72 41.21 45.95
CA VAL B 158 -9.60 41.43 44.51
C VAL B 158 -9.79 40.13 43.75
N SER B 159 -9.16 39.06 44.24
CA SER B 159 -9.22 37.74 43.60
C SER B 159 -10.63 37.17 43.58
N ARG B 160 -11.40 37.41 44.63
CA ARG B 160 -12.75 36.87 44.70
C ARG B 160 -13.81 37.84 44.18
N GLY B 161 -13.55 38.45 43.02
CA GLY B 161 -14.46 39.32 42.28
C GLY B 161 -15.30 40.33 43.04
N SER B 162 -14.76 40.89 44.13
CA SER B 162 -15.58 41.66 45.06
C SER B 162 -15.77 43.10 44.61
N THR B 163 -16.92 43.38 43.96
CA THR B 163 -17.29 44.73 43.55
C THR B 163 -17.55 45.64 44.76
N ALA B 164 -17.80 45.03 45.92
CA ALA B 164 -17.93 45.77 47.17
C ALA B 164 -16.82 45.34 48.11
N ASP B 165 -16.90 45.79 49.36
CA ASP B 165 -16.06 45.40 50.50
C ASP B 165 -14.64 45.96 50.43
N LEU B 166 -14.31 46.66 49.33
CA LEU B 166 -13.07 47.39 49.26
C LEU B 166 -13.40 48.88 49.39
N ASP B 167 -14.69 49.18 49.56
CA ASP B 167 -15.16 50.52 49.86
C ASP B 167 -14.62 50.97 51.21
N GLY B 168 -13.87 52.07 51.21
CA GLY B 168 -13.12 52.48 52.38
C GLY B 168 -11.63 52.31 52.24
N LEU B 169 -11.15 51.86 51.08
CA LEU B 169 -9.71 51.78 50.85
C LEU B 169 -9.12 53.16 50.61
N LEU B 170 -9.92 54.08 50.06
CA LEU B 170 -9.44 55.45 49.82
C LEU B 170 -9.12 56.21 51.12
N PRO B 171 -9.92 56.12 52.23
CA PRO B 171 -9.41 56.69 53.49
C PRO B 171 -8.23 55.94 54.09
N PHE B 172 -8.06 54.67 53.73
CA PHE B 172 -6.99 53.87 54.31
C PHE B 172 -5.62 54.34 53.81
N LEU B 173 -5.54 54.74 52.54
CA LEU B 173 -4.27 55.24 52.03
C LEU B 173 -4.07 56.72 52.33
N LEU B 174 -5.15 57.47 52.61
CA LEU B 174 -5.00 58.89 52.90
C LEU B 174 -4.65 59.15 54.35
N THR B 175 -5.17 58.36 55.29
CA THR B 175 -4.88 58.56 56.70
C THR B 175 -3.49 58.03 57.07
N HIS B 176 -3.13 56.86 56.55
CA HIS B 176 -1.83 56.28 56.86
C HIS B 176 -0.68 56.85 56.03
N LYS B 177 -1.00 57.65 55.02
CA LYS B 177 -0.06 58.26 54.07
C LYS B 177 0.79 57.18 53.39
N LYS B 178 0.09 56.36 52.61
CA LYS B 178 0.70 55.37 51.75
C LYS B 178 0.01 55.41 50.39
N ARG B 179 0.58 54.70 49.43
CA ARG B 179 0.03 54.60 48.08
C ARG B 179 0.02 53.13 47.67
N LEU B 180 -0.75 52.83 46.62
CA LEU B 180 -0.87 51.43 46.19
C LEU B 180 0.26 51.01 45.25
N THR B 181 1.51 51.35 45.60
CA THR B 181 2.64 50.88 44.81
C THR B 181 3.87 50.55 45.67
N ASP B 182 3.72 50.51 46.99
CA ASP B 182 4.84 50.29 47.89
C ASP B 182 5.14 48.80 48.02
N GLU B 183 6.18 48.49 48.79
CA GLU B 183 6.58 47.10 49.06
C GLU B 183 5.50 46.35 49.81
N GLU B 184 4.75 47.06 50.65
CA GLU B 184 3.75 46.45 51.53
C GLU B 184 2.52 45.96 50.79
N PHE B 185 2.21 46.56 49.65
CA PHE B 185 1.10 46.08 48.82
C PHE B 185 1.57 45.48 47.50
N ARG B 186 2.79 44.95 47.48
CA ARG B 186 3.31 44.24 46.32
C ARG B 186 3.93 42.94 46.83
N GLU B 187 3.55 41.82 46.24
CA GLU B 187 3.94 40.51 46.74
C GLU B 187 5.43 40.28 46.49
N PRO B 188 6.18 39.85 47.50
CA PRO B 188 7.65 39.77 47.38
C PRO B 188 8.07 38.60 46.49
N SER B 189 9.23 38.81 45.84
CA SER B 189 9.97 37.90 44.96
C SER B 189 9.29 37.66 43.61
N THR B 190 8.02 38.05 43.48
CA THR B 190 7.36 38.23 42.21
C THR B 190 6.45 39.46 42.32
N GLY B 191 6.98 40.62 41.95
CA GLY B 191 6.38 41.87 42.35
C GLY B 191 5.09 42.23 41.65
N LYS B 192 4.06 41.43 41.92
CA LYS B 192 2.72 41.66 41.43
C LYS B 192 2.15 42.88 42.13
N THR B 193 1.16 43.53 41.51
CA THR B 193 0.51 44.66 42.14
C THR B 193 -0.96 44.27 42.21
N CYS B 194 -1.82 45.12 42.74
CA CYS B 194 -3.26 44.88 42.83
C CYS B 194 -3.90 44.67 41.46
N LEU B 195 -3.47 45.43 40.48
CA LEU B 195 -4.05 45.38 39.14
C LEU B 195 -3.67 44.13 38.34
N PRO B 196 -2.38 43.61 38.35
CA PRO B 196 -2.14 42.31 37.70
C PRO B 196 -2.86 41.14 38.37
N LYS B 197 -3.08 41.22 39.68
CA LYS B 197 -3.81 40.18 40.40
C LYS B 197 -5.26 40.13 39.94
N ALA B 198 -5.82 41.30 39.66
CA ALA B 198 -7.17 41.40 39.11
C ALA B 198 -7.25 40.84 37.71
N LEU B 199 -6.20 41.04 36.92
CA LEU B 199 -6.25 40.62 35.53
C LEU B 199 -5.88 39.15 35.36
N LEU B 200 -5.42 38.49 36.42
CA LEU B 200 -5.24 37.04 36.35
C LEU B 200 -6.54 36.31 36.64
N ASN B 201 -7.33 36.82 37.59
CA ASN B 201 -8.52 36.15 38.07
C ASN B 201 -9.75 36.77 37.42
N LEU B 202 -10.21 36.14 36.35
CA LEU B 202 -11.38 36.60 35.61
C LEU B 202 -12.54 35.63 35.75
N SER B 203 -13.75 36.15 35.58
CA SER B 203 -14.98 35.38 35.60
C SER B 203 -16.00 36.11 34.73
N ASN B 204 -16.27 35.57 33.54
CA ASN B 204 -17.00 36.24 32.45
C ASN B 204 -16.35 37.57 32.08
N GLY B 205 -15.02 37.65 32.21
CA GLY B 205 -14.24 38.80 31.86
C GLY B 205 -14.59 40.12 32.53
N ARG B 206 -14.96 40.10 33.82
CA ARG B 206 -15.25 41.36 34.46
C ARG B 206 -14.23 41.70 35.54
N ASN B 207 -14.21 40.90 36.63
CA ASN B 207 -13.52 41.21 37.88
C ASN B 207 -13.74 42.66 38.28
N ASP B 208 -14.97 43.02 38.66
CA ASP B 208 -15.44 44.40 38.77
C ASP B 208 -14.67 45.35 39.70
N THR B 209 -13.65 44.84 40.40
CA THR B 209 -12.72 45.67 41.14
C THR B 209 -11.91 46.62 40.27
N ILE B 210 -11.65 46.24 39.01
CA ILE B 210 -10.65 46.90 38.16
C ILE B 210 -10.97 48.38 37.88
N PRO B 211 -12.20 48.81 37.40
CA PRO B 211 -12.39 50.24 37.16
C PRO B 211 -12.40 51.05 38.45
N VAL B 212 -12.79 50.37 39.55
CA VAL B 212 -12.79 51.01 40.86
C VAL B 212 -11.36 51.22 41.35
N LEU B 213 -10.50 50.22 41.15
CA LEU B 213 -9.12 50.31 41.63
C LEU B 213 -8.30 51.32 40.83
N LEU B 214 -8.73 51.62 39.60
CA LEU B 214 -8.11 52.72 38.88
C LEU B 214 -8.50 54.07 39.50
N ASP B 215 -9.72 54.15 40.03
CA ASP B 215 -10.25 55.40 40.58
C ASP B 215 -9.55 55.80 41.88
N ILE B 216 -9.24 54.82 42.74
CA ILE B 216 -8.44 55.08 43.93
C ILE B 216 -7.03 55.45 43.49
N ALA B 217 -6.55 54.82 42.42
CA ALA B 217 -5.24 55.14 41.88
C ALA B 217 -5.21 56.53 41.24
N GLU B 218 -6.38 57.03 40.83
CA GLU B 218 -6.46 58.42 40.39
C GLU B 218 -6.35 59.39 41.56
N ARG B 219 -6.89 59.01 42.73
CA ARG B 219 -6.91 59.92 43.86
C ARG B 219 -5.55 60.02 44.52
N THR B 220 -4.90 58.89 44.77
CA THR B 220 -3.52 58.91 45.25
C THR B 220 -2.58 59.44 44.20
N GLY B 221 -2.48 58.74 43.07
CA GLY B 221 -1.76 59.23 41.90
C GLY B 221 -0.39 58.63 41.79
N ASN B 222 -0.28 57.56 41.00
CA ASN B 222 1.02 57.03 40.60
C ASN B 222 0.97 56.57 39.16
N MET B 223 -0.20 56.62 38.54
CA MET B 223 -0.70 55.73 37.50
C MET B 223 0.30 55.29 36.41
N ARG B 224 1.26 56.15 36.09
CA ARG B 224 2.40 55.76 35.26
C ARG B 224 3.43 54.93 36.02
N GLU B 225 3.17 54.67 37.31
CA GLU B 225 3.94 53.70 38.09
C GLU B 225 3.08 52.55 38.58
N PHE B 226 1.78 52.75 38.81
CA PHE B 226 0.87 51.70 39.23
C PHE B 226 0.53 50.74 38.10
N ILE B 227 0.15 51.25 36.93
CA ILE B 227 -0.14 50.39 35.78
C ILE B 227 1.14 49.91 35.11
N ASN B 228 2.23 50.65 35.30
CA ASN B 228 3.51 50.36 34.67
C ASN B 228 4.45 49.75 35.70
N SER B 229 3.92 48.96 36.60
CA SER B 229 4.80 48.27 37.53
C SER B 229 5.12 46.87 37.01
N PRO B 230 6.36 46.62 36.59
CA PRO B 230 6.70 45.30 36.08
C PRO B 230 6.89 44.32 37.21
N PHE B 231 6.83 43.02 36.92
CA PHE B 231 7.21 42.02 37.90
C PHE B 231 8.73 42.02 38.00
N ARG B 232 9.27 42.25 39.19
CA ARG B 232 10.73 42.28 39.33
C ARG B 232 11.32 40.89 39.57
N ASP B 233 10.57 39.83 39.27
CA ASP B 233 11.03 38.45 39.37
C ASP B 233 12.08 38.18 38.30
N ILE B 234 12.83 37.09 38.43
CA ILE B 234 13.75 36.66 37.38
C ILE B 234 13.10 35.65 36.45
N TYR B 235 11.76 35.60 36.47
CA TYR B 235 11.00 34.60 35.73
C TYR B 235 9.86 35.27 34.97
N TYR B 236 9.59 36.55 35.25
CA TYR B 236 8.56 37.31 34.58
C TYR B 236 8.97 38.74 34.34
N ARG B 237 10.29 38.99 34.20
CA ARG B 237 10.98 40.23 34.57
C ARG B 237 10.41 41.52 33.97
N GLY B 238 9.61 41.42 32.91
CA GLY B 238 9.09 42.64 32.33
C GLY B 238 7.58 42.73 32.22
N GLN B 239 6.88 41.68 32.65
CA GLN B 239 5.44 41.58 32.40
C GLN B 239 4.67 42.62 33.20
N THR B 240 3.75 43.30 32.52
CA THR B 240 2.97 44.37 33.13
C THR B 240 1.49 44.03 33.02
N ALA B 241 0.66 44.95 33.49
CA ALA B 241 -0.79 44.78 33.46
C ALA B 241 -1.32 44.88 32.04
N LEU B 242 -0.57 45.53 31.15
CA LEU B 242 -0.96 45.56 29.74
C LEU B 242 -0.78 44.20 29.09
N HIS B 243 0.27 43.47 29.46
CA HIS B 243 0.50 42.14 28.90
C HIS B 243 -0.58 41.15 29.29
N ILE B 244 -1.02 41.19 30.55
CA ILE B 244 -2.00 40.22 31.04
C ILE B 244 -3.38 40.48 30.47
N ALA B 245 -3.76 41.74 30.30
CA ALA B 245 -5.04 42.09 29.73
C ALA B 245 -5.18 41.68 28.26
N ILE B 246 -4.10 41.75 27.48
CA ILE B 246 -4.11 41.21 26.13
C ILE B 246 -4.05 39.70 26.13
N GLU B 247 -3.33 39.11 27.07
CA GLU B 247 -3.21 37.67 27.26
C GLU B 247 -4.54 36.99 27.54
N ARG B 248 -5.35 37.56 28.44
CA ARG B 248 -6.59 36.94 28.89
C ARG B 248 -7.76 37.22 27.96
N ARG B 249 -7.46 37.78 26.77
CA ARG B 249 -8.39 38.07 25.69
C ARG B 249 -9.50 39.01 26.15
N CYS B 250 -9.09 40.19 26.60
CA CYS B 250 -9.94 41.02 27.42
C CYS B 250 -9.86 42.48 26.95
N LYS B 251 -10.12 42.69 25.65
CA LYS B 251 -10.02 43.94 24.90
C LYS B 251 -10.50 45.20 25.62
N HIS B 252 -11.65 45.10 26.29
CA HIS B 252 -12.23 46.25 26.98
C HIS B 252 -11.43 46.66 28.21
N TYR B 253 -10.62 45.75 28.76
CA TYR B 253 -9.67 46.20 29.78
C TYR B 253 -8.29 46.46 29.20
N VAL B 254 -8.08 46.20 27.92
CA VAL B 254 -6.90 46.74 27.24
C VAL B 254 -7.14 48.20 26.91
N GLU B 255 -8.40 48.55 26.61
CA GLU B 255 -8.75 49.92 26.24
C GLU B 255 -8.57 50.88 27.40
N LEU B 256 -8.89 50.45 28.62
CA LEU B 256 -8.72 51.29 29.79
C LEU B 256 -7.25 51.53 30.10
N LEU B 257 -6.40 50.51 29.92
CA LEU B 257 -5.00 50.67 30.29
C LEU B 257 -4.23 51.44 29.22
N VAL B 258 -4.75 51.44 28.00
CA VAL B 258 -4.16 52.22 26.91
C VAL B 258 -4.61 53.68 27.04
N ALA B 259 -5.88 53.88 27.40
CA ALA B 259 -6.41 55.22 27.60
C ALA B 259 -5.75 55.91 28.79
N GLN B 260 -5.35 55.14 29.79
CA GLN B 260 -4.60 55.73 30.89
C GLN B 260 -3.11 55.66 30.58
N GLY B 261 -2.75 54.95 29.50
CA GLY B 261 -1.41 55.07 28.97
C GLY B 261 -0.38 54.25 29.71
N ALA B 262 -0.54 52.92 29.73
CA ALA B 262 0.27 52.10 30.62
C ALA B 262 1.74 52.07 30.30
N ASP B 263 2.15 51.23 29.35
CA ASP B 263 3.50 51.30 28.77
C ASP B 263 3.52 50.67 27.39
N VAL B 264 2.62 51.06 26.48
CA VAL B 264 2.55 50.43 25.16
C VAL B 264 3.91 50.48 24.46
N HIS B 265 4.44 49.27 24.14
CA HIS B 265 5.82 48.80 24.00
C HIS B 265 6.55 48.51 25.32
N ALA B 266 5.90 47.88 26.30
CA ALA B 266 6.61 47.35 27.46
C ALA B 266 7.18 45.97 27.15
N GLN B 267 8.49 45.82 27.30
CA GLN B 267 9.13 44.56 26.99
C GLN B 267 9.02 43.59 28.15
N ALA B 268 8.55 42.38 27.88
CA ALA B 268 8.40 41.34 28.89
C ALA B 268 9.61 40.41 28.85
N ARG B 269 10.70 40.88 29.46
CA ARG B 269 12.00 40.24 29.34
C ARG B 269 12.19 39.14 30.37
N GLY B 270 11.25 38.20 30.45
CA GLY B 270 11.32 37.21 31.52
C GLY B 270 12.19 36.03 31.22
N ARG B 271 12.08 34.98 32.02
CA ARG B 271 12.68 33.69 31.69
C ARG B 271 11.62 32.72 31.21
N PHE B 272 10.36 32.89 31.62
CA PHE B 272 9.25 32.17 31.03
C PHE B 272 8.98 32.58 29.59
N PHE B 273 9.24 33.84 29.24
CA PHE B 273 8.90 34.38 27.94
C PHE B 273 10.03 34.21 26.93
N GLN B 274 11.03 33.41 27.27
CA GLN B 274 12.14 33.03 26.40
C GLN B 274 11.69 31.92 25.46
N PRO B 275 12.43 31.67 24.36
CA PRO B 275 12.06 30.54 23.49
C PRO B 275 12.20 29.17 24.13
N LYS B 276 11.73 28.14 23.43
CA LYS B 276 11.70 26.78 23.97
C LYS B 276 13.09 26.20 24.16
N ASP B 277 14.07 26.63 23.37
CA ASP B 277 15.46 26.24 23.54
C ASP B 277 16.10 26.91 24.74
N GLU B 278 15.73 28.16 25.03
CA GLU B 278 16.38 28.95 26.06
C GLU B 278 15.68 28.83 27.41
N GLY B 279 15.04 27.69 27.66
CA GLY B 279 14.40 27.47 28.94
C GLY B 279 12.92 27.79 28.98
N GLY B 280 12.54 28.92 28.39
CA GLY B 280 11.15 29.37 28.43
C GLY B 280 10.16 28.51 27.67
N TYR B 281 8.88 28.83 27.79
CA TYR B 281 7.81 28.06 27.16
C TYR B 281 7.23 28.78 25.94
N PHE B 282 6.85 30.04 26.07
CA PHE B 282 6.15 30.76 25.01
C PHE B 282 6.92 32.04 24.69
N TYR B 283 7.53 32.07 23.50
CA TYR B 283 8.20 33.27 23.00
C TYR B 283 7.29 33.96 22.00
N PHE B 284 6.98 35.23 22.26
CA PHE B 284 6.10 36.00 21.40
C PHE B 284 6.74 37.30 20.94
N GLY B 285 8.04 37.45 21.12
CA GLY B 285 8.68 38.68 20.69
C GLY B 285 8.64 39.80 21.69
N GLU B 286 8.20 39.52 22.93
CA GLU B 286 8.39 40.36 24.11
C GLU B 286 7.82 41.77 24.00
N LEU B 287 6.59 41.91 23.50
CA LEU B 287 6.05 43.25 23.26
C LEU B 287 4.53 43.15 23.19
N PRO B 288 3.79 44.16 23.67
CA PRO B 288 2.32 44.03 23.73
C PRO B 288 1.63 44.04 22.39
N LEU B 289 2.15 44.72 21.38
CA LEU B 289 1.65 44.53 20.02
C LEU B 289 2.06 43.18 19.46
N SER B 290 3.27 42.72 19.76
CA SER B 290 3.70 41.38 19.40
C SER B 290 2.92 40.30 20.14
N LEU B 291 2.55 40.54 21.40
CA LEU B 291 1.73 39.58 22.12
C LEU B 291 0.30 39.55 21.58
N ALA B 292 -0.18 40.66 21.05
CA ALA B 292 -1.50 40.72 20.44
C ALA B 292 -1.53 40.07 19.07
N ALA B 293 -0.46 40.17 18.30
CA ALA B 293 -0.40 39.53 16.99
C ALA B 293 -0.05 38.06 17.06
N CYS B 294 0.68 37.63 18.07
CA CYS B 294 1.04 36.22 18.17
C CYS B 294 -0.11 35.33 18.59
N THR B 295 -0.95 35.77 19.53
CA THR B 295 -2.03 34.90 19.99
C THR B 295 -3.34 35.17 19.27
N ASN B 296 -3.31 35.19 17.93
CA ASN B 296 -4.46 35.24 17.00
C ASN B 296 -5.53 36.26 17.42
N GLN B 297 -5.14 37.51 17.62
CA GLN B 297 -6.00 38.45 18.33
C GLN B 297 -6.01 39.78 17.59
N PRO B 298 -6.77 39.86 16.48
CA PRO B 298 -6.62 40.99 15.55
C PRO B 298 -7.18 42.31 16.04
N HIS B 299 -8.21 42.26 16.88
CA HIS B 299 -8.93 43.48 17.24
C HIS B 299 -8.13 44.33 18.20
N ILE B 300 -7.23 43.72 18.95
CA ILE B 300 -6.30 44.46 19.78
C ILE B 300 -5.14 44.98 18.94
N VAL B 301 -4.76 44.24 17.89
CA VAL B 301 -3.77 44.72 16.93
C VAL B 301 -4.27 45.95 16.20
N ASN B 302 -5.55 45.97 15.86
CA ASN B 302 -6.15 47.14 15.23
C ASN B 302 -6.50 48.24 16.22
N TYR B 303 -6.26 48.03 17.52
CA TYR B 303 -6.48 49.08 18.51
C TYR B 303 -5.17 49.61 19.09
N LEU B 304 -4.15 48.76 19.23
CA LEU B 304 -2.88 49.23 19.76
C LEU B 304 -2.15 50.13 18.77
N THR B 305 -2.39 49.94 17.47
CA THR B 305 -1.77 50.75 16.43
C THR B 305 -2.60 51.97 16.08
N GLU B 306 -3.92 51.86 16.13
CA GLU B 306 -4.84 52.91 15.72
C GLU B 306 -5.73 53.28 16.90
N ASN B 307 -5.26 54.22 17.71
CA ASN B 307 -5.92 54.69 18.91
C ASN B 307 -5.73 56.19 19.04
N PRO B 308 -6.61 56.88 19.80
CA PRO B 308 -6.36 58.29 20.11
C PRO B 308 -5.11 58.48 20.97
N HIS B 309 -4.90 57.55 21.90
CA HIS B 309 -3.77 57.57 22.81
C HIS B 309 -2.52 57.00 22.14
N LYS B 310 -1.52 56.69 22.98
CA LYS B 310 -0.20 56.21 22.57
C LYS B 310 -0.24 55.01 21.63
N LYS B 311 0.48 55.10 20.52
CA LYS B 311 0.41 54.12 19.44
C LYS B 311 1.51 53.07 19.59
N ALA B 312 1.20 51.88 19.11
CA ALA B 312 2.18 50.81 18.99
C ALA B 312 2.71 50.80 17.56
N ASP B 313 3.84 51.46 17.33
CA ASP B 313 4.44 51.42 16.00
C ASP B 313 5.09 50.07 15.76
N MET B 314 4.84 49.53 14.59
CA MET B 314 5.18 48.17 14.16
C MET B 314 6.63 47.99 13.83
N ARG B 315 7.46 49.03 13.92
CA ARG B 315 8.87 48.95 13.60
C ARG B 315 9.74 48.77 14.83
N ARG B 316 9.14 48.62 16.01
CA ARG B 316 9.88 48.49 17.25
C ARG B 316 10.50 47.10 17.36
N GLN B 317 11.68 47.03 17.96
CA GLN B 317 12.40 45.78 18.17
C GLN B 317 12.38 45.43 19.65
N ASP B 318 12.41 44.14 19.96
CA ASP B 318 12.56 43.70 21.34
C ASP B 318 14.03 43.65 21.76
N SER B 319 14.30 42.97 22.86
CA SER B 319 15.64 42.89 23.45
C SER B 319 16.63 42.15 22.57
N ARG B 320 16.18 41.32 21.64
CA ARG B 320 17.10 40.60 20.77
C ARG B 320 16.94 40.95 19.30
N GLY B 321 16.08 41.91 18.96
CA GLY B 321 15.97 42.41 17.62
C GLY B 321 14.67 42.09 16.91
N ASN B 322 13.95 41.06 17.37
CA ASN B 322 12.75 40.56 16.72
C ASN B 322 11.61 41.57 16.73
N THR B 323 11.14 41.97 15.54
CA THR B 323 9.97 42.85 15.44
C THR B 323 8.68 42.05 15.46
N VAL B 324 7.58 42.69 15.09
CA VAL B 324 6.28 42.04 15.11
C VAL B 324 6.11 41.03 13.98
N LEU B 325 7.01 41.01 13.01
CA LEU B 325 6.99 40.03 11.93
C LEU B 325 8.00 38.91 12.13
N HIS B 326 9.11 39.19 12.81
CA HIS B 326 10.00 38.12 13.25
C HIS B 326 9.33 37.18 14.23
N ALA B 327 8.51 37.73 15.13
CA ALA B 327 7.86 36.95 16.17
C ALA B 327 6.66 36.17 15.66
N LEU B 328 6.10 36.53 14.51
CA LEU B 328 5.12 35.68 13.85
C LEU B 328 5.76 34.52 13.11
N VAL B 329 7.06 34.60 12.83
CA VAL B 329 7.83 33.48 12.33
C VAL B 329 8.29 32.58 13.46
N ALA B 330 8.53 33.12 14.65
CA ALA B 330 8.90 32.36 15.84
C ALA B 330 7.83 31.38 16.27
N ILE B 331 6.58 31.83 16.43
CA ILE B 331 5.50 30.88 16.63
C ILE B 331 4.85 30.50 15.31
N ALA B 332 5.48 29.59 14.57
CA ALA B 332 4.93 29.19 13.28
C ALA B 332 5.07 27.70 13.06
N ASP B 333 4.69 26.89 14.06
CA ASP B 333 4.64 25.43 13.93
C ASP B 333 3.79 25.05 12.74
N ASN B 334 4.25 24.09 11.94
CA ASN B 334 3.79 23.93 10.56
C ASN B 334 2.43 23.24 10.44
N THR B 335 1.66 23.20 11.52
CA THR B 335 0.32 22.63 11.55
C THR B 335 -0.66 23.43 10.70
N ARG B 336 -1.86 22.89 10.51
CA ARG B 336 -2.86 23.51 9.64
C ARG B 336 -3.46 24.78 10.21
N GLU B 337 -3.75 24.82 11.50
CA GLU B 337 -4.41 25.97 12.10
C GLU B 337 -3.45 27.12 12.33
N ASN B 338 -2.20 26.81 12.68
CA ASN B 338 -1.20 27.84 12.94
C ASN B 338 -0.84 28.63 11.69
N THR B 339 -0.66 27.99 10.55
CA THR B 339 -0.34 28.70 9.31
C THR B 339 -1.52 29.46 8.75
N LYS B 340 -2.72 29.26 9.28
CA LYS B 340 -3.88 30.00 8.81
C LYS B 340 -3.92 31.43 9.33
N PHE B 341 -3.65 31.63 10.62
CA PHE B 341 -3.71 33.00 11.13
C PHE B 341 -2.36 33.70 11.09
N VAL B 342 -1.26 32.96 11.03
CA VAL B 342 0.06 33.59 10.95
C VAL B 342 0.21 34.32 9.63
N THR B 343 -0.13 33.66 8.52
CA THR B 343 -0.07 34.30 7.20
C THR B 343 -1.10 35.41 7.08
N LYS B 344 -2.22 35.29 7.79
CA LYS B 344 -3.22 36.35 7.78
C LYS B 344 -2.75 37.55 8.59
N MET B 345 -2.05 37.29 9.71
CA MET B 345 -1.56 38.38 10.54
C MET B 345 -0.21 38.91 10.07
N TYR B 346 0.56 38.13 9.32
CA TYR B 346 1.79 38.62 8.73
C TYR B 346 1.53 39.67 7.67
N ASP B 347 0.51 39.48 6.84
CA ASP B 347 0.16 40.48 5.85
C ASP B 347 -0.43 41.71 6.51
N LEU B 348 -1.35 41.52 7.46
CA LEU B 348 -2.08 42.59 8.14
C LEU B 348 -1.16 43.53 8.89
N LEU B 349 0.02 43.06 9.30
CA LEU B 349 1.02 43.95 9.86
C LEU B 349 1.96 44.49 8.80
N LEU B 350 2.07 43.80 7.67
CA LEU B 350 2.99 44.24 6.62
C LEU B 350 2.33 45.34 5.81
N LEU B 351 1.04 45.17 5.50
CA LEU B 351 0.29 46.20 4.78
C LEU B 351 0.16 47.47 5.60
N LYS B 352 -0.17 47.32 6.89
CA LYS B 352 -0.47 48.45 7.75
C LYS B 352 0.77 49.32 8.02
N CYS B 353 1.95 48.72 7.94
CA CYS B 353 3.17 49.52 8.08
C CYS B 353 3.46 50.27 6.80
N ALA B 354 3.06 49.72 5.66
CA ALA B 354 3.26 50.37 4.38
C ALA B 354 2.32 51.57 4.21
N ARG B 355 1.13 51.48 4.80
CA ARG B 355 0.20 52.60 4.77
C ARG B 355 0.69 53.74 5.65
N LEU B 356 1.02 53.44 6.90
CA LEU B 356 1.44 54.48 7.84
C LEU B 356 2.83 55.00 7.51
N PHE B 357 3.78 54.11 7.25
CA PHE B 357 5.13 54.51 6.93
C PHE B 357 5.49 54.06 5.52
N PRO B 358 5.22 54.87 4.50
CA PRO B 358 5.42 54.40 3.11
C PRO B 358 6.87 54.35 2.68
N ASP B 359 7.76 55.02 3.40
CA ASP B 359 9.18 55.05 3.02
C ASP B 359 9.96 53.86 3.56
N SER B 360 9.32 52.95 4.28
CA SER B 360 10.01 51.82 4.88
C SER B 360 9.19 50.55 4.73
N ASN B 361 9.83 49.52 4.18
CA ASN B 361 9.31 48.16 4.21
C ASN B 361 9.72 47.58 5.56
N LEU B 362 8.78 46.96 6.26
CA LEU B 362 9.09 46.39 7.57
C LEU B 362 9.98 45.16 7.41
N GLU B 363 9.86 44.45 6.29
CA GLU B 363 10.65 43.25 6.06
C GLU B 363 12.02 43.63 5.49
N ALA B 364 12.71 44.56 6.15
CA ALA B 364 14.09 44.90 5.88
C ALA B 364 14.76 45.08 7.22
N VAL B 365 13.95 45.31 8.25
CA VAL B 365 14.40 45.51 9.62
C VAL B 365 14.96 44.19 10.13
N LEU B 366 16.23 44.19 10.51
CA LEU B 366 16.96 42.95 10.72
C LEU B 366 17.03 42.59 12.21
N ASN B 367 16.88 41.31 12.49
CA ASN B 367 17.22 40.66 13.75
C ASN B 367 18.68 40.92 14.10
N ASN B 368 19.03 40.87 15.38
CA ASN B 368 20.44 41.05 15.77
C ASN B 368 21.33 39.86 15.41
N ASP B 369 20.76 38.78 14.87
CA ASP B 369 21.54 37.75 14.20
C ASP B 369 21.77 38.10 12.74
N GLY B 370 21.18 39.20 12.28
CA GLY B 370 21.34 39.63 10.90
C GLY B 370 20.18 39.21 10.03
N LEU B 371 19.30 38.36 10.56
CA LEU B 371 18.26 37.75 9.76
C LEU B 371 17.12 38.71 9.47
N SER B 372 16.43 38.47 8.36
CA SER B 372 15.19 39.09 7.97
C SER B 372 14.04 38.14 8.32
N PRO B 373 12.75 38.60 8.27
CA PRO B 373 11.66 37.66 8.50
C PRO B 373 11.54 36.52 7.49
N LEU B 374 12.17 36.65 6.33
CA LEU B 374 12.25 35.54 5.38
C LEU B 374 13.38 34.59 5.73
N MET B 375 14.58 35.11 6.01
CA MET B 375 15.71 34.27 6.37
C MET B 375 15.54 33.58 7.72
N MET B 376 14.73 34.13 8.61
CA MET B 376 14.42 33.46 9.86
C MET B 376 13.48 32.28 9.65
N ALA B 377 12.67 32.32 8.61
CA ALA B 377 11.79 31.21 8.26
C ALA B 377 12.50 30.12 7.50
N ALA B 378 13.67 30.38 6.95
CA ALA B 378 14.48 29.37 6.28
C ALA B 378 15.49 28.71 7.21
N LYS B 379 16.05 29.46 8.15
CA LYS B 379 16.98 28.89 9.11
C LYS B 379 16.28 27.98 10.11
N THR B 380 15.06 28.32 10.52
CA THR B 380 14.32 27.52 11.48
C THR B 380 13.34 26.55 10.83
N GLY B 381 13.15 26.62 9.52
CA GLY B 381 12.31 25.68 8.82
C GLY B 381 10.83 25.82 9.11
N LYS B 382 10.22 26.91 8.68
CA LYS B 382 8.81 27.18 8.91
C LYS B 382 8.11 27.33 7.57
N ILE B 383 7.69 26.21 6.96
CA ILE B 383 6.89 26.36 5.75
C ILE B 383 5.40 26.44 6.05
N GLY B 384 4.97 27.57 6.58
CA GLY B 384 3.66 28.09 6.30
C GLY B 384 3.88 29.54 5.93
N ILE B 385 4.94 30.09 6.51
CA ILE B 385 5.30 31.48 6.31
C ILE B 385 6.45 31.62 5.33
N PHE B 386 7.17 30.53 5.03
CA PHE B 386 8.19 30.61 4.01
C PHE B 386 7.55 30.59 2.63
N GLN B 387 6.51 29.79 2.44
CA GLN B 387 5.79 29.79 1.18
C GLN B 387 5.09 31.12 0.97
N HIS B 388 4.36 31.59 1.98
CA HIS B 388 3.48 32.74 1.84
C HIS B 388 4.25 34.03 1.60
N ILE B 389 5.48 34.13 2.11
CA ILE B 389 6.32 35.27 1.79
C ILE B 389 6.81 35.17 0.36
N ILE B 390 7.31 33.99 -0.02
CA ILE B 390 8.04 33.85 -1.27
C ILE B 390 7.12 33.89 -2.49
N ARG B 391 5.81 33.82 -2.29
CA ARG B 391 4.86 33.95 -3.40
C ARG B 391 3.84 35.04 -3.10
N ARG B 392 4.20 35.98 -2.23
CA ARG B 392 3.29 37.04 -1.77
C ARG B 392 2.97 37.98 -2.93
N GLU B 393 1.69 38.21 -3.14
CA GLU B 393 1.20 39.03 -4.26
C GLU B 393 0.11 39.96 -3.73
N VAL B 394 0.49 41.20 -3.43
CA VAL B 394 -0.46 42.21 -2.97
C VAL B 394 -1.04 42.87 -4.21
N THR B 395 -2.35 42.76 -4.40
CA THR B 395 -2.99 43.11 -5.65
C THR B 395 -3.26 44.60 -5.80
N ASP B 396 -3.05 45.39 -4.75
CA ASP B 396 -3.42 46.80 -4.75
C ASP B 396 -2.49 47.65 -5.61
N GLU B 397 -2.72 48.96 -5.65
CA GLU B 397 -1.85 49.85 -6.40
C GLU B 397 -1.10 50.76 -5.44
N ASP B 398 -1.62 50.92 -4.22
CA ASP B 398 -0.93 51.68 -3.21
C ASP B 398 0.23 50.90 -2.60
N THR B 399 0.09 49.59 -2.48
CA THR B 399 1.08 48.73 -1.85
C THR B 399 1.43 47.57 -2.78
N ARG B 400 1.58 47.86 -4.07
CA ARG B 400 1.97 46.84 -5.03
C ARG B 400 3.43 46.44 -4.87
N HIS B 401 4.27 47.34 -4.36
CA HIS B 401 5.70 47.08 -4.24
C HIS B 401 6.04 46.07 -3.16
N LEU B 402 5.07 45.66 -2.34
CA LEU B 402 5.31 44.66 -1.32
C LEU B 402 5.25 43.24 -1.85
N SER B 403 4.83 43.04 -3.10
CA SER B 403 4.65 41.71 -3.62
C SER B 403 6.00 41.08 -3.94
N ARG B 404 5.98 39.77 -4.20
CA ARG B 404 7.19 39.09 -4.63
C ARG B 404 6.91 38.18 -5.82
N LYS B 405 5.63 37.99 -6.19
CA LYS B 405 5.27 37.25 -7.40
C LYS B 405 4.49 38.19 -8.30
N PHE B 406 5.16 38.77 -9.29
CA PHE B 406 4.49 39.64 -10.23
C PHE B 406 4.13 38.88 -11.49
N LYS B 407 2.92 39.10 -11.98
CA LYS B 407 2.49 38.54 -13.25
C LYS B 407 2.90 39.46 -14.37
N ASP B 408 3.74 38.99 -15.28
CA ASP B 408 4.33 39.85 -16.28
C ASP B 408 3.48 40.02 -17.52
N TRP B 409 2.93 38.94 -18.06
CA TRP B 409 1.99 39.04 -19.17
C TRP B 409 0.99 37.90 -19.08
N ALA B 410 -0.05 37.99 -19.90
CA ALA B 410 -1.05 36.94 -20.02
C ALA B 410 -1.72 37.03 -21.38
N TYR B 411 -1.79 35.92 -22.11
CA TYR B 411 -2.51 35.86 -23.37
C TYR B 411 -3.42 34.66 -23.35
N GLY B 412 -4.65 34.86 -22.90
CA GLY B 412 -5.54 33.75 -22.68
C GLY B 412 -5.06 32.91 -21.52
N PRO B 413 -5.09 31.59 -21.68
CA PRO B 413 -4.74 30.68 -20.59
C PRO B 413 -3.26 30.36 -20.52
N VAL B 414 -2.42 31.39 -20.60
CA VAL B 414 -1.00 31.25 -20.34
C VAL B 414 -0.46 32.56 -19.79
N TYR B 415 0.13 32.52 -18.61
CA TYR B 415 0.66 33.71 -17.98
C TYR B 415 2.09 33.47 -17.51
N SER B 416 2.78 34.58 -17.26
CA SER B 416 4.19 34.58 -16.91
C SER B 416 4.36 35.27 -15.57
N SER B 417 4.59 34.49 -14.53
CA SER B 417 4.78 35.02 -13.19
C SER B 417 6.27 35.21 -12.93
N LEU B 418 6.62 36.31 -12.29
CA LEU B 418 8.00 36.66 -11.98
C LEU B 418 8.19 36.68 -10.47
N TYR B 419 8.80 35.62 -9.95
CA TYR B 419 9.16 35.54 -8.54
C TYR B 419 10.30 36.50 -8.26
N ASP B 420 10.44 36.99 -7.04
CA ASP B 420 11.41 38.04 -6.74
C ASP B 420 12.62 37.47 -6.03
N LEU B 421 13.72 37.34 -6.75
CA LEU B 421 15.00 36.96 -6.17
C LEU B 421 15.72 38.18 -5.62
N SER B 422 15.43 38.57 -4.39
CA SER B 422 16.04 39.75 -3.80
C SER B 422 16.78 39.35 -2.55
N SER B 423 16.48 38.16 -2.05
CA SER B 423 17.24 37.56 -0.96
C SER B 423 17.54 36.11 -1.30
N LEU B 424 16.75 35.53 -2.19
CA LEU B 424 16.90 34.15 -2.64
C LEU B 424 18.19 33.90 -3.38
N ASP B 425 18.67 34.87 -4.14
CA ASP B 425 19.91 34.69 -4.89
C ASP B 425 20.67 36.00 -4.93
N THR B 426 21.54 36.21 -3.96
CA THR B 426 22.37 37.39 -3.84
C THR B 426 23.81 36.90 -3.88
N CYS B 427 24.41 36.94 -5.07
CA CYS B 427 25.73 36.36 -5.27
C CYS B 427 26.83 37.16 -4.60
N GLY B 428 27.34 36.66 -3.49
CA GLY B 428 28.51 37.22 -2.83
C GLY B 428 28.28 38.42 -1.95
N GLU B 429 27.64 39.46 -2.49
CA GLU B 429 27.66 40.77 -1.85
C GLU B 429 26.57 40.96 -0.81
N GLU B 430 25.86 39.89 -0.45
CA GLU B 430 24.77 39.97 0.52
C GLU B 430 24.53 38.57 1.07
N ALA B 431 23.88 38.46 2.23
CA ALA B 431 23.51 37.18 2.79
C ALA B 431 22.29 36.63 2.06
N SER B 432 22.29 35.33 1.85
CA SER B 432 21.32 34.66 0.99
C SER B 432 20.33 33.86 1.82
N VAL B 433 19.14 33.67 1.26
CA VAL B 433 18.20 32.67 1.77
C VAL B 433 18.61 31.27 1.36
N LEU B 434 19.09 31.11 0.13
CA LEU B 434 19.41 29.79 -0.43
C LEU B 434 20.65 29.19 0.22
N GLU B 435 21.62 30.01 0.62
CA GLU B 435 22.79 29.50 1.33
C GLU B 435 22.44 29.12 2.76
N ILE B 436 21.49 29.83 3.37
CA ILE B 436 21.01 29.51 4.70
C ILE B 436 20.20 28.22 4.64
N LEU B 437 19.36 28.10 3.61
CA LEU B 437 18.42 27.00 3.53
C LEU B 437 19.11 25.68 3.19
N VAL B 438 20.24 25.73 2.48
CA VAL B 438 20.93 24.50 2.11
C VAL B 438 21.97 24.10 3.14
N TYR B 439 22.69 25.05 3.72
CA TYR B 439 23.71 24.74 4.70
C TYR B 439 23.26 24.86 6.14
N ASN B 440 22.63 25.97 6.53
CA ASN B 440 22.42 26.30 7.94
C ASN B 440 20.97 26.08 8.37
N SER B 441 20.32 25.05 7.88
CA SER B 441 18.90 24.86 8.15
C SER B 441 18.66 23.60 8.99
N LYS B 442 17.39 23.40 9.32
CA LYS B 442 16.94 22.21 10.06
C LYS B 442 16.62 21.11 9.06
N ILE B 443 17.36 19.99 9.13
CA ILE B 443 17.36 19.05 8.01
C ILE B 443 16.11 18.20 7.93
N GLU B 444 15.25 18.23 8.96
CA GLU B 444 14.01 17.45 8.90
C GLU B 444 13.00 18.07 7.97
N ASN B 445 13.20 19.33 7.57
CA ASN B 445 12.28 20.06 6.73
C ASN B 445 12.96 20.74 5.55
N ARG B 446 14.28 20.62 5.40
CA ARG B 446 14.97 21.35 4.35
C ARG B 446 14.76 20.73 2.97
N HIS B 447 14.14 19.55 2.88
CA HIS B 447 13.83 18.97 1.59
C HIS B 447 12.47 19.39 1.06
N GLU B 448 11.62 19.95 1.93
CA GLU B 448 10.35 20.53 1.51
C GLU B 448 10.46 22.04 1.35
N MET B 449 11.60 22.60 1.67
CA MET B 449 11.88 24.00 1.35
C MET B 449 12.67 24.14 0.06
N LEU B 450 13.33 23.07 -0.39
CA LEU B 450 13.83 23.04 -1.76
C LEU B 450 12.82 22.43 -2.72
N ALA B 451 11.56 22.84 -2.60
CA ALA B 451 10.55 22.40 -3.56
C ALA B 451 9.51 23.47 -3.84
N VAL B 452 9.64 24.66 -3.25
CA VAL B 452 8.69 25.73 -3.50
C VAL B 452 9.08 26.36 -4.83
N GLU B 453 8.14 27.06 -5.45
CA GLU B 453 8.18 27.41 -6.87
C GLU B 453 9.39 28.21 -7.37
N PRO B 454 9.93 29.22 -6.67
CA PRO B 454 11.14 29.85 -7.22
C PRO B 454 12.42 29.11 -6.88
N ILE B 455 12.42 28.25 -5.86
CA ILE B 455 13.65 27.62 -5.38
C ILE B 455 14.06 26.44 -6.25
N ASN B 456 13.11 25.55 -6.53
CA ASN B 456 13.39 24.32 -7.28
C ASN B 456 13.83 24.61 -8.72
N GLU B 457 13.13 25.52 -9.40
CA GLU B 457 13.57 25.94 -10.73
C GLU B 457 14.79 26.85 -10.70
N LEU B 458 15.20 27.34 -9.53
CA LEU B 458 16.44 28.11 -9.48
C LEU B 458 17.65 27.20 -9.55
N LEU B 459 17.59 26.05 -8.87
CA LEU B 459 18.74 25.15 -8.80
C LEU B 459 18.99 24.46 -10.13
N ARG B 460 17.92 24.11 -10.84
CA ARG B 460 18.04 23.56 -12.19
C ARG B 460 18.62 24.60 -13.13
N ASP B 461 18.18 25.85 -13.01
CA ASP B 461 18.73 26.91 -13.84
C ASP B 461 20.14 27.32 -13.42
N LYS B 462 20.55 27.02 -12.19
CA LYS B 462 21.95 27.13 -11.81
C LYS B 462 22.74 25.87 -12.13
N TRP B 463 22.05 24.78 -12.49
CA TRP B 463 22.72 23.57 -12.95
C TRP B 463 23.01 23.63 -14.44
N ARG B 464 22.12 24.27 -15.20
CA ARG B 464 22.29 24.41 -16.64
C ARG B 464 23.45 25.34 -16.99
N LYS B 465 23.57 26.45 -16.26
CA LYS B 465 24.55 27.46 -16.60
C LYS B 465 25.96 27.04 -16.21
N PHE B 466 26.19 26.81 -14.93
CA PHE B 466 27.53 26.48 -14.45
C PHE B 466 27.55 25.26 -13.55
N GLY B 467 26.39 24.71 -13.20
CA GLY B 467 26.35 23.60 -12.27
C GLY B 467 26.79 22.30 -12.90
N ALA B 468 26.26 21.97 -14.07
CA ALA B 468 26.58 20.72 -14.74
C ALA B 468 28.02 20.72 -15.23
N VAL B 469 28.39 21.73 -16.01
CA VAL B 469 29.67 21.78 -16.72
C VAL B 469 30.84 21.81 -15.75
N SER B 470 30.78 22.65 -14.73
CA SER B 470 31.88 22.77 -13.78
C SER B 470 31.94 21.64 -12.77
N PHE B 471 30.91 20.78 -12.73
CA PHE B 471 31.00 19.59 -11.88
C PHE B 471 31.73 18.47 -12.57
N TYR B 472 31.56 18.33 -13.89
CA TYR B 472 32.25 17.27 -14.61
C TYR B 472 33.65 17.66 -15.01
N ILE B 473 34.04 18.92 -14.78
CA ILE B 473 35.47 19.26 -14.83
C ILE B 473 36.18 18.62 -13.66
N ASN B 474 35.53 18.54 -12.50
CA ASN B 474 36.16 17.97 -11.30
C ASN B 474 36.32 16.46 -11.39
N VAL B 475 35.32 15.77 -11.96
CA VAL B 475 35.36 14.31 -12.00
C VAL B 475 36.36 13.85 -13.05
N VAL B 476 36.70 14.71 -14.01
CA VAL B 476 37.79 14.38 -14.92
C VAL B 476 39.09 14.99 -14.44
N SER B 477 39.04 15.71 -13.31
CA SER B 477 40.29 16.19 -12.71
C SER B 477 40.64 15.37 -11.48
N TYR B 478 39.64 14.89 -10.75
CA TYR B 478 39.92 14.10 -9.56
C TYR B 478 40.35 12.69 -9.95
N LEU B 479 39.62 12.08 -10.89
CA LEU B 479 39.99 10.77 -11.42
C LEU B 479 41.35 10.82 -12.10
N CYS B 480 41.60 11.88 -12.86
CA CYS B 480 42.91 12.07 -13.47
C CYS B 480 43.94 12.63 -12.50
N ALA B 481 43.59 12.82 -11.24
CA ALA B 481 44.59 12.95 -10.18
C ALA B 481 44.67 11.71 -9.31
N MET B 482 43.87 10.69 -9.63
CA MET B 482 44.00 9.41 -8.95
C MET B 482 44.63 8.35 -9.85
N VAL B 483 44.58 8.54 -11.16
CA VAL B 483 45.42 7.74 -12.05
C VAL B 483 46.89 8.04 -11.79
N ILE B 484 47.21 9.33 -11.61
CA ILE B 484 48.57 9.80 -11.35
C ILE B 484 49.05 9.28 -10.00
N PHE B 485 48.16 9.26 -9.02
CA PHE B 485 48.49 8.75 -7.70
C PHE B 485 48.64 7.23 -7.72
N THR B 486 47.92 6.56 -8.62
CA THR B 486 48.03 5.11 -8.76
C THR B 486 49.38 4.71 -9.35
N LEU B 487 49.74 5.31 -10.50
CA LEU B 487 50.98 5.03 -11.21
C LEU B 487 52.23 5.28 -10.39
N THR B 488 52.21 6.27 -9.50
CA THR B 488 53.39 6.54 -8.68
C THR B 488 53.41 5.68 -7.43
N ALA B 489 52.35 4.89 -7.22
CA ALA B 489 52.38 3.88 -6.17
C ALA B 489 52.80 2.54 -6.75
N TYR B 490 52.44 2.30 -8.02
CA TYR B 490 52.80 1.06 -8.69
C TYR B 490 54.25 1.09 -9.15
N TYR B 491 54.75 2.25 -9.57
CA TYR B 491 56.15 2.39 -9.95
C TYR B 491 56.99 2.82 -8.76
N GLN B 492 56.86 2.11 -7.65
CA GLN B 492 57.57 2.47 -6.41
C GLN B 492 58.67 1.46 -6.16
N PRO B 493 59.93 1.89 -6.03
CA PRO B 493 61.02 0.94 -5.74
C PRO B 493 60.96 0.42 -4.31
N LEU B 494 60.73 -0.89 -4.17
CA LEU B 494 60.57 -1.53 -2.86
C LEU B 494 61.90 -2.14 -2.43
N GLU B 495 62.86 -1.29 -2.06
CA GLU B 495 64.15 -1.77 -1.59
C GLU B 495 64.84 -0.78 -0.66
N GLY B 496 65.39 -1.28 0.45
CA GLY B 496 66.37 -0.55 1.24
C GLY B 496 65.87 0.62 2.05
N THR B 497 66.55 1.75 1.86
CA THR B 497 66.25 3.02 2.53
C THR B 497 65.90 4.03 1.44
N PRO B 498 64.88 4.88 1.66
CA PRO B 498 63.97 5.36 0.56
C PRO B 498 64.69 5.96 -0.63
N PRO B 499 64.24 5.64 -1.86
CA PRO B 499 65.02 5.98 -3.06
C PRO B 499 65.01 7.46 -3.43
N TYR B 500 65.70 8.28 -2.64
CA TYR B 500 65.91 9.68 -2.97
C TYR B 500 66.72 9.91 -4.26
N PRO B 501 67.84 9.17 -4.58
CA PRO B 501 68.52 9.43 -5.86
C PRO B 501 67.74 8.91 -7.05
N TYR B 502 66.80 9.71 -7.57
CA TYR B 502 65.99 9.35 -8.72
C TYR B 502 66.83 9.14 -9.97
N ARG B 503 67.42 10.22 -10.49
CA ARG B 503 68.46 10.23 -11.52
C ARG B 503 68.04 9.67 -12.88
N THR B 504 66.80 9.23 -13.04
CA THR B 504 66.30 8.69 -14.29
C THR B 504 64.97 9.31 -14.65
N THR B 505 64.62 9.30 -15.94
CA THR B 505 63.36 9.93 -16.38
C THR B 505 62.14 9.11 -15.96
N VAL B 506 62.34 7.84 -15.60
CA VAL B 506 61.26 7.00 -15.10
C VAL B 506 61.03 7.31 -13.63
N ASP B 507 62.02 7.92 -12.98
CA ASP B 507 61.87 8.28 -11.58
C ASP B 507 61.64 9.78 -11.41
N TYR B 508 61.88 10.55 -12.47
CA TYR B 508 61.59 11.97 -12.44
C TYR B 508 60.09 12.22 -12.47
N LEU B 509 59.36 11.40 -13.23
CA LEU B 509 57.91 11.52 -13.29
C LEU B 509 57.27 11.02 -12.00
N ARG B 510 57.97 10.13 -11.28
CA ARG B 510 57.50 9.80 -9.93
C ARG B 510 57.73 10.95 -8.96
N LEU B 511 58.82 11.68 -9.10
CA LEU B 511 59.05 12.88 -8.31
C LEU B 511 58.02 13.95 -8.65
N ALA B 512 57.71 14.12 -9.93
CA ALA B 512 56.63 15.02 -10.32
C ALA B 512 55.27 14.44 -9.96
N GLY B 513 55.19 13.13 -9.74
CA GLY B 513 53.94 12.49 -9.38
C GLY B 513 53.67 12.40 -7.89
N GLU B 514 54.73 12.50 -7.06
CA GLU B 514 54.51 12.42 -5.62
C GLU B 514 54.40 13.83 -5.02
N VAL B 515 54.51 14.86 -5.86
CA VAL B 515 54.27 16.23 -5.42
C VAL B 515 52.80 16.55 -5.65
N ILE B 516 52.26 16.11 -6.80
CA ILE B 516 50.83 16.21 -7.12
C ILE B 516 50.03 15.42 -6.09
N THR B 517 50.62 14.31 -5.62
CA THR B 517 50.13 13.61 -4.43
C THR B 517 50.04 14.54 -3.22
N LEU B 518 51.13 15.24 -2.92
CA LEU B 518 51.14 16.11 -1.75
C LEU B 518 50.38 17.41 -2.02
N PHE B 519 50.25 17.80 -3.28
CA PHE B 519 49.48 19.01 -3.60
C PHE B 519 47.99 18.76 -3.40
N THR B 520 47.51 17.58 -3.78
CA THR B 520 46.12 17.23 -3.48
C THR B 520 45.95 16.86 -2.02
N GLY B 521 47.02 16.45 -1.35
CA GLY B 521 46.91 16.10 0.05
C GLY B 521 46.76 17.33 0.94
N VAL B 522 47.33 18.46 0.51
CA VAL B 522 47.31 19.65 1.36
C VAL B 522 46.11 20.53 1.03
N LEU B 523 45.59 20.43 -0.21
CA LEU B 523 44.36 21.13 -0.55
C LEU B 523 43.18 20.50 0.16
N PHE B 524 43.21 19.18 0.33
CA PHE B 524 42.14 18.50 1.04
C PHE B 524 42.32 18.64 2.54
N PHE B 525 43.47 19.17 2.97
CA PHE B 525 43.65 19.66 4.33
C PHE B 525 43.20 21.12 4.43
N PHE B 526 43.43 21.90 3.40
CA PHE B 526 43.09 23.31 3.41
C PHE B 526 41.59 23.51 3.25
N THR B 527 41.04 23.05 2.13
CA THR B 527 39.67 23.37 1.76
C THR B 527 38.64 22.67 2.64
N ASN B 528 39.01 21.56 3.28
CA ASN B 528 38.07 20.85 4.12
C ASN B 528 37.91 21.54 5.47
N ILE B 529 39.02 22.02 6.03
CA ILE B 529 38.98 22.64 7.36
C ILE B 529 38.37 24.04 7.28
N LYS B 530 38.69 24.77 6.22
CA LYS B 530 38.14 26.11 6.01
C LYS B 530 36.64 26.06 5.77
N ASP B 531 36.14 24.96 5.19
CA ASP B 531 34.70 24.76 5.12
C ASP B 531 34.11 24.43 6.48
N LEU B 532 34.73 23.50 7.19
CA LEU B 532 34.16 22.87 8.38
C LEU B 532 34.04 23.85 9.54
N PHE B 533 34.91 24.85 9.59
CA PHE B 533 34.86 25.85 10.65
C PHE B 533 33.94 27.02 10.33
N MET B 534 33.91 27.49 9.08
CA MET B 534 33.04 28.61 8.73
C MET B 534 31.62 28.15 8.47
N LYS B 535 31.44 27.34 7.42
CA LYS B 535 30.13 26.89 6.97
C LYS B 535 29.95 25.45 7.43
N LYS B 536 28.92 24.77 6.93
CA LYS B 536 28.77 23.31 6.83
C LYS B 536 28.45 22.60 8.13
N CYS B 537 28.53 23.31 9.29
CA CYS B 537 27.96 23.07 10.62
C CYS B 537 27.77 21.60 11.00
N PRO B 538 28.84 20.80 11.17
CA PRO B 538 28.66 19.34 11.30
C PRO B 538 27.97 18.90 12.58
N GLY B 539 27.24 17.79 12.51
CA GLY B 539 26.53 17.28 13.67
C GLY B 539 26.18 15.81 13.49
N VAL B 540 25.21 15.37 14.28
CA VAL B 540 24.71 14.01 14.22
C VAL B 540 23.76 13.82 13.04
N ASN B 541 23.18 14.90 12.55
CA ASN B 541 22.10 14.88 11.58
C ASN B 541 22.56 14.82 10.13
N SER B 542 23.60 15.55 9.75
CA SER B 542 23.93 15.78 8.35
C SER B 542 24.90 14.77 7.77
N LEU B 543 24.91 13.52 8.25
CA LEU B 543 25.93 12.56 7.81
C LEU B 543 25.79 12.18 6.35
N PHE B 544 24.56 11.98 5.88
CA PHE B 544 24.32 11.57 4.50
C PHE B 544 24.17 12.75 3.56
N ILE B 545 24.45 13.96 4.04
CA ILE B 545 24.24 15.22 3.32
C ILE B 545 25.60 15.91 3.24
N ASP B 546 26.63 15.12 2.89
CA ASP B 546 28.03 15.53 2.69
C ASP B 546 28.68 15.76 4.04
N GLY B 547 28.21 15.03 5.05
CA GLY B 547 28.89 15.00 6.34
C GLY B 547 29.82 13.81 6.46
N SER B 548 29.47 12.70 5.80
CA SER B 548 30.29 11.50 5.80
C SER B 548 31.61 11.73 5.09
N PHE B 549 31.58 12.44 3.97
CA PHE B 549 32.79 12.64 3.19
C PHE B 549 33.71 13.69 3.82
N GLN B 550 33.20 14.48 4.76
CA GLN B 550 34.08 15.33 5.54
C GLN B 550 34.98 14.51 6.43
N LEU B 551 34.50 13.34 6.89
CA LEU B 551 35.31 12.45 7.71
C LEU B 551 36.23 11.60 6.86
N LEU B 552 35.84 11.30 5.62
CA LEU B 552 36.68 10.43 4.79
C LEU B 552 37.69 11.20 3.95
N TYR B 553 37.38 12.44 3.57
CA TYR B 553 38.41 13.27 2.94
C TYR B 553 39.38 13.86 3.97
N PHE B 554 39.09 13.72 5.26
CA PHE B 554 40.05 14.17 6.26
C PHE B 554 41.00 13.04 6.65
N ILE B 555 40.53 11.79 6.57
CA ILE B 555 41.44 10.65 6.75
C ILE B 555 42.39 10.56 5.56
N TYR B 556 41.87 10.84 4.36
CA TYR B 556 42.74 10.96 3.19
C TYR B 556 43.65 12.17 3.29
N SER B 557 43.24 13.19 4.04
CA SER B 557 44.09 14.35 4.26
C SER B 557 45.28 14.01 5.16
N VAL B 558 45.04 13.21 6.20
CA VAL B 558 46.07 12.85 7.16
C VAL B 558 47.07 11.87 6.52
N LEU B 559 46.54 10.78 5.98
CA LEU B 559 47.30 9.64 5.48
C LEU B 559 48.28 9.96 4.36
N VAL B 560 47.97 10.96 3.52
CA VAL B 560 48.90 11.38 2.48
C VAL B 560 50.08 12.09 3.10
N ILE B 561 49.82 12.93 4.11
CA ILE B 561 50.86 13.69 4.79
C ILE B 561 51.74 12.75 5.62
N VAL B 562 51.11 11.79 6.28
CA VAL B 562 51.81 10.79 7.11
C VAL B 562 52.71 9.93 6.24
N SER B 563 52.24 9.60 5.02
CA SER B 563 53.05 8.85 4.07
C SER B 563 54.26 9.64 3.63
N ALA B 564 54.12 10.96 3.52
CA ALA B 564 55.26 11.82 3.24
C ALA B 564 56.18 11.92 4.45
N ALA B 565 55.58 11.98 5.65
CA ALA B 565 56.31 12.12 6.91
C ALA B 565 57.23 10.93 7.16
N LEU B 566 56.84 9.76 6.67
CA LEU B 566 57.71 8.60 6.71
C LEU B 566 58.71 8.65 5.56
N TYR B 567 58.27 9.09 4.38
CA TYR B 567 59.12 9.12 3.21
C TYR B 567 60.18 10.22 3.26
N LEU B 568 59.82 11.40 3.76
CA LEU B 568 60.79 12.48 3.87
C LEU B 568 61.79 12.19 5.00
N ALA B 569 61.37 11.37 5.97
CA ALA B 569 62.30 10.84 6.95
C ALA B 569 62.92 9.55 6.42
N GLY B 570 63.66 8.82 7.26
CA GLY B 570 64.35 7.62 6.83
C GLY B 570 63.52 6.36 6.87
N ILE B 571 62.27 6.46 7.34
CA ILE B 571 61.43 5.29 7.59
C ILE B 571 60.91 4.71 6.28
N GLU B 572 61.11 3.40 6.09
CA GLU B 572 60.71 2.68 4.90
C GLU B 572 59.27 2.11 5.03
N ALA B 573 58.56 2.48 6.09
CA ALA B 573 57.19 2.00 6.27
C ALA B 573 56.18 2.92 5.59
N TYR B 574 56.60 3.61 4.53
CA TYR B 574 55.75 4.56 3.83
C TYR B 574 54.96 3.88 2.72
N LEU B 575 55.02 2.55 2.66
CA LEU B 575 54.12 1.81 1.76
C LEU B 575 52.91 1.23 2.45
N ALA B 576 52.84 1.24 3.78
CA ALA B 576 51.64 0.82 4.47
C ALA B 576 50.62 1.94 4.44
N VAL B 577 51.05 3.15 4.78
CA VAL B 577 50.15 4.29 4.93
C VAL B 577 49.70 4.78 3.56
N MET B 578 50.61 4.71 2.57
CA MET B 578 50.32 5.11 1.20
C MET B 578 49.21 4.27 0.58
N VAL B 579 49.17 2.98 0.92
CA VAL B 579 48.19 2.10 0.29
C VAL B 579 46.87 2.15 1.04
N PHE B 580 46.90 2.63 2.29
CA PHE B 580 45.64 3.01 2.93
C PHE B 580 45.06 4.26 2.29
N ALA B 581 45.91 5.11 1.72
CA ALA B 581 45.42 6.29 1.04
C ALA B 581 44.87 5.94 -0.34
N LEU B 582 45.47 4.94 -0.99
CA LEU B 582 45.08 4.60 -2.36
C LEU B 582 43.75 3.87 -2.41
N VAL B 583 43.36 3.19 -1.33
CA VAL B 583 42.02 2.61 -1.32
C VAL B 583 40.98 3.66 -0.99
N LEU B 584 41.37 4.72 -0.26
CA LEU B 584 40.42 5.78 0.07
C LEU B 584 40.10 6.63 -1.14
N GLY B 585 41.13 7.11 -1.82
CA GLY B 585 40.96 8.03 -2.93
C GLY B 585 40.21 7.51 -4.13
N TRP B 586 39.98 6.20 -4.19
CA TRP B 586 39.08 5.61 -5.16
C TRP B 586 37.73 5.30 -4.55
N MET B 587 37.66 5.08 -3.23
CA MET B 587 36.36 5.08 -2.56
C MET B 587 35.80 6.49 -2.42
N ASN B 588 36.67 7.50 -2.36
CA ASN B 588 36.22 8.88 -2.24
C ASN B 588 35.78 9.48 -3.56
N ALA B 589 35.85 8.74 -4.66
CA ALA B 589 35.26 9.18 -5.91
C ALA B 589 33.81 8.73 -6.05
N LEU B 590 33.21 8.24 -4.96
CA LEU B 590 31.76 8.09 -4.89
C LEU B 590 31.07 9.38 -4.47
N TYR B 591 31.84 10.42 -4.16
CA TYR B 591 31.28 11.76 -4.04
C TYR B 591 30.65 12.19 -5.35
N PHE B 592 31.30 11.84 -6.46
CA PHE B 592 30.92 12.34 -7.77
C PHE B 592 29.87 11.49 -8.44
N THR B 593 29.21 10.62 -7.68
CA THR B 593 27.99 9.96 -8.12
C THR B 593 26.77 10.82 -7.87
N ARG B 594 26.96 11.98 -7.23
CA ARG B 594 25.93 12.92 -6.84
C ARG B 594 25.55 13.88 -7.96
N GLY B 595 25.94 13.58 -9.18
CA GLY B 595 25.57 14.40 -10.31
C GLY B 595 24.34 13.86 -11.02
N LEU B 596 24.09 12.56 -10.87
CA LEU B 596 22.93 11.92 -11.48
C LEU B 596 22.02 11.43 -10.36
N LYS B 597 20.71 11.42 -10.62
CA LYS B 597 19.77 10.91 -9.64
C LYS B 597 19.84 9.40 -9.52
N LEU B 598 20.08 8.68 -10.62
CA LEU B 598 19.99 7.24 -10.59
C LEU B 598 21.29 6.57 -10.17
N THR B 599 22.39 7.31 -10.12
CA THR B 599 23.59 6.87 -9.42
C THR B 599 23.68 7.45 -8.03
N GLY B 600 23.06 8.61 -7.81
CA GLY B 600 23.14 9.25 -6.51
C GLY B 600 22.29 8.58 -5.46
N THR B 601 21.11 8.12 -5.83
CA THR B 601 20.27 7.40 -4.88
C THR B 601 20.73 5.97 -4.65
N TYR B 602 21.64 5.47 -5.48
CA TYR B 602 22.23 4.15 -5.27
C TYR B 602 23.42 4.23 -4.33
N SER B 603 24.22 5.28 -4.45
CA SER B 603 25.39 5.44 -3.60
C SER B 603 25.05 5.85 -2.18
N ILE B 604 23.82 6.30 -1.91
CA ILE B 604 23.39 6.57 -0.55
C ILE B 604 22.98 5.31 0.18
N MET B 605 22.31 4.38 -0.50
CA MET B 605 21.97 3.08 0.06
C MET B 605 23.19 2.26 0.41
N ILE B 606 24.32 2.48 -0.26
CA ILE B 606 25.59 1.86 0.11
C ILE B 606 26.08 2.39 1.45
N GLN B 607 25.75 3.64 1.78
CA GLN B 607 26.11 4.18 3.08
C GLN B 607 25.14 3.73 4.17
N LYS B 608 23.85 3.69 3.87
CA LYS B 608 22.87 3.25 4.87
C LYS B 608 22.92 1.76 5.13
N ILE B 609 23.48 0.99 4.21
CA ILE B 609 23.66 -0.44 4.45
C ILE B 609 24.95 -0.62 5.23
N LEU B 610 25.80 0.40 5.25
CA LEU B 610 27.08 0.31 5.92
C LEU B 610 26.97 0.93 7.31
N PHE B 611 26.51 2.17 7.38
CA PHE B 611 26.51 2.86 8.67
C PHE B 611 25.38 2.38 9.57
N LYS B 612 24.27 1.91 9.00
CA LYS B 612 23.23 1.32 9.82
C LYS B 612 23.31 -0.21 9.85
N ASP B 613 23.23 -0.86 8.69
CA ASP B 613 23.01 -2.30 8.66
C ASP B 613 24.27 -3.13 8.41
N LEU B 614 25.43 -2.63 8.85
CA LEU B 614 26.62 -3.47 8.77
C LEU B 614 27.34 -3.57 10.11
N PHE B 615 27.29 -2.56 10.97
CA PHE B 615 27.75 -2.75 12.33
C PHE B 615 26.72 -3.47 13.16
N ARG B 616 25.47 -3.49 12.69
CA ARG B 616 24.42 -4.29 13.29
C ARG B 616 24.73 -5.78 13.17
N PHE B 617 25.07 -6.23 11.97
CA PHE B 617 25.44 -7.62 11.74
C PHE B 617 26.76 -7.95 12.41
N LEU B 618 27.75 -7.06 12.28
CA LEU B 618 29.06 -7.30 12.87
C LEU B 618 29.04 -7.19 14.39
N LEU B 619 27.96 -6.66 14.96
CA LEU B 619 27.74 -6.81 16.39
C LEU B 619 27.45 -8.26 16.74
N VAL B 620 26.42 -8.84 16.13
CA VAL B 620 25.91 -10.15 16.48
C VAL B 620 26.87 -11.24 16.00
N TYR B 621 27.42 -11.05 14.79
CA TYR B 621 28.32 -12.05 14.21
C TYR B 621 29.67 -12.09 14.92
N LEU B 622 30.00 -11.03 15.66
CA LEU B 622 31.15 -11.06 16.56
C LEU B 622 30.71 -11.31 18.01
N LEU B 623 29.59 -12.00 18.20
CA LEU B 623 29.29 -12.68 19.46
C LEU B 623 29.38 -14.18 19.23
N PHE B 624 28.99 -14.63 18.04
CA PHE B 624 29.04 -16.05 17.72
C PHE B 624 30.47 -16.49 17.39
N MET B 625 31.24 -15.61 16.75
CA MET B 625 32.63 -15.92 16.45
C MET B 625 33.52 -15.73 17.68
N ILE B 626 33.04 -14.96 18.65
CA ILE B 626 33.72 -14.86 19.93
C ILE B 626 33.07 -15.90 20.85
N GLY B 627 32.08 -16.59 20.31
CA GLY B 627 31.36 -17.63 21.00
C GLY B 627 31.89 -18.99 20.64
N TYR B 628 31.27 -19.64 19.65
CA TYR B 628 31.54 -21.02 19.26
C TYR B 628 33.00 -21.26 18.92
N ALA B 629 33.68 -20.27 18.33
CA ALA B 629 35.07 -20.44 17.95
C ALA B 629 35.98 -20.49 19.16
N SER B 630 35.69 -19.69 20.18
CA SER B 630 36.44 -19.75 21.43
C SER B 630 36.01 -20.97 22.25
N ALA B 631 34.92 -21.61 21.85
CA ALA B 631 34.50 -22.86 22.47
C ALA B 631 35.19 -24.05 21.81
N LEU B 632 35.32 -24.02 20.49
CA LEU B 632 35.85 -25.19 19.77
C LEU B 632 37.36 -25.32 19.94
N VAL B 633 38.02 -24.26 20.38
CA VAL B 633 39.46 -24.34 20.66
C VAL B 633 39.68 -25.05 22.00
N SER B 634 38.63 -25.15 22.81
CA SER B 634 38.68 -26.00 23.99
C SER B 634 38.45 -27.46 23.66
N LEU B 635 37.97 -27.76 22.46
CA LEU B 635 37.95 -29.13 21.95
C LEU B 635 39.22 -29.37 21.11
N LEU B 636 40.35 -29.25 21.80
CA LEU B 636 41.65 -29.30 21.15
C LEU B 636 42.70 -29.59 22.22
N ASN B 637 43.68 -30.43 21.89
CA ASN B 637 44.77 -30.74 22.80
C ASN B 637 45.62 -29.51 23.11
N PRO B 638 46.03 -29.32 24.36
CA PRO B 638 46.79 -28.10 24.75
C PRO B 638 48.29 -28.23 24.53
N CYS B 639 48.66 -28.65 23.31
CA CYS B 639 50.02 -28.93 22.87
C CYS B 639 50.70 -29.94 23.80
N ALA B 640 50.18 -31.16 23.84
CA ALA B 640 50.72 -32.20 24.69
C ALA B 640 50.58 -33.56 24.04
N ARG B 661 48.69 -29.11 13.57
CA ARG B 661 48.94 -28.12 14.63
C ARG B 661 48.45 -28.66 15.97
N ASP B 662 49.05 -28.16 17.05
CA ASP B 662 48.69 -28.60 18.40
C ASP B 662 47.92 -27.54 19.17
N SER B 663 48.50 -26.34 19.34
CA SER B 663 47.89 -25.26 20.11
C SER B 663 48.59 -23.94 19.79
N GLU B 664 48.29 -22.90 20.58
CA GLU B 664 49.00 -21.60 20.60
C GLU B 664 48.77 -20.80 19.30
N THR B 665 47.87 -21.30 18.46
CA THR B 665 47.65 -20.75 17.13
C THR B 665 46.17 -20.50 16.90
N PHE B 666 45.54 -19.78 17.84
CA PHE B 666 44.10 -19.52 17.78
C PHE B 666 43.70 -18.65 16.58
N SER B 667 44.66 -17.91 16.02
CA SER B 667 44.39 -17.15 14.80
C SER B 667 44.20 -18.09 13.61
N THR B 668 44.89 -19.23 13.61
CA THR B 668 44.79 -20.19 12.52
C THR B 668 43.45 -20.90 12.54
N PHE B 669 42.88 -21.10 13.72
CA PHE B 669 41.55 -21.72 13.80
C PHE B 669 40.47 -20.74 13.36
N LEU B 670 40.74 -19.45 13.52
CA LEU B 670 39.82 -18.43 13.03
C LEU B 670 39.80 -18.41 11.51
N LEU B 671 40.94 -18.76 10.88
CA LEU B 671 40.94 -19.09 9.47
C LEU B 671 40.12 -20.34 9.20
N ASP B 672 40.32 -21.37 10.02
CA ASP B 672 39.73 -22.68 9.81
C ASP B 672 38.20 -22.68 9.96
N LEU B 673 37.69 -21.86 10.87
CA LEU B 673 36.25 -21.76 11.09
C LEU B 673 35.57 -21.12 9.89
N PHE B 674 36.13 -20.00 9.42
CA PHE B 674 35.53 -19.27 8.31
C PHE B 674 35.75 -20.01 6.99
N LYS B 675 36.76 -20.88 6.95
CA LYS B 675 37.06 -21.75 5.82
C LYS B 675 35.90 -22.69 5.54
N LEU B 676 35.29 -23.19 6.61
CA LEU B 676 34.30 -24.24 6.55
C LEU B 676 32.94 -23.75 6.07
N THR B 677 32.53 -22.57 6.54
CA THR B 677 31.17 -22.10 6.38
C THR B 677 30.84 -21.64 4.97
N ILE B 678 31.83 -21.15 4.22
CA ILE B 678 31.57 -20.57 2.91
C ILE B 678 31.89 -21.58 1.82
N GLY B 679 31.85 -22.87 2.17
CA GLY B 679 31.94 -23.93 1.18
C GLY B 679 33.32 -24.12 0.58
N MET B 680 34.37 -23.92 1.40
CA MET B 680 35.73 -24.22 0.96
C MET B 680 36.54 -24.86 2.08
N GLY B 681 35.87 -25.42 3.08
CA GLY B 681 36.55 -26.13 4.14
C GLY B 681 36.98 -27.52 3.72
N ASP B 682 37.62 -28.22 4.66
CA ASP B 682 38.22 -29.51 4.37
C ASP B 682 37.80 -30.58 5.37
N LEU B 683 37.35 -30.15 6.56
CA LEU B 683 37.01 -30.95 7.74
C LEU B 683 38.20 -31.73 8.29
N GLU B 684 39.44 -31.39 7.91
CA GLU B 684 40.61 -32.04 8.48
C GLU B 684 41.05 -31.37 9.77
N MET B 685 40.35 -30.31 10.19
CA MET B 685 40.75 -29.55 11.36
C MET B 685 40.22 -30.16 12.65
N LEU B 686 39.81 -31.43 12.60
CA LEU B 686 39.36 -32.20 13.76
C LEU B 686 40.48 -32.29 14.77
N SER B 687 41.63 -32.85 14.36
CA SER B 687 42.87 -32.95 15.14
C SER B 687 42.67 -33.67 16.48
N SER B 688 42.01 -34.83 16.43
CA SER B 688 41.95 -35.88 17.45
C SER B 688 41.10 -35.58 18.68
N THR B 689 40.73 -34.30 18.91
CA THR B 689 39.44 -33.85 19.48
C THR B 689 38.87 -34.69 20.62
N LYS B 690 39.38 -34.49 21.85
CA LYS B 690 39.05 -35.23 23.08
C LYS B 690 37.61 -35.71 23.23
N TYR B 691 36.65 -34.86 22.86
CA TYR B 691 35.31 -35.36 22.61
C TYR B 691 34.88 -35.02 21.19
N PRO B 692 34.94 -35.98 20.27
CA PRO B 692 34.82 -35.66 18.83
C PRO B 692 33.43 -35.29 18.38
N VAL B 693 32.39 -35.94 18.90
CA VAL B 693 31.04 -35.75 18.40
C VAL B 693 30.47 -34.42 18.87
N VAL B 694 31.06 -33.84 19.92
CA VAL B 694 30.73 -32.51 20.38
C VAL B 694 31.14 -31.50 19.31
N PHE B 695 32.30 -31.74 18.70
CA PHE B 695 32.86 -30.83 17.71
C PHE B 695 32.03 -30.78 16.44
N ILE B 696 31.33 -31.86 16.09
CA ILE B 696 30.46 -31.84 14.92
C ILE B 696 29.21 -31.02 15.21
N ILE B 697 28.56 -31.29 16.35
CA ILE B 697 27.21 -30.74 16.58
C ILE B 697 27.28 -29.25 16.89
N LEU B 698 28.42 -28.78 17.38
CA LEU B 698 28.58 -27.35 17.59
C LEU B 698 28.92 -26.64 16.29
N LEU B 699 29.74 -27.28 15.45
CA LEU B 699 30.13 -26.70 14.18
C LEU B 699 28.96 -26.68 13.19
N VAL B 700 28.15 -27.74 13.18
CA VAL B 700 27.00 -27.76 12.27
C VAL B 700 25.90 -26.85 12.80
N THR B 701 25.95 -26.52 14.10
CA THR B 701 25.13 -25.44 14.62
C THR B 701 25.62 -24.10 14.08
N TYR B 702 26.94 -23.92 14.01
CA TYR B 702 27.54 -22.68 13.51
C TYR B 702 27.27 -22.52 12.03
N ILE B 703 27.12 -23.63 11.30
CA ILE B 703 26.71 -23.58 9.90
C ILE B 703 25.29 -23.03 9.83
N ILE B 704 24.36 -23.69 10.51
CA ILE B 704 22.93 -23.48 10.25
C ILE B 704 22.46 -22.19 10.91
N LEU B 705 23.17 -21.72 11.93
CA LEU B 705 22.73 -20.51 12.62
C LEU B 705 23.20 -19.27 11.89
N THR B 706 24.41 -19.30 11.34
CA THR B 706 24.96 -18.12 10.68
C THR B 706 24.34 -17.89 9.31
N PHE B 707 23.77 -18.92 8.69
CA PHE B 707 22.99 -18.69 7.49
C PHE B 707 21.71 -17.93 7.80
N VAL B 708 21.11 -18.21 8.96
CA VAL B 708 19.91 -17.51 9.39
C VAL B 708 20.21 -16.03 9.60
N LEU B 709 21.37 -15.72 10.17
CA LEU B 709 21.84 -14.34 10.24
C LEU B 709 22.15 -13.80 8.85
N LEU B 710 22.71 -14.66 7.98
CA LEU B 710 22.99 -14.22 6.61
C LEU B 710 21.70 -14.08 5.81
N LEU B 711 20.69 -14.90 6.14
CA LEU B 711 19.36 -14.65 5.61
C LEU B 711 18.78 -13.36 6.20
N ASN B 712 19.06 -13.11 7.48
CA ASN B 712 18.48 -11.95 8.17
C ASN B 712 19.03 -10.64 7.64
N MET B 713 20.27 -10.67 7.13
CA MET B 713 20.81 -9.53 6.40
C MET B 713 20.06 -9.31 5.09
N LEU B 714 19.54 -10.37 4.51
CA LEU B 714 18.82 -10.22 3.25
C LEU B 714 17.37 -9.83 3.58
N ILE B 715 16.91 -10.17 4.78
CA ILE B 715 15.49 -9.98 5.11
C ILE B 715 15.23 -8.71 5.90
N ALA B 716 15.86 -8.56 7.07
CA ALA B 716 15.57 -7.41 7.95
C ALA B 716 15.98 -6.08 7.32
N LEU B 717 16.91 -6.15 6.39
CA LEU B 717 17.31 -4.99 5.59
C LEU B 717 16.26 -4.67 4.54
N MET B 718 15.67 -5.72 3.95
CA MET B 718 14.63 -5.58 2.93
C MET B 718 13.40 -4.82 3.43
N GLY B 719 12.98 -5.06 4.65
CA GLY B 719 11.82 -4.35 5.18
C GLY B 719 12.14 -2.97 5.68
N GLU B 720 13.24 -2.84 6.41
CA GLU B 720 13.58 -1.57 7.04
C GLU B 720 14.06 -0.56 6.01
N THR B 721 14.92 -0.96 5.09
CA THR B 721 15.44 0.03 4.14
C THR B 721 14.48 0.31 2.99
N VAL B 722 14.26 -0.66 2.10
CA VAL B 722 13.72 -0.31 0.78
C VAL B 722 12.21 -0.16 0.85
N GLY B 723 11.61 -0.51 1.98
CA GLY B 723 10.23 -0.16 2.24
C GLY B 723 10.06 1.32 2.48
N GLN B 724 11.15 2.00 2.84
CA GLN B 724 11.12 3.44 3.08
C GLN B 724 12.18 4.21 2.29
N VAL B 725 13.35 3.61 2.06
CA VAL B 725 14.49 4.39 1.56
C VAL B 725 14.36 4.62 0.06
N SER B 726 13.46 3.89 -0.61
CA SER B 726 13.24 4.14 -2.03
C SER B 726 12.49 5.44 -2.23
N LYS B 727 11.79 5.90 -1.19
CA LYS B 727 11.09 7.18 -1.19
C LYS B 727 11.86 8.21 -0.36
N GLU B 728 12.76 7.73 0.52
CA GLU B 728 13.48 8.62 1.42
C GLU B 728 14.79 9.10 0.83
N SER B 729 15.54 8.22 0.16
CA SER B 729 16.88 8.58 -0.30
C SER B 729 16.84 9.53 -1.48
N LYS B 730 15.67 9.68 -2.11
CA LYS B 730 15.53 10.65 -3.17
C LYS B 730 15.40 12.05 -2.58
N HIS B 731 15.07 12.14 -1.30
CA HIS B 731 15.07 13.41 -0.59
C HIS B 731 16.49 13.78 -0.20
N ILE B 732 17.24 12.82 0.33
CA ILE B 732 18.63 13.02 0.75
C ILE B 732 19.51 13.34 -0.46
N TRP B 733 19.19 12.76 -1.62
CA TRP B 733 19.95 13.08 -2.82
C TRP B 733 19.72 14.53 -3.25
N LYS B 734 18.47 14.99 -3.17
CA LYS B 734 18.15 16.37 -3.54
C LYS B 734 18.83 17.37 -2.61
N LEU B 735 19.06 16.96 -1.37
CA LEU B 735 19.84 17.78 -0.45
C LEU B 735 21.33 17.70 -0.77
N GLN B 736 21.81 16.59 -1.32
CA GLN B 736 23.19 16.50 -1.75
C GLN B 736 23.41 17.18 -3.10
N TRP B 737 22.38 17.20 -3.94
CA TRP B 737 22.51 17.82 -5.25
C TRP B 737 22.52 19.33 -5.13
N ALA B 738 21.68 19.88 -4.24
CA ALA B 738 21.61 21.31 -4.03
C ALA B 738 22.86 21.83 -3.32
N THR B 739 23.48 20.99 -2.51
CA THR B 739 24.68 21.38 -1.78
C THR B 739 25.86 21.46 -2.74
N THR B 740 25.84 20.62 -3.78
CA THR B 740 26.91 20.61 -4.77
C THR B 740 26.87 21.87 -5.61
N ILE B 741 25.67 22.29 -6.01
CA ILE B 741 25.51 23.50 -6.83
C ILE B 741 25.93 24.74 -6.06
N LEU B 742 25.61 24.79 -4.77
CA LEU B 742 26.01 25.91 -3.93
C LEU B 742 27.47 25.85 -3.53
N ASP B 743 28.13 24.71 -3.70
CA ASP B 743 29.58 24.63 -3.49
C ASP B 743 30.38 25.03 -4.72
N ILE B 744 29.85 24.79 -5.92
CA ILE B 744 30.51 25.25 -7.14
C ILE B 744 30.40 26.77 -7.30
N GLU B 745 29.25 27.34 -6.95
CA GLU B 745 29.03 28.79 -7.03
C GLU B 745 29.92 29.54 -6.04
N ARG B 746 30.02 29.03 -4.82
CA ARG B 746 30.70 29.72 -3.73
C ARG B 746 32.20 29.75 -3.95
N SER B 747 32.71 28.84 -4.78
CA SER B 747 34.14 28.82 -5.06
C SER B 747 34.52 29.86 -6.11
N PHE B 748 33.56 30.30 -6.91
CA PHE B 748 33.78 31.31 -7.93
C PHE B 748 34.04 32.66 -7.28
N PRO B 749 34.73 33.59 -7.95
CA PRO B 749 34.79 34.96 -7.44
C PRO B 749 33.48 35.69 -7.70
N VAL B 750 33.34 36.86 -7.06
CA VAL B 750 32.08 37.59 -7.00
C VAL B 750 31.66 38.08 -8.38
N PHE B 751 32.60 38.65 -9.14
CA PHE B 751 32.30 39.20 -10.46
C PHE B 751 31.95 38.10 -11.44
N LEU B 752 32.52 36.91 -11.26
CA LEU B 752 32.12 35.77 -12.07
C LEU B 752 30.74 35.28 -11.68
N ARG B 753 30.42 35.36 -10.39
CA ARG B 753 29.06 35.05 -9.93
C ARG B 753 28.07 36.10 -10.42
N LYS B 754 28.54 37.34 -10.59
CA LYS B 754 27.71 38.39 -11.16
C LYS B 754 27.59 38.30 -12.67
N ALA B 755 28.30 37.37 -13.30
CA ALA B 755 28.13 37.07 -14.71
C ALA B 755 27.15 35.94 -14.97
N PHE B 756 27.11 34.95 -14.09
CA PHE B 756 26.16 33.85 -14.18
C PHE B 756 24.93 34.05 -13.30
N ARG B 757 24.46 35.29 -13.13
CA ARG B 757 23.28 35.55 -12.31
C ARG B 757 22.04 34.93 -12.93
N SER B 758 21.48 33.93 -12.25
CA SER B 758 20.25 33.29 -12.67
C SER B 758 19.09 34.25 -12.42
N GLY B 759 18.34 34.56 -13.46
CA GLY B 759 17.30 35.55 -13.41
C GLY B 759 17.53 36.67 -14.40
N GLU B 760 16.71 37.71 -14.28
CA GLU B 760 16.73 38.81 -15.22
C GLU B 760 16.41 40.12 -14.51
N MET B 761 16.80 41.22 -15.13
CA MET B 761 16.32 42.53 -14.73
C MET B 761 14.94 42.77 -15.31
N VAL B 762 14.12 43.51 -14.56
CA VAL B 762 12.78 43.87 -15.01
C VAL B 762 12.36 45.15 -14.30
N THR B 763 11.59 46.01 -14.98
CA THR B 763 11.06 47.21 -14.37
C THR B 763 9.62 46.96 -13.90
N VAL B 764 9.49 46.68 -12.61
CA VAL B 764 8.23 46.23 -12.05
C VAL B 764 7.25 47.38 -11.89
N GLY B 765 7.63 48.40 -11.15
CA GLY B 765 6.71 49.48 -10.87
C GLY B 765 7.42 50.81 -10.74
N LYS B 766 6.71 51.78 -10.17
CA LYS B 766 7.23 53.13 -9.94
C LYS B 766 7.19 53.38 -8.43
N SER B 767 8.37 53.40 -7.82
CA SER B 767 8.44 53.47 -6.36
C SER B 767 8.12 54.89 -5.87
N SER B 768 6.82 55.12 -5.71
CA SER B 768 6.14 56.25 -5.04
C SER B 768 6.23 57.59 -5.78
N ASP B 769 7.15 57.70 -6.74
CA ASP B 769 7.13 58.68 -7.84
C ASP B 769 8.25 58.31 -8.80
N GLY B 770 7.93 58.13 -10.08
CA GLY B 770 8.93 58.14 -11.13
C GLY B 770 9.94 57.00 -11.18
N THR B 771 10.66 56.83 -10.07
CA THR B 771 11.79 55.93 -9.85
C THR B 771 11.46 54.49 -10.23
N PRO B 772 12.28 53.86 -11.09
CA PRO B 772 12.01 52.48 -11.48
C PRO B 772 12.23 51.51 -10.32
N ASP B 773 11.46 50.43 -10.32
CA ASP B 773 11.45 49.44 -9.26
C ASP B 773 12.23 48.19 -9.66
N ARG B 774 13.41 48.39 -10.25
CA ARG B 774 14.25 47.32 -10.80
C ARG B 774 14.50 46.21 -9.79
N ARG B 775 14.38 44.97 -10.26
CA ARG B 775 14.50 43.78 -9.41
C ARG B 775 15.40 42.78 -10.08
N TRP B 776 15.44 41.55 -9.57
CA TRP B 776 16.22 40.47 -10.14
C TRP B 776 15.34 39.25 -10.31
N CYS B 777 14.19 39.44 -10.95
CA CYS B 777 13.14 38.44 -10.99
C CYS B 777 13.52 37.25 -11.86
N PHE B 778 12.77 36.16 -11.66
CA PHE B 778 13.01 34.86 -12.29
C PHE B 778 11.72 34.42 -12.96
N ARG B 779 11.70 34.42 -14.28
CA ARG B 779 10.47 34.18 -15.01
C ARG B 779 10.10 32.70 -14.99
N VAL B 780 8.87 32.41 -14.54
CA VAL B 780 8.31 31.07 -14.57
C VAL B 780 6.99 31.15 -15.33
N ASP B 781 6.87 30.33 -16.37
CA ASP B 781 5.69 30.35 -17.23
C ASP B 781 4.71 29.26 -16.81
N GLU B 782 3.44 29.64 -16.69
CA GLU B 782 2.41 28.74 -16.19
C GLU B 782 1.20 28.78 -17.10
N VAL B 783 0.37 27.74 -17.01
CA VAL B 783 -0.85 27.57 -17.80
C VAL B 783 -1.99 27.16 -16.87
N ASN B 784 -3.07 27.94 -16.84
CA ASN B 784 -4.21 27.62 -15.99
C ASN B 784 -5.49 27.84 -16.80
N TRP B 785 -6.33 26.82 -16.86
CA TRP B 785 -7.55 26.81 -17.65
C TRP B 785 -8.79 27.16 -16.84
N SER B 786 -8.67 27.31 -15.53
CA SER B 786 -9.83 27.50 -14.67
C SER B 786 -10.27 28.95 -14.61
N HIS B 787 -9.39 29.83 -14.12
CA HIS B 787 -9.72 31.23 -14.00
C HIS B 787 -9.34 31.96 -15.28
N TRP B 788 -10.27 32.75 -15.79
CA TRP B 788 -10.04 33.41 -17.07
C TRP B 788 -9.83 34.91 -16.92
N ASN B 789 -10.79 35.61 -16.31
CA ASN B 789 -10.68 37.05 -16.13
C ASN B 789 -10.22 37.28 -14.70
N GLN B 790 -8.90 37.10 -14.48
CA GLN B 790 -8.24 37.58 -13.28
C GLN B 790 -6.99 38.37 -13.64
N ASN B 791 -7.08 39.27 -14.62
CA ASN B 791 -5.94 40.06 -15.06
C ASN B 791 -5.58 41.07 -13.99
N LEU B 792 -4.59 40.71 -13.17
CA LEU B 792 -4.37 41.37 -11.89
C LEU B 792 -3.49 42.62 -12.00
N GLY B 793 -2.23 42.44 -12.35
CA GLY B 793 -1.24 43.48 -12.22
C GLY B 793 -0.19 43.50 -13.33
N ILE B 794 -0.59 43.06 -14.53
CA ILE B 794 0.27 42.79 -15.67
C ILE B 794 1.20 43.95 -16.03
N ILE B 795 2.50 43.68 -16.04
CA ILE B 795 3.51 44.69 -16.31
C ILE B 795 3.58 45.01 -17.80
N ASN B 796 3.75 43.98 -18.61
CA ASN B 796 4.01 44.15 -20.03
C ASN B 796 2.77 43.83 -20.83
N GLU B 797 2.29 44.79 -21.61
CA GLU B 797 1.16 44.59 -22.51
C GLU B 797 1.55 43.83 -23.77
N ASP B 798 2.85 43.69 -24.04
CA ASP B 798 3.38 42.96 -25.18
C ASP B 798 3.89 41.61 -24.70
N PRO B 799 3.11 40.55 -24.84
CA PRO B 799 3.43 39.30 -24.13
C PRO B 799 4.52 38.47 -24.79
N GLY B 800 5.18 37.66 -23.97
CA GLY B 800 5.94 36.53 -24.47
C GLY B 800 7.43 36.70 -24.66
N LYS B 801 8.13 37.33 -23.71
CA LYS B 801 9.55 37.67 -23.79
C LYS B 801 9.86 38.40 -25.08
N ASN B 802 9.32 39.62 -25.22
CA ASN B 802 9.22 40.35 -26.49
C ASN B 802 10.57 40.54 -27.18
N GLU B 803 10.72 39.94 -28.37
CA GLU B 803 11.97 39.98 -29.10
C GLU B 803 11.84 40.85 -30.35
N VAL C 148 -1.74 68.75 -32.10
CA VAL C 148 -1.12 68.49 -30.81
C VAL C 148 -1.06 66.99 -30.53
N PHE C 149 -0.98 66.20 -31.59
CA PHE C 149 -0.94 64.74 -31.41
C PHE C 149 0.18 64.16 -32.27
N ASN C 150 1.09 63.45 -31.63
CA ASN C 150 2.12 62.67 -32.31
C ASN C 150 2.02 61.24 -31.83
N ARG C 151 3.07 60.45 -32.12
CA ARG C 151 3.06 59.04 -31.73
C ARG C 151 3.05 58.84 -30.21
N PRO C 152 4.01 59.37 -29.37
CA PRO C 152 4.04 58.93 -27.96
C PRO C 152 2.88 59.43 -27.12
N ILE C 153 2.14 60.41 -27.60
CA ILE C 153 1.03 60.99 -26.85
C ILE C 153 -0.25 60.20 -27.07
N LEU C 154 -0.58 59.87 -28.33
CA LEU C 154 -1.73 59.07 -28.68
C LEU C 154 -1.77 57.71 -27.99
N PHE C 155 -0.65 56.99 -28.06
CA PHE C 155 -0.46 55.72 -27.35
C PHE C 155 -0.59 55.88 -25.83
N ASP C 156 -0.26 57.07 -25.32
CA ASP C 156 -0.35 57.33 -23.88
C ASP C 156 -1.78 57.64 -23.45
N ILE C 157 -2.51 58.43 -24.25
CA ILE C 157 -3.86 58.87 -23.91
C ILE C 157 -4.83 57.69 -23.88
N VAL C 158 -4.77 56.86 -24.91
CA VAL C 158 -5.71 55.74 -25.03
C VAL C 158 -5.43 54.68 -23.97
N SER C 159 -4.16 54.58 -23.56
CA SER C 159 -3.75 53.69 -22.47
C SER C 159 -4.38 54.09 -21.15
N ARG C 160 -4.60 55.38 -20.95
CA ARG C 160 -5.29 55.88 -19.76
C ARG C 160 -6.77 55.51 -19.82
N GLY C 161 -7.43 55.85 -20.92
CA GLY C 161 -8.85 55.61 -21.06
C GLY C 161 -9.67 56.86 -20.88
N SER C 162 -9.19 57.97 -21.46
CA SER C 162 -9.90 59.25 -21.37
C SER C 162 -10.03 59.88 -22.75
N THR C 163 -11.24 59.86 -23.31
CA THR C 163 -11.48 60.38 -24.65
C THR C 163 -11.55 61.90 -24.67
N ALA C 164 -11.63 62.53 -23.50
CA ALA C 164 -11.69 63.98 -23.39
C ALA C 164 -10.38 64.62 -23.85
N ASP C 165 -9.25 63.97 -23.56
CA ASP C 165 -7.95 64.48 -23.94
C ASP C 165 -7.73 64.42 -25.44
N LEU C 166 -8.35 63.45 -26.11
CA LEU C 166 -8.13 63.26 -27.54
C LEU C 166 -9.20 63.98 -28.36
N ASP C 167 -9.98 64.85 -27.72
CA ASP C 167 -10.88 65.75 -28.45
C ASP C 167 -10.01 66.78 -29.18
N GLY C 168 -9.89 66.56 -30.49
CA GLY C 168 -8.99 67.38 -31.27
C GLY C 168 -8.27 66.64 -32.38
N LEU C 169 -8.45 65.31 -32.44
CA LEU C 169 -7.93 64.53 -33.56
C LEU C 169 -8.66 64.90 -34.84
N LEU C 170 -10.00 64.97 -34.80
CA LEU C 170 -10.82 65.24 -35.97
C LEU C 170 -10.52 66.60 -36.62
N PRO C 171 -10.10 67.66 -35.88
CA PRO C 171 -9.40 68.76 -36.57
C PRO C 171 -8.03 68.37 -37.11
N PHE C 172 -7.24 67.62 -36.34
CA PHE C 172 -5.83 67.39 -36.63
C PHE C 172 -5.59 66.55 -37.87
N LEU C 173 -6.36 65.46 -38.05
CA LEU C 173 -6.16 64.57 -39.20
C LEU C 173 -6.52 65.26 -40.52
N LEU C 174 -7.54 66.11 -40.50
CA LEU C 174 -8.08 66.68 -41.72
C LEU C 174 -7.20 67.80 -42.28
N THR C 175 -6.93 68.83 -41.47
CA THR C 175 -6.29 70.03 -42.00
C THR C 175 -4.79 69.83 -42.19
N HIS C 176 -4.24 68.76 -41.61
CA HIS C 176 -2.81 68.50 -41.76
C HIS C 176 -2.52 67.41 -42.79
N LYS C 177 -3.57 66.84 -43.41
CA LYS C 177 -3.51 65.64 -44.25
C LYS C 177 -2.82 64.48 -43.52
N LYS C 178 -3.47 63.98 -42.47
CA LYS C 178 -2.96 62.89 -41.66
C LYS C 178 -4.00 61.77 -41.60
N ARG C 179 -3.53 60.53 -41.45
CA ARG C 179 -4.39 59.37 -41.31
C ARG C 179 -3.90 58.54 -40.14
N LEU C 180 -4.79 57.70 -39.59
CA LEU C 180 -4.35 56.77 -38.55
C LEU C 180 -3.94 55.44 -39.15
N THR C 181 -3.14 55.47 -40.22
CA THR C 181 -2.53 54.26 -40.73
C THR C 181 -1.14 54.57 -41.24
N ASP C 182 -0.67 55.79 -40.99
CA ASP C 182 0.63 56.24 -41.44
C ASP C 182 1.72 55.68 -40.53
N GLU C 183 2.96 55.75 -40.99
CA GLU C 183 4.10 55.22 -40.26
C GLU C 183 4.36 56.03 -38.99
N GLU C 184 3.99 57.31 -39.00
CA GLU C 184 4.17 58.15 -37.83
C GLU C 184 3.23 57.80 -36.69
N PHE C 185 2.05 57.25 -37.00
CA PHE C 185 1.08 56.87 -35.98
C PHE C 185 1.06 55.37 -35.71
N ARG C 186 2.07 54.65 -36.18
CA ARG C 186 2.17 53.22 -35.99
C ARG C 186 3.57 52.91 -35.50
N GLU C 187 3.70 52.03 -34.50
CA GLU C 187 4.99 51.70 -33.91
C GLU C 187 5.87 50.96 -34.93
N PRO C 188 7.18 50.91 -34.74
CA PRO C 188 8.00 50.11 -35.66
C PRO C 188 8.15 48.65 -35.25
N SER C 189 7.82 47.73 -36.16
CA SER C 189 8.28 46.34 -36.12
C SER C 189 7.87 45.57 -34.87
N THR C 190 6.61 45.11 -34.79
CA THR C 190 5.58 45.18 -33.73
C THR C 190 4.67 46.37 -33.97
N GLY C 191 4.39 46.64 -35.24
CA GLY C 191 3.66 47.83 -35.67
C GLY C 191 2.20 47.88 -35.26
N LYS C 192 2.02 48.04 -33.96
CA LYS C 192 0.76 48.25 -33.27
C LYS C 192 0.12 49.56 -33.71
N THR C 193 -1.19 49.65 -33.66
CA THR C 193 -1.91 50.87 -34.04
C THR C 193 -2.72 51.27 -32.80
N CYS C 194 -3.63 52.22 -32.96
CA CYS C 194 -4.39 52.75 -31.84
C CYS C 194 -5.33 51.71 -31.22
N LEU C 195 -6.07 50.97 -32.07
CA LEU C 195 -6.95 49.90 -31.59
C LEU C 195 -6.25 48.70 -30.94
N PRO C 196 -5.09 48.19 -31.43
CA PRO C 196 -4.42 47.17 -30.62
C PRO C 196 -3.80 47.71 -29.33
N LYS C 197 -3.40 48.98 -29.31
CA LYS C 197 -2.95 49.59 -28.06
C LYS C 197 -4.13 49.80 -27.11
N ALA C 198 -5.31 50.03 -27.67
CA ALA C 198 -6.52 50.23 -26.88
C ALA C 198 -6.94 48.97 -26.14
N LEU C 199 -7.18 47.90 -26.90
CA LEU C 199 -7.79 46.69 -26.36
C LEU C 199 -6.87 45.98 -25.38
N LEU C 200 -5.56 46.15 -25.54
CA LEU C 200 -4.62 45.63 -24.55
C LEU C 200 -4.64 46.44 -23.27
N ASN C 201 -4.74 47.76 -23.36
CA ASN C 201 -4.83 48.64 -22.20
C ASN C 201 -6.29 48.85 -21.84
N LEU C 202 -6.86 47.84 -21.20
CA LEU C 202 -8.27 47.80 -20.88
C LEU C 202 -8.45 47.87 -19.36
N SER C 203 -9.55 48.49 -18.93
CA SER C 203 -9.89 48.56 -17.50
C SER C 203 -11.31 48.07 -17.36
N ASN C 204 -11.47 46.91 -16.69
CA ASN C 204 -12.66 46.08 -16.45
C ASN C 204 -13.63 46.05 -17.64
N GLY C 205 -13.07 45.95 -18.84
CA GLY C 205 -13.85 45.87 -20.06
C GLY C 205 -14.49 47.17 -20.50
N ARG C 206 -13.86 48.33 -20.27
CA ARG C 206 -14.48 49.54 -20.78
C ARG C 206 -13.66 50.23 -21.85
N ASN C 207 -12.51 50.82 -21.47
CA ASN C 207 -11.68 51.70 -22.32
C ASN C 207 -12.52 52.62 -23.20
N ASP C 208 -13.26 53.55 -22.60
CA ASP C 208 -14.29 54.34 -23.29
C ASP C 208 -13.85 55.12 -24.53
N THR C 209 -12.55 55.20 -24.80
CA THR C 209 -12.02 55.84 -25.98
C THR C 209 -12.26 55.07 -27.28
N ILE C 210 -12.40 53.74 -27.20
CA ILE C 210 -12.39 52.91 -28.41
C ILE C 210 -13.56 53.10 -29.39
N PRO C 211 -14.80 53.59 -29.01
CA PRO C 211 -15.71 53.94 -30.10
C PRO C 211 -15.24 55.20 -30.82
N VAL C 212 -14.63 56.12 -30.08
CA VAL C 212 -14.23 57.41 -30.61
C VAL C 212 -13.06 57.23 -31.57
N LEU C 213 -12.10 56.37 -31.20
CA LEU C 213 -11.02 55.96 -32.09
C LEU C 213 -11.55 55.28 -33.35
N LEU C 214 -12.66 54.56 -33.21
CA LEU C 214 -13.26 53.84 -34.32
C LEU C 214 -14.05 54.82 -35.19
N ASP C 215 -14.56 55.89 -34.58
CA ASP C 215 -15.30 56.90 -35.32
C ASP C 215 -14.41 57.78 -36.18
N ILE C 216 -13.23 58.15 -35.67
CA ILE C 216 -12.31 59.06 -36.34
C ILE C 216 -11.78 58.43 -37.62
N ALA C 217 -11.68 57.10 -37.64
CA ALA C 217 -11.18 56.41 -38.83
C ALA C 217 -12.16 56.50 -40.00
N GLU C 218 -13.47 56.43 -39.73
CA GLU C 218 -14.42 56.52 -40.85
C GLU C 218 -14.61 57.96 -41.30
N ARG C 219 -14.31 58.92 -40.42
CA ARG C 219 -14.26 60.32 -40.84
C ARG C 219 -13.06 60.58 -41.74
N THR C 220 -12.03 59.74 -41.64
CA THR C 220 -10.92 59.78 -42.57
C THR C 220 -11.04 58.71 -43.65
N GLY C 221 -11.89 57.72 -43.45
CA GLY C 221 -12.02 56.64 -44.41
C GLY C 221 -10.95 55.57 -44.31
N ASN C 222 -10.94 54.84 -43.18
CA ASN C 222 -9.88 53.84 -42.97
C ASN C 222 -10.40 52.47 -42.56
N MET C 223 -11.73 52.26 -42.49
CA MET C 223 -12.33 51.16 -41.74
C MET C 223 -11.98 49.77 -42.27
N ARG C 224 -11.55 49.69 -43.52
CA ARG C 224 -11.11 48.43 -44.09
C ARG C 224 -9.60 48.24 -44.08
N GLU C 225 -8.84 49.20 -43.57
CA GLU C 225 -7.40 49.06 -43.43
C GLU C 225 -6.90 49.42 -42.04
N PHE C 226 -7.79 49.91 -41.16
CA PHE C 226 -7.44 50.31 -39.81
C PHE C 226 -7.77 49.19 -38.82
N ILE C 227 -9.00 48.69 -38.88
CA ILE C 227 -9.43 47.56 -38.06
C ILE C 227 -8.68 46.33 -38.52
N ASN C 228 -8.51 46.20 -39.83
CA ASN C 228 -7.89 45.02 -40.41
C ASN C 228 -6.39 45.11 -40.46
N SER C 229 -5.78 46.15 -39.89
CA SER C 229 -4.34 46.38 -39.90
C SER C 229 -3.61 45.32 -39.08
N PRO C 230 -2.85 44.44 -39.70
CA PRO C 230 -2.17 43.40 -38.93
C PRO C 230 -0.92 43.93 -38.28
N PHE C 231 -0.28 43.14 -37.43
CA PHE C 231 1.06 43.53 -36.98
C PHE C 231 2.00 43.15 -38.11
N ARG C 232 3.12 43.86 -38.26
CA ARG C 232 4.09 43.46 -39.27
C ARG C 232 5.34 42.90 -38.63
N ASP C 233 5.25 42.42 -37.38
CA ASP C 233 6.38 41.89 -36.65
C ASP C 233 6.76 40.53 -37.18
N ILE C 234 7.92 40.00 -36.79
CA ILE C 234 8.26 38.61 -37.02
C ILE C 234 7.84 37.74 -35.84
N TYR C 235 7.00 38.27 -34.95
CA TYR C 235 6.68 37.60 -33.70
C TYR C 235 5.17 37.56 -33.47
N TYR C 236 4.43 38.45 -34.14
CA TYR C 236 2.98 38.41 -34.12
C TYR C 236 2.48 38.67 -35.54
N ARG C 237 3.01 37.91 -36.51
CA ARG C 237 3.08 38.25 -37.93
C ARG C 237 1.75 38.62 -38.56
N GLY C 238 0.64 38.11 -38.04
CA GLY C 238 -0.63 38.43 -38.64
C GLY C 238 -1.72 38.83 -37.67
N GLN C 239 -1.37 39.02 -36.39
CA GLN C 239 -2.35 39.29 -35.34
C GLN C 239 -3.10 40.59 -35.58
N THR C 240 -4.39 40.48 -35.83
CA THR C 240 -5.23 41.61 -36.17
C THR C 240 -5.80 42.17 -34.87
N ALA C 241 -6.53 43.28 -34.93
CA ALA C 241 -7.15 43.84 -33.73
C ALA C 241 -8.32 43.00 -33.26
N LEU C 242 -8.84 42.13 -34.14
CA LEU C 242 -9.94 41.26 -33.75
C LEU C 242 -9.47 40.16 -32.81
N HIS C 243 -8.20 39.73 -32.95
CA HIS C 243 -7.69 38.67 -32.10
C HIS C 243 -7.52 39.11 -30.65
N ILE C 244 -7.40 40.41 -30.42
CA ILE C 244 -7.18 40.91 -29.07
C ILE C 244 -8.51 41.06 -28.34
N ALA C 245 -9.56 41.41 -29.06
CA ALA C 245 -10.89 41.54 -28.45
C ALA C 245 -11.43 40.17 -28.06
N ILE C 246 -11.16 39.16 -28.88
CA ILE C 246 -11.58 37.80 -28.56
C ILE C 246 -10.75 37.22 -27.42
N GLU C 247 -9.45 37.52 -27.37
CA GLU C 247 -8.58 37.03 -26.31
C GLU C 247 -8.87 37.66 -24.96
N ARG C 248 -9.20 38.97 -24.92
CA ARG C 248 -9.42 39.62 -23.64
C ARG C 248 -10.85 39.47 -23.15
N ARG C 249 -11.39 38.25 -23.21
CA ARG C 249 -12.65 37.80 -22.60
C ARG C 249 -13.85 38.71 -22.82
N CYS C 250 -13.88 39.43 -23.93
CA CYS C 250 -14.83 40.52 -24.13
C CYS C 250 -15.58 40.29 -25.42
N LYS C 251 -16.90 40.11 -25.32
CA LYS C 251 -17.70 39.82 -26.50
C LYS C 251 -18.32 41.07 -27.10
N HIS C 252 -18.51 42.11 -26.30
CA HIS C 252 -19.22 43.28 -26.78
C HIS C 252 -18.30 44.20 -27.58
N TYR C 253 -16.99 43.96 -27.53
CA TYR C 253 -16.09 44.71 -28.40
C TYR C 253 -15.76 43.91 -29.65
N VAL C 254 -16.11 42.63 -29.68
CA VAL C 254 -16.09 41.86 -30.91
C VAL C 254 -17.19 42.40 -31.79
N GLU C 255 -18.33 42.74 -31.18
CA GLU C 255 -19.50 43.27 -31.87
C GLU C 255 -19.19 44.60 -32.55
N LEU C 256 -18.39 45.45 -31.92
CA LEU C 256 -18.01 46.72 -32.52
C LEU C 256 -16.98 46.52 -33.63
N LEU C 257 -16.12 45.52 -33.50
CA LEU C 257 -15.10 45.31 -34.53
C LEU C 257 -15.67 44.59 -35.74
N VAL C 258 -16.52 43.60 -35.55
CA VAL C 258 -17.01 42.79 -36.65
C VAL C 258 -18.03 43.57 -37.49
N ALA C 259 -18.94 44.29 -36.82
CA ALA C 259 -20.00 45.01 -37.53
C ALA C 259 -19.44 46.16 -38.37
N GLN C 260 -18.33 46.73 -37.93
CA GLN C 260 -17.66 47.76 -38.72
C GLN C 260 -16.65 47.20 -39.71
N GLY C 261 -16.76 45.92 -40.06
CA GLY C 261 -15.95 45.39 -41.15
C GLY C 261 -14.63 44.78 -40.74
N ALA C 262 -14.66 43.80 -39.84
CA ALA C 262 -13.44 43.13 -39.43
C ALA C 262 -12.98 42.11 -40.47
N ASP C 263 -11.94 41.37 -40.12
CA ASP C 263 -11.27 40.42 -41.03
C ASP C 263 -11.38 39.04 -40.41
N VAL C 264 -12.60 38.58 -40.16
CA VAL C 264 -12.97 37.40 -39.37
C VAL C 264 -12.21 36.13 -39.73
N HIS C 265 -11.58 36.09 -40.91
CA HIS C 265 -10.68 35.00 -41.27
C HIS C 265 -9.22 35.41 -41.42
N ALA C 266 -8.72 36.33 -40.58
CA ALA C 266 -7.32 36.75 -40.63
C ALA C 266 -6.48 35.90 -39.69
N GLN C 267 -5.30 35.52 -40.13
CA GLN C 267 -4.51 34.48 -39.49
C GLN C 267 -3.30 35.08 -38.78
N ALA C 268 -3.13 34.73 -37.50
CA ALA C 268 -1.99 35.19 -36.71
C ALA C 268 -0.84 34.19 -36.86
N ARG C 269 -0.21 34.22 -38.02
CA ARG C 269 0.83 33.26 -38.35
C ARG C 269 2.19 33.68 -37.80
N GLY C 270 2.24 34.05 -36.52
CA GLY C 270 3.45 34.58 -35.94
C GLY C 270 4.43 33.52 -35.48
N ARG C 271 5.40 33.92 -34.65
CA ARG C 271 6.32 32.98 -34.04
C ARG C 271 5.95 32.74 -32.58
N PHE C 272 5.13 33.62 -32.00
CA PHE C 272 4.51 33.42 -30.70
C PHE C 272 3.32 32.47 -30.77
N PHE C 273 2.58 32.48 -31.87
CA PHE C 273 1.36 31.70 -32.00
C PHE C 273 1.61 30.32 -32.54
N GLN C 274 2.82 29.81 -32.39
CA GLN C 274 3.21 28.45 -32.73
C GLN C 274 3.13 27.58 -31.48
N PRO C 275 3.17 26.24 -31.63
CA PRO C 275 3.22 25.39 -30.43
C PRO C 275 4.50 25.52 -29.62
N LYS C 276 4.56 24.81 -28.49
CA LYS C 276 5.73 24.82 -27.62
C LYS C 276 6.93 24.12 -28.28
N ASP C 277 6.67 23.24 -29.25
CA ASP C 277 7.73 22.61 -30.01
C ASP C 277 8.43 23.54 -30.98
N GLU C 278 7.76 24.57 -31.50
CA GLU C 278 8.36 25.51 -32.42
C GLU C 278 8.47 26.91 -31.85
N GLY C 279 8.87 27.03 -30.58
CA GLY C 279 9.16 28.33 -30.02
C GLY C 279 8.01 28.98 -29.28
N GLY C 280 6.86 29.09 -29.94
CA GLY C 280 5.72 29.81 -29.41
C GLY C 280 5.11 29.28 -28.13
N TYR C 281 4.22 30.06 -27.51
CA TYR C 281 3.68 29.72 -26.22
C TYR C 281 2.22 29.30 -26.26
N PHE C 282 1.48 29.62 -27.30
CA PHE C 282 0.06 29.28 -27.38
C PHE C 282 -0.35 29.14 -28.84
N TYR C 283 -0.62 27.91 -29.27
CA TYR C 283 -1.12 27.63 -30.61
C TYR C 283 -2.61 27.35 -30.53
N PHE C 284 -3.40 28.10 -31.27
CA PHE C 284 -4.85 28.04 -31.19
C PHE C 284 -5.41 27.82 -32.59
N GLY C 285 -4.57 27.40 -33.52
CA GLY C 285 -5.04 27.19 -34.88
C GLY C 285 -5.17 28.45 -35.70
N GLU C 286 -4.64 29.57 -35.19
CA GLU C 286 -4.32 30.78 -35.94
C GLU C 286 -5.49 31.42 -36.66
N LEU C 287 -6.65 31.57 -36.00
CA LEU C 287 -7.85 32.05 -36.68
C LEU C 287 -8.83 32.52 -35.61
N PRO C 288 -9.62 33.57 -35.88
CA PRO C 288 -10.44 34.16 -34.81
C PRO C 288 -11.56 33.27 -34.30
N LEU C 289 -12.23 32.50 -35.15
CA LEU C 289 -13.14 31.47 -34.66
C LEU C 289 -12.39 30.39 -33.91
N SER C 290 -11.17 30.07 -34.34
CA SER C 290 -10.34 29.12 -33.64
C SER C 290 -9.69 29.71 -32.40
N LEU C 291 -9.77 31.03 -32.19
CA LEU C 291 -9.32 31.58 -30.92
C LEU C 291 -10.43 31.58 -29.89
N ALA C 292 -11.67 31.84 -30.30
CA ALA C 292 -12.80 31.83 -29.40
C ALA C 292 -13.17 30.45 -28.91
N ALA C 293 -12.94 29.41 -29.71
CA ALA C 293 -13.16 28.04 -29.28
C ALA C 293 -12.04 27.52 -28.38
N CYS C 294 -10.82 28.00 -28.58
CA CYS C 294 -9.67 27.55 -27.83
C CYS C 294 -9.43 28.33 -26.54
N THR C 295 -10.19 29.40 -26.30
CA THR C 295 -10.15 30.09 -25.02
C THR C 295 -11.49 30.01 -24.31
N ASN C 296 -12.20 28.88 -24.45
CA ASN C 296 -13.37 28.45 -23.67
C ASN C 296 -14.63 29.26 -23.98
N GLN C 297 -14.53 30.32 -24.79
CA GLN C 297 -15.59 31.28 -25.00
C GLN C 297 -16.75 30.72 -25.81
N PRO C 298 -17.94 30.53 -25.22
CA PRO C 298 -19.04 29.93 -25.98
C PRO C 298 -19.72 30.94 -26.89
N HIS C 299 -19.86 32.16 -26.40
CA HIS C 299 -20.74 33.13 -27.02
C HIS C 299 -20.08 33.81 -28.21
N ILE C 300 -18.77 34.01 -28.14
CA ILE C 300 -18.04 34.55 -29.29
C ILE C 300 -17.97 33.53 -30.41
N VAL C 301 -17.95 32.24 -30.09
CA VAL C 301 -18.15 31.20 -31.11
C VAL C 301 -19.53 31.32 -31.74
N ASN C 302 -20.56 31.56 -30.93
CA ASN C 302 -21.91 31.76 -31.43
C ASN C 302 -22.03 33.06 -32.21
N TYR C 303 -21.36 34.11 -31.75
CA TYR C 303 -21.51 35.40 -32.41
C TYR C 303 -20.74 35.46 -33.73
N LEU C 304 -19.59 34.77 -33.81
CA LEU C 304 -18.82 34.81 -35.05
C LEU C 304 -19.41 33.95 -36.14
N THR C 305 -20.37 33.08 -35.82
CA THR C 305 -20.98 32.19 -36.79
C THR C 305 -22.45 32.48 -37.06
N GLU C 306 -23.11 33.25 -36.19
CA GLU C 306 -24.49 33.64 -36.42
C GLU C 306 -24.69 35.15 -36.27
N ASN C 307 -23.82 35.93 -36.92
CA ASN C 307 -23.98 37.38 -37.00
C ASN C 307 -24.64 37.79 -38.31
N PRO C 308 -25.32 38.94 -38.35
CA PRO C 308 -25.84 39.43 -39.64
C PRO C 308 -24.74 39.84 -40.61
N HIS C 309 -23.57 40.19 -40.10
CA HIS C 309 -22.40 40.52 -40.90
C HIS C 309 -21.65 39.24 -41.28
N LYS C 310 -20.42 39.42 -41.74
CA LYS C 310 -19.55 38.34 -42.22
C LYS C 310 -19.37 37.22 -41.20
N LYS C 311 -19.65 35.99 -41.62
CA LYS C 311 -19.64 34.84 -40.73
C LYS C 311 -18.28 34.15 -40.77
N ALA C 312 -17.96 33.47 -39.67
CA ALA C 312 -16.76 32.65 -39.58
C ALA C 312 -17.16 31.23 -39.94
N ASP C 313 -16.72 30.76 -41.11
CA ASP C 313 -16.93 29.38 -41.51
C ASP C 313 -16.16 28.44 -40.60
N MET C 314 -16.82 27.38 -40.18
CA MET C 314 -16.11 26.36 -39.41
C MET C 314 -15.17 25.57 -40.27
N ARG C 315 -15.42 25.53 -41.58
CA ARG C 315 -14.68 24.70 -42.51
C ARG C 315 -13.41 25.36 -43.00
N ARG C 316 -13.19 26.65 -42.72
CA ARG C 316 -11.99 27.29 -43.22
C ARG C 316 -10.78 26.81 -42.43
N GLN C 317 -9.67 26.69 -43.14
CA GLN C 317 -8.57 25.81 -42.76
C GLN C 317 -7.30 26.64 -42.65
N ASP C 318 -6.55 26.44 -41.55
CA ASP C 318 -5.33 27.17 -41.21
C ASP C 318 -4.22 26.93 -42.24
N SER C 319 -3.15 27.73 -42.16
CA SER C 319 -1.97 27.54 -43.00
C SER C 319 -1.28 26.21 -42.77
N ARG C 320 -1.36 25.66 -41.56
CA ARG C 320 -0.90 24.30 -41.35
C ARG C 320 -1.91 23.27 -41.81
N GLY C 321 -3.16 23.66 -42.04
CA GLY C 321 -4.22 22.74 -42.43
C GLY C 321 -5.15 22.39 -41.29
N ASN C 322 -5.00 23.06 -40.15
CA ASN C 322 -5.84 22.78 -39.00
C ASN C 322 -7.21 23.43 -39.14
N THR C 323 -8.27 22.68 -38.94
CA THR C 323 -9.60 23.28 -38.85
C THR C 323 -9.84 23.85 -37.46
N VAL C 324 -11.10 24.16 -37.17
CA VAL C 324 -11.45 24.68 -35.86
C VAL C 324 -11.56 23.50 -34.89
N LEU C 325 -11.59 22.28 -35.42
CA LEU C 325 -11.58 21.08 -34.59
C LEU C 325 -10.19 20.50 -34.41
N HIS C 326 -9.25 20.75 -35.33
CA HIS C 326 -7.88 20.32 -35.09
C HIS C 326 -7.22 21.17 -34.03
N ALA C 327 -7.63 22.43 -33.89
CA ALA C 327 -7.06 23.31 -32.89
C ALA C 327 -7.52 22.93 -31.49
N LEU C 328 -8.79 22.54 -31.34
CA LEU C 328 -9.29 22.03 -30.07
C LEU C 328 -8.61 20.75 -29.62
N VAL C 329 -8.15 19.93 -30.56
CA VAL C 329 -7.32 18.78 -30.22
C VAL C 329 -5.91 19.22 -29.81
N ALA C 330 -5.38 20.28 -30.41
CA ALA C 330 -4.04 20.77 -30.15
C ALA C 330 -3.91 21.32 -28.73
N ILE C 331 -4.84 22.16 -28.28
CA ILE C 331 -4.80 22.58 -26.89
C ILE C 331 -5.61 21.62 -26.02
N ALA C 332 -5.04 20.47 -25.74
CA ALA C 332 -5.76 19.53 -24.90
C ALA C 332 -4.85 18.87 -23.88
N ASP C 333 -4.11 19.67 -23.11
CA ASP C 333 -3.27 19.11 -22.06
C ASP C 333 -4.21 18.47 -21.05
N ASN C 334 -4.34 17.15 -21.15
CA ASN C 334 -5.53 16.45 -20.74
C ASN C 334 -5.62 16.28 -19.22
N THR C 335 -5.81 17.40 -18.54
CA THR C 335 -6.21 17.42 -17.15
C THR C 335 -7.74 17.42 -17.10
N ARG C 336 -8.32 17.63 -15.93
CA ARG C 336 -9.77 17.55 -15.80
C ARG C 336 -10.48 18.78 -16.33
N GLU C 337 -10.01 19.98 -16.00
CA GLU C 337 -10.66 21.20 -16.44
C GLU C 337 -10.40 21.54 -17.90
N ASN C 338 -9.43 20.88 -18.54
CA ASN C 338 -9.19 21.05 -19.96
C ASN C 338 -10.17 20.26 -20.80
N THR C 339 -10.22 18.93 -20.62
CA THR C 339 -11.08 18.08 -21.42
C THR C 339 -12.55 18.19 -21.05
N LYS C 340 -12.91 19.00 -20.07
CA LYS C 340 -14.30 19.24 -19.75
C LYS C 340 -14.95 20.19 -20.75
N PHE C 341 -14.23 21.23 -21.19
CA PHE C 341 -14.84 22.14 -22.14
C PHE C 341 -14.43 21.81 -23.56
N VAL C 342 -13.27 21.16 -23.74
CA VAL C 342 -12.75 20.82 -25.07
C VAL C 342 -13.66 19.81 -25.74
N THR C 343 -14.07 18.78 -25.01
CA THR C 343 -15.06 17.83 -25.51
C THR C 343 -16.41 18.49 -25.69
N LYS C 344 -16.70 19.53 -24.91
CA LYS C 344 -17.94 20.27 -25.08
C LYS C 344 -17.88 21.17 -26.30
N MET C 345 -16.78 21.89 -26.47
CA MET C 345 -16.65 22.83 -27.58
C MET C 345 -16.39 22.10 -28.90
N TYR C 346 -15.88 20.86 -28.83
CA TYR C 346 -15.79 20.03 -30.02
C TYR C 346 -17.17 19.67 -30.53
N ASP C 347 -18.07 19.26 -29.63
CA ASP C 347 -19.41 18.84 -30.03
C ASP C 347 -20.28 20.03 -30.41
N LEU C 348 -19.98 21.20 -29.84
CA LEU C 348 -20.76 22.39 -30.15
C LEU C 348 -20.46 22.86 -31.56
N LEU C 349 -19.22 22.64 -32.01
CA LEU C 349 -18.82 23.06 -33.35
C LEU C 349 -19.10 21.99 -34.39
N LEU C 350 -19.13 20.72 -33.97
CA LEU C 350 -19.36 19.64 -34.92
C LEU C 350 -20.82 19.60 -35.34
N LEU C 351 -21.72 19.78 -34.38
CA LEU C 351 -23.15 19.78 -34.67
C LEU C 351 -23.57 21.02 -35.44
N LYS C 352 -22.95 22.17 -35.12
CA LYS C 352 -23.32 23.43 -35.75
C LYS C 352 -22.94 23.46 -37.23
N CYS C 353 -21.89 22.72 -37.60
CA CYS C 353 -21.59 22.57 -39.01
C CYS C 353 -22.32 21.38 -39.62
N ALA C 354 -23.24 20.76 -38.87
CA ALA C 354 -24.17 19.84 -39.49
C ALA C 354 -25.52 20.50 -39.72
N ARG C 355 -25.97 21.33 -38.76
CA ARG C 355 -27.17 22.14 -38.90
C ARG C 355 -27.01 23.13 -40.05
N LEU C 356 -26.05 24.04 -39.93
CA LEU C 356 -25.61 24.80 -41.09
C LEU C 356 -24.85 23.83 -41.97
N PHE C 357 -25.02 23.93 -43.29
CA PHE C 357 -24.40 23.09 -44.32
C PHE C 357 -24.58 21.59 -44.07
N PRO C 358 -25.77 21.02 -44.27
CA PRO C 358 -25.90 19.56 -44.18
C PRO C 358 -25.27 18.90 -45.40
N ASP C 359 -24.85 17.64 -45.24
CA ASP C 359 -24.07 16.71 -46.08
C ASP C 359 -22.58 17.01 -45.95
N SER C 360 -22.22 17.97 -45.11
CA SER C 360 -20.84 18.31 -44.84
C SER C 360 -20.42 17.75 -43.48
N ASN C 361 -19.11 17.61 -43.31
CA ASN C 361 -18.55 17.08 -42.06
C ASN C 361 -17.20 17.75 -41.84
N LEU C 362 -17.06 18.43 -40.70
CA LEU C 362 -15.78 19.04 -40.31
C LEU C 362 -14.70 18.00 -40.05
N GLU C 363 -15.08 16.86 -39.46
CA GLU C 363 -14.12 15.86 -39.04
C GLU C 363 -13.55 15.15 -40.26
N ALA C 364 -14.29 15.18 -41.37
CA ALA C 364 -13.84 14.63 -42.64
C ALA C 364 -12.78 15.50 -43.30
N VAL C 365 -12.63 16.75 -42.86
CA VAL C 365 -11.66 17.66 -43.45
C VAL C 365 -10.27 17.34 -42.92
N LEU C 366 -9.31 17.13 -43.81
CA LEU C 366 -7.98 16.66 -43.44
C LEU C 366 -7.01 17.81 -43.20
N ASN C 367 -6.07 17.57 -42.30
CA ASN C 367 -4.88 18.39 -42.06
C ASN C 367 -3.94 18.30 -43.28
N ASN C 368 -2.98 19.22 -43.40
CA ASN C 368 -1.97 19.06 -44.46
C ASN C 368 -0.99 17.94 -44.19
N ASP C 369 -0.94 17.41 -42.97
CA ASP C 369 -0.12 16.24 -42.67
C ASP C 369 -0.86 14.94 -43.00
N GLY C 370 -2.08 15.04 -43.55
CA GLY C 370 -2.89 13.92 -43.88
C GLY C 370 -3.82 13.47 -42.76
N LEU C 371 -3.78 14.16 -41.64
CA LEU C 371 -4.46 13.72 -40.43
C LEU C 371 -5.93 14.12 -40.39
N SER C 372 -6.53 14.02 -39.21
CA SER C 372 -7.95 14.13 -38.94
C SER C 372 -8.07 14.41 -37.46
N PRO C 373 -9.23 14.98 -36.98
CA PRO C 373 -9.37 15.22 -35.54
C PRO C 373 -9.27 13.99 -34.66
N LEU C 374 -9.56 12.83 -35.23
CA LEU C 374 -9.33 11.57 -34.54
C LEU C 374 -7.87 11.13 -34.67
N MET C 375 -7.29 11.23 -35.86
CA MET C 375 -5.91 10.81 -36.03
C MET C 375 -4.89 11.80 -35.46
N MET C 376 -5.28 13.03 -35.17
CA MET C 376 -4.39 13.97 -34.49
C MET C 376 -4.44 13.79 -32.98
N ALA C 377 -5.56 13.35 -32.42
CA ALA C 377 -5.66 13.02 -31.01
C ALA C 377 -5.02 11.68 -30.68
N ALA C 378 -4.68 10.88 -31.69
CA ALA C 378 -3.98 9.62 -31.48
C ALA C 378 -2.47 9.80 -31.60
N LYS C 379 -2.02 10.59 -32.56
CA LYS C 379 -0.59 10.82 -32.77
C LYS C 379 0.00 11.68 -31.66
N THR C 380 -0.78 12.62 -31.14
CA THR C 380 -0.24 13.55 -30.15
C THR C 380 -0.42 13.10 -28.72
N GLY C 381 -1.19 12.05 -28.45
CA GLY C 381 -1.25 11.46 -27.13
C GLY C 381 -2.37 11.99 -26.26
N LYS C 382 -3.40 12.59 -26.84
CA LYS C 382 -4.43 13.27 -26.08
C LYS C 382 -5.59 12.32 -25.82
N ILE C 383 -5.72 11.79 -24.59
CA ILE C 383 -6.73 10.78 -24.31
C ILE C 383 -8.12 11.41 -24.31
N GLY C 384 -8.28 12.52 -23.59
CA GLY C 384 -9.55 13.12 -23.24
C GLY C 384 -10.52 13.42 -24.36
N ILE C 385 -10.01 13.83 -25.53
CA ILE C 385 -10.89 13.99 -26.68
C ILE C 385 -10.84 12.78 -27.60
N PHE C 386 -9.81 11.93 -27.49
CA PHE C 386 -9.80 10.68 -28.24
C PHE C 386 -10.84 9.71 -27.70
N GLN C 387 -11.00 9.68 -26.39
CA GLN C 387 -11.98 8.79 -25.76
C GLN C 387 -13.39 9.30 -26.01
N HIS C 388 -13.52 10.59 -26.28
CA HIS C 388 -14.85 11.17 -26.48
C HIS C 388 -15.31 11.03 -27.92
N ILE C 389 -14.40 11.25 -28.88
CA ILE C 389 -14.74 11.05 -30.29
C ILE C 389 -15.05 9.62 -30.63
N ILE C 390 -14.27 8.67 -30.10
CA ILE C 390 -14.42 7.25 -30.39
C ILE C 390 -15.67 6.65 -29.75
N ARG C 391 -16.36 7.41 -28.90
CA ARG C 391 -17.48 6.93 -28.11
C ARG C 391 -18.57 7.99 -28.17
N ARG C 392 -18.57 8.79 -29.23
CA ARG C 392 -19.52 9.88 -29.34
C ARG C 392 -20.90 9.37 -29.71
N GLU C 393 -21.88 9.75 -28.90
CA GLU C 393 -23.26 9.28 -29.07
C GLU C 393 -24.16 10.52 -29.07
N VAL C 394 -24.48 11.01 -30.25
CA VAL C 394 -25.28 12.22 -30.39
C VAL C 394 -26.74 11.80 -30.42
N THR C 395 -27.53 12.32 -29.48
CA THR C 395 -28.88 11.83 -29.20
C THR C 395 -29.91 12.23 -30.25
N ASP C 396 -30.03 13.53 -30.50
CA ASP C 396 -31.14 14.09 -31.28
C ASP C 396 -31.17 13.63 -32.74
N GLU C 397 -32.39 13.44 -33.26
CA GLU C 397 -32.67 12.80 -34.53
C GLU C 397 -32.08 13.53 -35.73
N ASP C 398 -31.97 14.86 -35.63
CA ASP C 398 -31.52 15.71 -36.72
C ASP C 398 -30.09 15.39 -37.15
N THR C 399 -29.21 15.16 -36.18
CA THR C 399 -27.81 14.82 -36.42
C THR C 399 -27.49 13.52 -35.70
N ARG C 400 -27.75 12.40 -36.35
CA ARG C 400 -27.31 11.11 -35.85
C ARG C 400 -26.21 10.48 -36.68
N HIS C 401 -25.95 11.02 -37.87
CA HIS C 401 -24.87 10.49 -38.70
C HIS C 401 -23.50 10.97 -38.25
N LEU C 402 -23.45 11.84 -37.23
CA LEU C 402 -22.21 12.27 -36.62
C LEU C 402 -21.78 11.34 -35.48
N SER C 403 -22.63 10.39 -35.11
CA SER C 403 -22.36 9.57 -33.94
C SER C 403 -21.47 8.38 -34.31
N ARG C 404 -20.80 7.84 -33.29
CA ARG C 404 -19.92 6.70 -33.50
C ARG C 404 -20.17 5.53 -32.55
N LYS C 405 -20.93 5.70 -31.46
CA LYS C 405 -21.39 4.58 -30.65
C LYS C 405 -22.89 4.49 -30.82
N PHE C 406 -23.33 3.52 -31.60
CA PHE C 406 -24.74 3.31 -31.86
C PHE C 406 -25.30 2.37 -30.80
N LYS C 407 -26.51 1.85 -31.03
CA LYS C 407 -27.16 0.99 -30.05
C LYS C 407 -28.07 0.05 -30.84
N ASP C 408 -27.61 -1.19 -31.02
CA ASP C 408 -28.15 -2.09 -32.04
C ASP C 408 -29.50 -2.67 -31.62
N TRP C 409 -29.56 -3.32 -30.45
CA TRP C 409 -30.79 -3.85 -29.91
C TRP C 409 -30.76 -3.79 -28.38
N ALA C 410 -31.88 -4.15 -27.75
CA ALA C 410 -31.98 -4.23 -26.30
C ALA C 410 -33.09 -5.18 -25.90
N TYR C 411 -32.89 -5.94 -24.83
CA TYR C 411 -33.90 -6.83 -24.29
C TYR C 411 -33.71 -6.92 -22.79
N GLY C 412 -34.37 -6.03 -22.06
CA GLY C 412 -34.15 -5.95 -20.63
C GLY C 412 -32.76 -5.46 -20.34
N PRO C 413 -32.06 -6.16 -19.46
CA PRO C 413 -30.70 -5.76 -19.11
C PRO C 413 -29.63 -6.34 -20.01
N VAL C 414 -29.83 -6.29 -21.33
CA VAL C 414 -28.74 -6.59 -22.25
C VAL C 414 -28.92 -5.76 -23.51
N TYR C 415 -27.96 -4.90 -23.79
CA TYR C 415 -28.03 -4.03 -24.94
C TYR C 415 -26.74 -4.10 -25.75
N SER C 416 -26.87 -3.92 -27.04
CA SER C 416 -25.79 -4.13 -28.00
C SER C 416 -25.27 -2.78 -28.47
N SER C 417 -24.26 -2.27 -27.78
CA SER C 417 -23.55 -1.08 -28.23
C SER C 417 -22.74 -1.43 -29.46
N LEU C 418 -22.76 -0.55 -30.45
CA LEU C 418 -22.28 -0.87 -31.79
C LEU C 418 -21.32 0.23 -32.23
N TYR C 419 -20.04 0.08 -31.88
CA TYR C 419 -19.02 1.07 -32.15
C TYR C 419 -18.67 1.13 -33.64
N ASP C 420 -18.44 2.34 -34.13
CA ASP C 420 -18.17 2.61 -35.53
C ASP C 420 -16.67 2.59 -35.83
N LEU C 421 -16.20 1.53 -36.51
CA LEU C 421 -14.88 1.53 -37.14
C LEU C 421 -14.91 2.22 -38.49
N SER C 422 -14.38 3.44 -38.58
CA SER C 422 -14.33 4.17 -39.84
C SER C 422 -12.92 4.62 -40.18
N SER C 423 -12.13 4.98 -39.17
CA SER C 423 -10.71 5.22 -39.33
C SER C 423 -9.86 4.32 -38.46
N LEU C 424 -10.47 3.61 -37.51
CA LEU C 424 -9.78 2.72 -36.58
C LEU C 424 -9.24 1.46 -37.23
N ASP C 425 -10.00 0.82 -38.11
CA ASP C 425 -9.54 -0.40 -38.76
C ASP C 425 -9.86 -0.30 -40.24
N THR C 426 -8.93 0.26 -41.01
CA THR C 426 -9.07 0.43 -42.44
C THR C 426 -7.95 -0.40 -43.05
N CYS C 427 -8.30 -1.57 -43.54
CA CYS C 427 -7.31 -2.48 -44.11
C CYS C 427 -6.73 -1.92 -45.41
N GLY C 428 -5.51 -1.41 -45.33
CA GLY C 428 -4.81 -0.94 -46.52
C GLY C 428 -5.13 0.46 -47.02
N GLU C 429 -6.33 0.66 -47.60
CA GLU C 429 -6.54 1.83 -48.45
C GLU C 429 -6.90 3.12 -47.70
N GLU C 430 -6.16 3.40 -46.61
CA GLU C 430 -6.35 4.60 -45.79
C GLU C 430 -5.25 4.60 -44.73
N ALA C 431 -4.97 5.75 -44.13
CA ALA C 431 -4.21 5.76 -42.89
C ALA C 431 -5.14 5.29 -41.78
N SER C 432 -4.58 4.88 -40.65
CA SER C 432 -5.39 4.21 -39.64
C SER C 432 -5.08 4.73 -38.26
N VAL C 433 -6.09 4.83 -37.39
CA VAL C 433 -5.86 5.23 -36.01
C VAL C 433 -5.17 4.14 -35.22
N LEU C 434 -5.38 2.88 -35.58
CA LEU C 434 -4.71 1.78 -34.89
C LEU C 434 -3.25 1.65 -35.29
N GLU C 435 -2.89 1.99 -36.52
CA GLU C 435 -1.48 1.99 -36.89
C GLU C 435 -0.77 3.21 -36.33
N ILE C 436 -1.51 4.31 -36.10
CA ILE C 436 -0.91 5.50 -35.52
C ILE C 436 -0.66 5.32 -34.03
N LEU C 437 -1.62 4.73 -33.32
CA LEU C 437 -1.46 4.47 -31.89
C LEU C 437 -0.35 3.46 -31.61
N VAL C 438 -0.23 2.40 -32.39
CA VAL C 438 0.78 1.38 -32.13
C VAL C 438 2.17 1.81 -32.57
N TYR C 439 2.28 2.51 -33.69
CA TYR C 439 3.61 2.83 -34.22
C TYR C 439 4.03 4.27 -33.94
N ASN C 440 3.20 5.23 -34.35
CA ASN C 440 3.61 6.63 -34.45
C ASN C 440 3.06 7.50 -33.33
N SER C 441 2.79 6.93 -32.15
CA SER C 441 2.19 7.69 -31.07
C SER C 441 3.25 8.14 -30.07
N LYS C 442 2.81 8.73 -28.96
CA LYS C 442 3.68 9.14 -27.86
C LYS C 442 3.58 8.07 -26.78
N ILE C 443 4.73 7.57 -26.32
CA ILE C 443 4.79 6.34 -25.55
C ILE C 443 4.33 6.55 -24.11
N GLU C 444 4.19 7.80 -23.67
CA GLU C 444 3.74 8.07 -22.32
C GLU C 444 2.27 7.73 -22.16
N ASN C 445 1.47 7.97 -23.20
CA ASN C 445 0.04 7.72 -23.15
C ASN C 445 -0.39 6.54 -24.01
N ARG C 446 0.54 5.89 -24.70
CA ARG C 446 0.23 4.85 -25.68
C ARG C 446 -0.41 3.62 -25.06
N HIS C 447 0.03 3.25 -23.85
CA HIS C 447 -0.56 2.12 -23.15
C HIS C 447 -1.93 2.41 -22.58
N GLU C 448 -2.32 3.68 -22.49
CA GLU C 448 -3.60 4.08 -21.96
C GLU C 448 -4.62 4.32 -23.06
N MET C 449 -4.18 4.71 -24.25
CA MET C 449 -5.06 4.89 -25.39
C MET C 449 -5.42 3.60 -26.10
N LEU C 450 -4.59 2.55 -25.99
CA LEU C 450 -4.97 1.28 -26.60
C LEU C 450 -5.82 0.44 -25.66
N ALA C 451 -6.78 1.06 -24.98
CA ALA C 451 -7.71 0.32 -24.14
C ALA C 451 -9.05 1.01 -23.98
N VAL C 452 -9.49 1.83 -24.93
CA VAL C 452 -10.49 2.80 -24.48
C VAL C 452 -11.91 2.24 -24.48
N GLU C 453 -12.66 2.22 -25.58
CA GLU C 453 -13.69 1.20 -25.64
C GLU C 453 -13.43 0.09 -26.65
N PRO C 454 -13.23 0.35 -27.96
CA PRO C 454 -13.20 -0.79 -28.89
C PRO C 454 -11.81 -1.33 -29.15
N ILE C 455 -10.75 -0.56 -28.86
CA ILE C 455 -9.39 -0.89 -29.26
C ILE C 455 -8.90 -2.15 -28.57
N ASN C 456 -9.30 -2.38 -27.32
CA ASN C 456 -8.88 -3.57 -26.61
C ASN C 456 -9.58 -4.82 -27.15
N GLU C 457 -10.85 -4.71 -27.54
CA GLU C 457 -11.53 -5.83 -28.17
C GLU C 457 -11.14 -5.97 -29.63
N LEU C 458 -10.74 -4.87 -30.27
CA LEU C 458 -10.34 -4.92 -31.67
C LEU C 458 -9.02 -5.66 -31.82
N LEU C 459 -8.11 -5.49 -30.86
CA LEU C 459 -6.85 -6.20 -30.92
C LEU C 459 -7.00 -7.68 -30.60
N ARG C 460 -7.92 -8.05 -29.70
CA ARG C 460 -8.14 -9.46 -29.44
C ARG C 460 -8.89 -10.13 -30.58
N ASP C 461 -9.79 -9.39 -31.25
CA ASP C 461 -10.45 -9.97 -32.41
C ASP C 461 -9.52 -10.10 -33.61
N LYS C 462 -8.50 -9.27 -33.69
CA LYS C 462 -7.42 -9.45 -34.65
C LYS C 462 -6.34 -10.39 -34.13
N TRP C 463 -6.55 -11.01 -32.97
CA TRP C 463 -5.64 -12.00 -32.40
C TRP C 463 -6.28 -13.40 -32.40
N ARG C 464 -7.56 -13.47 -32.05
CA ARG C 464 -8.33 -14.72 -32.13
C ARG C 464 -8.43 -15.22 -33.57
N LYS C 465 -8.46 -14.28 -34.50
CA LYS C 465 -8.29 -14.51 -35.93
C LYS C 465 -6.81 -14.69 -36.26
N PHE C 466 -6.43 -14.32 -37.49
CA PHE C 466 -5.11 -14.46 -38.09
C PHE C 466 -3.91 -14.19 -37.17
N GLY C 467 -4.07 -13.27 -36.21
CA GLY C 467 -3.00 -12.83 -35.32
C GLY C 467 -2.22 -13.88 -34.54
N ALA C 468 -2.89 -14.66 -33.68
CA ALA C 468 -2.20 -15.65 -32.86
C ALA C 468 -1.62 -16.79 -33.69
N VAL C 469 -2.40 -17.28 -34.65
CA VAL C 469 -2.07 -18.45 -35.45
C VAL C 469 -0.84 -18.16 -36.30
N SER C 470 -0.83 -17.03 -37.00
CA SER C 470 0.29 -16.71 -37.86
C SER C 470 1.51 -16.23 -37.08
N PHE C 471 1.38 -15.99 -35.78
CA PHE C 471 2.56 -15.68 -34.97
C PHE C 471 3.33 -16.94 -34.63
N TYR C 472 2.61 -18.02 -34.29
CA TYR C 472 3.30 -19.24 -33.89
C TYR C 472 3.81 -20.02 -35.09
N ILE C 473 3.41 -19.63 -36.30
CA ILE C 473 4.02 -20.14 -37.52
C ILE C 473 5.44 -19.59 -37.59
N ASN C 474 5.63 -18.34 -37.16
CA ASN C 474 6.94 -17.73 -37.27
C ASN C 474 7.92 -18.26 -36.23
N VAL C 475 7.43 -18.62 -35.03
CA VAL C 475 8.36 -19.06 -33.99
C VAL C 475 8.84 -20.47 -34.27
N VAL C 476 8.03 -21.29 -34.96
CA VAL C 476 8.48 -22.64 -35.30
C VAL C 476 9.28 -22.59 -36.60
N SER C 477 9.23 -21.47 -37.29
CA SER C 477 10.03 -21.32 -38.51
C SER C 477 11.38 -20.68 -38.19
N TYR C 478 11.41 -19.72 -37.28
CA TYR C 478 12.66 -19.05 -36.95
C TYR C 478 13.57 -19.92 -36.10
N LEU C 479 12.99 -20.72 -35.20
CA LEU C 479 13.77 -21.64 -34.40
C LEU C 479 14.40 -22.73 -35.27
N CYS C 480 13.63 -23.24 -36.23
CA CYS C 480 14.17 -24.15 -37.24
C CYS C 480 15.16 -23.44 -38.15
N ALA C 481 15.02 -22.12 -38.32
CA ALA C 481 16.00 -21.37 -39.10
C ALA C 481 17.31 -21.23 -38.33
N MET C 482 17.27 -21.43 -37.02
CA MET C 482 18.50 -21.33 -36.23
C MET C 482 19.08 -22.71 -35.93
N VAL C 483 18.25 -23.75 -36.03
CA VAL C 483 18.73 -25.12 -35.89
C VAL C 483 19.58 -25.47 -37.10
N ILE C 484 19.08 -25.18 -38.29
CA ILE C 484 19.78 -25.43 -39.55
C ILE C 484 21.06 -24.61 -39.59
N PHE C 485 21.01 -23.38 -39.07
CA PHE C 485 22.20 -22.54 -38.96
C PHE C 485 23.21 -23.10 -37.97
N THR C 486 22.74 -23.84 -36.96
CA THR C 486 23.63 -24.41 -35.96
C THR C 486 24.40 -25.60 -36.54
N LEU C 487 23.70 -26.44 -37.31
CA LEU C 487 24.32 -27.63 -37.89
C LEU C 487 25.37 -27.28 -38.93
N THR C 488 25.22 -26.12 -39.59
CA THR C 488 26.24 -25.65 -40.51
C THR C 488 27.50 -25.18 -39.81
N ALA C 489 27.44 -24.88 -38.52
CA ALA C 489 28.61 -24.50 -37.74
C ALA C 489 29.34 -25.72 -37.17
N TYR C 490 28.58 -26.73 -36.74
CA TYR C 490 29.17 -27.92 -36.14
C TYR C 490 29.72 -28.89 -37.17
N TYR C 491 29.15 -28.95 -38.38
CA TYR C 491 29.62 -29.86 -39.42
C TYR C 491 30.64 -29.23 -40.34
N GLN C 492 31.35 -28.19 -39.91
CA GLN C 492 32.16 -27.42 -40.83
C GLN C 492 33.62 -27.89 -40.79
N PRO C 493 34.17 -28.32 -41.93
CA PRO C 493 35.59 -28.69 -41.97
C PRO C 493 36.51 -27.50 -42.18
N LEU C 494 36.86 -26.82 -41.08
CA LEU C 494 37.70 -25.63 -41.09
C LEU C 494 39.10 -25.92 -41.65
N GLU C 495 39.39 -25.41 -42.86
CA GLU C 495 40.64 -25.69 -43.55
C GLU C 495 41.10 -24.55 -44.46
N GLY C 496 41.90 -23.61 -43.94
CA GLY C 496 42.70 -22.74 -44.79
C GLY C 496 41.90 -21.82 -45.70
N THR C 497 41.83 -22.24 -46.96
CA THR C 497 41.11 -21.70 -48.13
C THR C 497 39.60 -21.95 -47.94
N PRO C 498 38.72 -21.57 -48.88
CA PRO C 498 37.34 -22.11 -48.82
C PRO C 498 37.33 -23.62 -48.84
N PRO C 499 36.65 -24.25 -47.86
CA PRO C 499 36.64 -25.72 -47.76
C PRO C 499 35.72 -26.40 -48.76
N TYR C 500 35.35 -25.73 -49.85
CA TYR C 500 34.30 -26.00 -50.83
C TYR C 500 34.02 -27.45 -51.24
N PRO C 501 35.01 -28.28 -51.76
CA PRO C 501 34.64 -29.41 -52.64
C PRO C 501 33.82 -30.51 -51.98
N TYR C 502 32.51 -30.25 -51.86
CA TYR C 502 31.54 -31.06 -51.15
C TYR C 502 31.49 -32.50 -51.66
N ARG C 503 31.07 -32.68 -52.91
CA ARG C 503 31.28 -33.85 -53.79
C ARG C 503 30.73 -35.17 -53.25
N THR C 504 30.03 -35.17 -52.13
CA THR C 504 29.56 -36.42 -51.56
C THR C 504 28.12 -36.28 -51.07
N THR C 505 27.57 -37.40 -50.58
CA THR C 505 26.18 -37.43 -50.14
C THR C 505 25.99 -36.77 -48.78
N VAL C 506 27.09 -36.46 -48.09
CA VAL C 506 27.01 -35.89 -46.75
C VAL C 506 27.06 -34.37 -46.84
N ASP C 507 27.91 -33.86 -47.73
CA ASP C 507 28.34 -32.47 -47.62
C ASP C 507 27.40 -31.51 -48.35
N TYR C 508 26.45 -32.02 -49.15
CA TYR C 508 25.55 -31.10 -49.83
C TYR C 508 24.44 -30.63 -48.89
N LEU C 509 24.30 -31.30 -47.75
CA LEU C 509 23.47 -30.76 -46.67
C LEU C 509 24.14 -29.55 -46.02
N ARG C 510 25.47 -29.51 -46.05
CA ARG C 510 26.19 -28.38 -45.48
C ARG C 510 26.09 -27.15 -46.39
N LEU C 511 26.11 -27.37 -47.70
CA LEU C 511 25.95 -26.25 -48.63
C LEU C 511 24.54 -25.69 -48.61
N ALA C 512 23.54 -26.58 -48.64
CA ALA C 512 22.14 -26.14 -48.70
C ALA C 512 21.71 -25.47 -47.41
N GLY C 513 22.32 -25.86 -46.29
CA GLY C 513 22.09 -25.18 -45.04
C GLY C 513 22.66 -23.77 -45.04
N GLU C 514 23.80 -23.59 -45.72
CA GLU C 514 24.43 -22.27 -45.82
C GLU C 514 23.63 -21.38 -46.76
N VAL C 515 22.91 -21.98 -47.71
CA VAL C 515 22.02 -21.25 -48.61
C VAL C 515 20.86 -20.66 -47.81
N ILE C 516 20.25 -21.46 -46.95
CA ILE C 516 19.14 -21.04 -46.10
C ILE C 516 19.63 -19.99 -45.10
N THR C 517 20.88 -20.14 -44.65
CA THR C 517 21.54 -19.18 -43.77
C THR C 517 21.62 -17.80 -44.41
N LEU C 518 22.04 -17.73 -45.67
CA LEU C 518 22.05 -16.45 -46.37
C LEU C 518 20.64 -15.97 -46.69
N PHE C 519 19.68 -16.88 -46.82
CA PHE C 519 18.30 -16.47 -47.02
C PHE C 519 17.71 -15.85 -45.75
N THR C 520 18.25 -16.23 -44.60
CA THR C 520 17.93 -15.50 -43.38
C THR C 520 18.73 -14.19 -43.33
N GLY C 521 19.84 -14.14 -44.04
CA GLY C 521 20.72 -12.99 -43.99
C GLY C 521 20.20 -11.77 -44.74
N VAL C 522 19.88 -11.94 -46.01
CA VAL C 522 19.50 -10.82 -46.87
C VAL C 522 18.07 -10.39 -46.54
N LEU C 523 17.24 -11.32 -46.06
CA LEU C 523 15.84 -11.00 -45.80
C LEU C 523 15.66 -10.28 -44.48
N PHE C 524 16.50 -10.57 -43.49
CA PHE C 524 16.41 -9.83 -42.22
C PHE C 524 16.96 -8.42 -42.41
N PHE C 525 17.85 -8.24 -43.40
CA PHE C 525 18.38 -6.93 -43.72
C PHE C 525 17.29 -6.05 -44.32
N PHE C 526 16.54 -6.61 -45.27
CA PHE C 526 15.50 -5.86 -45.97
C PHE C 526 14.31 -5.57 -45.07
N THR C 527 13.89 -6.55 -44.27
CA THR C 527 12.74 -6.39 -43.39
C THR C 527 13.02 -5.35 -42.30
N ASN C 528 14.27 -5.26 -41.86
CA ASN C 528 14.62 -4.30 -40.82
C ASN C 528 14.65 -2.88 -41.38
N ILE C 529 15.40 -2.67 -42.46
CA ILE C 529 15.72 -1.33 -42.97
C ILE C 529 14.51 -0.70 -43.65
N LYS C 530 13.83 -1.44 -44.53
CA LYS C 530 12.69 -0.91 -45.27
C LYS C 530 11.51 -0.59 -44.36
N ASP C 531 11.46 -1.23 -43.18
CA ASP C 531 10.48 -0.84 -42.17
C ASP C 531 11.00 0.30 -41.31
N LEU C 532 12.34 0.43 -41.18
CA LEU C 532 12.96 1.41 -40.29
C LEU C 532 12.72 2.85 -40.75
N PHE C 533 13.09 3.17 -42.00
CA PHE C 533 12.99 4.55 -42.46
C PHE C 533 11.55 4.93 -42.79
N MET C 534 10.76 3.96 -43.24
CA MET C 534 9.39 4.22 -43.64
C MET C 534 8.49 4.44 -42.43
N LYS C 535 8.41 3.45 -41.54
CA LYS C 535 7.53 3.53 -40.38
C LYS C 535 8.30 3.24 -39.10
N LYS C 536 7.53 3.04 -38.02
CA LYS C 536 7.96 2.56 -36.71
C LYS C 536 8.84 3.52 -35.91
N CYS C 537 9.24 4.67 -36.51
CA CYS C 537 9.85 5.83 -35.85
C CYS C 537 11.05 5.51 -34.97
N PRO C 538 12.24 5.28 -35.54
CA PRO C 538 13.38 4.79 -34.74
C PRO C 538 13.93 5.77 -33.72
N GLY C 539 13.11 6.12 -32.73
CA GLY C 539 13.51 7.03 -31.68
C GLY C 539 14.31 6.39 -30.57
N VAL C 540 14.78 7.21 -29.64
CA VAL C 540 15.56 6.72 -28.50
C VAL C 540 14.67 6.26 -27.34
N ASN C 541 13.36 6.47 -27.43
CA ASN C 541 12.47 6.11 -26.32
C ASN C 541 11.76 4.78 -26.52
N SER C 542 11.85 4.19 -27.71
CA SER C 542 11.16 2.93 -27.98
C SER C 542 12.04 1.71 -27.78
N LEU C 543 13.14 1.82 -27.02
CA LEU C 543 14.15 0.78 -26.91
C LEU C 543 13.65 -0.49 -26.23
N PHE C 544 12.57 -0.40 -25.45
CA PHE C 544 11.93 -1.60 -24.92
C PHE C 544 10.62 -1.92 -25.63
N ILE C 545 10.28 -1.18 -26.67
CA ILE C 545 9.05 -1.30 -27.44
C ILE C 545 9.48 -1.67 -28.86
N ASP C 546 10.42 -2.64 -28.92
CA ASP C 546 11.05 -3.17 -30.12
C ASP C 546 11.95 -2.11 -30.74
N GLY C 547 12.80 -1.51 -29.91
CA GLY C 547 13.87 -0.66 -30.40
C GLY C 547 15.21 -1.34 -30.29
N SER C 548 15.41 -2.08 -29.20
CA SER C 548 16.63 -2.85 -29.00
C SER C 548 16.72 -3.97 -30.02
N PHE C 549 15.61 -4.71 -30.18
CA PHE C 549 15.58 -5.79 -31.18
C PHE C 549 15.62 -5.24 -32.60
N GLN C 550 15.26 -3.97 -32.78
CA GLN C 550 15.43 -3.31 -34.07
C GLN C 550 16.92 -3.14 -34.38
N LEU C 551 17.76 -3.09 -33.35
CA LEU C 551 19.19 -2.93 -33.55
C LEU C 551 19.90 -4.27 -33.61
N LEU C 552 19.39 -5.26 -32.87
CA LEU C 552 20.05 -6.57 -32.81
C LEU C 552 19.83 -7.39 -34.08
N TYR C 553 18.65 -7.31 -34.68
CA TYR C 553 18.43 -8.03 -35.94
C TYR C 553 19.14 -7.37 -37.10
N PHE C 554 19.60 -6.13 -36.94
CA PHE C 554 20.51 -5.57 -37.93
C PHE C 554 21.89 -6.18 -37.80
N ILE C 555 22.36 -6.36 -36.55
CA ILE C 555 23.71 -6.88 -36.30
C ILE C 555 23.82 -8.33 -36.72
N TYR C 556 22.74 -9.10 -36.52
CA TYR C 556 22.68 -10.49 -37.00
C TYR C 556 22.79 -10.57 -38.51
N SER C 557 22.27 -9.57 -39.22
CA SER C 557 22.38 -9.61 -40.67
C SER C 557 23.70 -9.02 -41.15
N VAL C 558 24.37 -8.21 -40.33
CA VAL C 558 25.68 -7.67 -40.67
C VAL C 558 26.71 -8.79 -40.64
N LEU C 559 26.75 -9.52 -39.52
CA LEU C 559 27.76 -10.55 -39.26
C LEU C 559 27.69 -11.70 -40.25
N VAL C 560 26.48 -12.06 -40.69
CA VAL C 560 26.30 -13.19 -41.58
C VAL C 560 26.73 -12.80 -43.00
N ILE C 561 26.69 -11.50 -43.31
CA ILE C 561 27.15 -11.03 -44.62
C ILE C 561 28.67 -11.06 -44.66
N VAL C 562 29.31 -10.59 -43.58
CA VAL C 562 30.77 -10.54 -43.47
C VAL C 562 31.33 -11.96 -43.47
N SER C 563 30.64 -12.88 -42.80
CA SER C 563 31.07 -14.26 -42.67
C SER C 563 31.12 -15.01 -44.00
N ALA C 564 30.01 -15.02 -44.73
CA ALA C 564 29.93 -15.72 -46.00
C ALA C 564 30.79 -15.06 -47.08
N ALA C 565 31.07 -13.77 -46.91
CA ALA C 565 32.03 -13.09 -47.76
C ALA C 565 33.44 -13.61 -47.49
N LEU C 566 33.83 -13.64 -46.21
CA LEU C 566 35.15 -14.14 -45.84
C LEU C 566 35.27 -15.65 -46.03
N TYR C 567 34.12 -16.35 -46.04
CA TYR C 567 34.09 -17.77 -46.35
C TYR C 567 34.49 -18.01 -47.79
N LEU C 568 33.79 -17.35 -48.73
CA LEU C 568 34.01 -17.62 -50.14
C LEU C 568 35.29 -16.95 -50.65
N ALA C 569 35.78 -15.93 -49.95
CA ALA C 569 37.02 -15.28 -50.37
C ALA C 569 38.23 -16.13 -50.02
N GLY C 570 38.43 -16.40 -48.73
CA GLY C 570 39.56 -17.20 -48.32
C GLY C 570 40.20 -16.81 -47.01
N ILE C 571 39.75 -15.70 -46.42
CA ILE C 571 40.25 -15.24 -45.13
C ILE C 571 39.76 -16.20 -44.05
N GLU C 572 40.71 -16.77 -43.29
CA GLU C 572 40.48 -17.82 -42.31
C GLU C 572 39.55 -17.41 -41.17
N ALA C 573 39.44 -16.10 -40.91
CA ALA C 573 38.63 -15.59 -39.81
C ALA C 573 37.13 -15.63 -40.06
N TYR C 574 36.69 -16.32 -41.12
CA TYR C 574 35.28 -16.48 -41.46
C TYR C 574 34.52 -17.19 -40.35
N LEU C 575 35.15 -18.19 -39.73
CA LEU C 575 34.47 -19.00 -38.72
C LEU C 575 34.34 -18.22 -37.42
N ALA C 576 35.26 -17.30 -37.17
CA ALA C 576 35.14 -16.40 -36.03
C ALA C 576 34.01 -15.40 -36.25
N VAL C 577 33.84 -14.95 -37.49
CA VAL C 577 32.74 -14.02 -37.80
C VAL C 577 31.42 -14.79 -37.80
N MET C 578 31.46 -16.06 -38.22
CA MET C 578 30.28 -16.91 -38.25
C MET C 578 29.76 -17.19 -36.84
N VAL C 579 30.68 -17.31 -35.87
CA VAL C 579 30.29 -17.77 -34.54
C VAL C 579 29.74 -16.60 -33.72
N PHE C 580 29.93 -15.37 -34.22
CA PHE C 580 29.23 -14.26 -33.57
C PHE C 580 27.78 -14.20 -34.03
N ALA C 581 27.42 -14.93 -35.09
CA ALA C 581 26.03 -14.98 -35.52
C ALA C 581 25.30 -16.13 -34.82
N LEU C 582 26.05 -17.10 -34.30
CA LEU C 582 25.47 -18.14 -33.46
C LEU C 582 25.05 -17.56 -32.13
N VAL C 583 25.94 -16.78 -31.52
CA VAL C 583 25.74 -16.26 -30.17
C VAL C 583 24.72 -15.14 -30.18
N LEU C 584 24.48 -14.54 -31.35
CA LEU C 584 23.58 -13.41 -31.41
C LEU C 584 22.18 -13.92 -31.71
N GLY C 585 22.05 -14.74 -32.75
CA GLY C 585 20.77 -15.18 -33.28
C GLY C 585 19.90 -16.01 -32.34
N TRP C 586 20.48 -17.00 -31.65
CA TRP C 586 19.75 -17.70 -30.60
C TRP C 586 19.39 -16.78 -29.46
N MET C 587 20.29 -15.84 -29.15
CA MET C 587 19.97 -14.82 -28.16
C MET C 587 18.98 -13.81 -28.73
N ASN C 588 18.93 -13.66 -30.06
CA ASN C 588 17.95 -12.79 -30.69
C ASN C 588 16.61 -13.47 -30.91
N ALA C 589 16.49 -14.74 -30.51
CA ALA C 589 15.22 -15.46 -30.59
C ALA C 589 14.34 -15.13 -29.39
N LEU C 590 14.84 -14.29 -28.50
CA LEU C 590 14.18 -13.78 -27.31
C LEU C 590 13.11 -12.74 -27.65
N TYR C 591 13.05 -12.32 -28.92
CA TYR C 591 11.94 -11.55 -29.45
C TYR C 591 10.62 -12.30 -29.29
N PHE C 592 10.56 -13.54 -29.74
CA PHE C 592 9.36 -14.35 -29.92
C PHE C 592 8.70 -14.79 -28.66
N THR C 593 9.13 -14.40 -27.46
CA THR C 593 8.31 -14.61 -26.27
C THR C 593 7.19 -13.60 -26.15
N ARG C 594 7.19 -12.57 -27.00
CA ARG C 594 6.20 -11.51 -27.02
C ARG C 594 4.86 -11.99 -27.57
N GLY C 595 3.89 -12.15 -26.69
CA GLY C 595 2.59 -12.65 -27.10
C GLY C 595 1.96 -13.56 -26.06
N LEU C 596 2.70 -13.88 -25.00
CA LEU C 596 2.26 -14.80 -23.97
C LEU C 596 1.82 -14.09 -22.70
N LYS C 597 2.58 -13.07 -22.26
CA LYS C 597 2.51 -12.27 -21.04
C LYS C 597 2.98 -13.07 -19.82
N LEU C 598 3.20 -14.38 -19.99
CA LEU C 598 3.75 -15.18 -18.91
C LEU C 598 5.27 -15.02 -18.98
N THR C 599 5.85 -15.43 -20.11
CA THR C 599 7.29 -15.31 -20.28
C THR C 599 7.65 -13.99 -20.95
N GLY C 600 6.67 -13.31 -21.52
CA GLY C 600 6.90 -12.05 -22.21
C GLY C 600 7.29 -10.89 -21.32
N THR C 601 6.62 -10.75 -20.17
CA THR C 601 6.96 -9.71 -19.22
C THR C 601 8.23 -10.07 -18.47
N TYR C 602 8.56 -11.36 -18.43
CA TYR C 602 9.81 -11.81 -17.85
C TYR C 602 10.99 -11.32 -18.67
N SER C 603 10.87 -11.37 -19.99
CA SER C 603 11.97 -10.95 -20.85
C SER C 603 12.11 -9.43 -20.90
N ILE C 604 11.08 -8.70 -20.47
CA ILE C 604 11.21 -7.26 -20.28
C ILE C 604 12.22 -6.94 -19.19
N MET C 605 12.23 -7.72 -18.12
CA MET C 605 13.22 -7.60 -17.05
C MET C 605 14.63 -7.88 -17.54
N ILE C 606 14.79 -8.73 -18.56
CA ILE C 606 16.11 -9.04 -19.11
C ILE C 606 16.79 -7.79 -19.65
N GLN C 607 16.06 -6.97 -20.40
CA GLN C 607 16.66 -5.74 -20.88
C GLN C 607 16.60 -4.63 -19.83
N LYS C 608 15.70 -4.75 -18.85
CA LYS C 608 15.59 -3.74 -17.79
C LYS C 608 16.74 -3.80 -16.80
N ILE C 609 16.99 -4.98 -16.23
CA ILE C 609 18.08 -5.18 -15.28
C ILE C 609 19.44 -4.93 -15.93
N LEU C 610 19.65 -5.46 -17.14
CA LEU C 610 20.95 -5.44 -17.79
C LEU C 610 21.40 -4.04 -18.22
N PHE C 611 20.47 -3.11 -18.35
CA PHE C 611 20.82 -1.77 -18.82
C PHE C 611 20.76 -0.76 -17.69
N LYS C 612 19.66 -0.70 -16.93
CA LYS C 612 19.51 0.38 -15.96
C LYS C 612 20.28 0.12 -14.67
N ASP C 613 20.73 -1.13 -14.45
CA ASP C 613 21.27 -1.51 -13.16
C ASP C 613 22.60 -2.24 -13.24
N LEU C 614 22.96 -2.78 -14.40
CA LEU C 614 24.25 -3.44 -14.56
C LEU C 614 25.35 -2.49 -14.99
N PHE C 615 25.00 -1.43 -15.73
CA PHE C 615 25.98 -0.42 -16.12
C PHE C 615 26.09 0.68 -15.09
N ARG C 616 25.49 0.46 -13.93
CA ARG C 616 25.59 1.33 -12.78
C ARG C 616 26.06 0.57 -11.55
N PHE C 617 26.19 -0.75 -11.65
CA PHE C 617 26.94 -1.58 -10.73
C PHE C 617 28.37 -1.83 -11.20
N LEU C 618 28.55 -2.07 -12.51
CA LEU C 618 29.89 -2.26 -13.05
C LEU C 618 30.70 -0.97 -13.04
N LEU C 619 30.05 0.18 -12.91
CA LEU C 619 30.79 1.40 -12.60
C LEU C 619 31.38 1.35 -11.21
N VAL C 620 30.53 1.06 -10.21
CA VAL C 620 30.96 1.14 -8.81
C VAL C 620 31.87 -0.04 -8.47
N TYR C 621 31.65 -1.20 -9.10
CA TYR C 621 32.53 -2.35 -8.89
C TYR C 621 33.91 -2.11 -9.49
N LEU C 622 33.98 -1.41 -10.61
CA LEU C 622 35.28 -1.06 -11.18
C LEU C 622 35.88 0.21 -10.58
N LEU C 623 35.23 0.83 -9.61
CA LEU C 623 35.94 1.80 -8.79
C LEU C 623 36.73 1.16 -7.66
N PHE C 624 36.64 -0.16 -7.52
CA PHE C 624 37.41 -0.89 -6.52
C PHE C 624 38.46 -1.76 -7.21
N MET C 625 38.13 -2.27 -8.39
CA MET C 625 39.01 -3.17 -9.14
C MET C 625 40.13 -2.38 -9.82
N ILE C 626 39.92 -1.09 -10.04
CA ILE C 626 41.00 -0.23 -10.52
C ILE C 626 41.68 0.36 -9.28
N GLY C 627 41.11 0.07 -8.13
CA GLY C 627 41.64 0.52 -6.86
C GLY C 627 42.54 -0.53 -6.26
N TYR C 628 41.97 -1.35 -5.37
CA TYR C 628 42.60 -2.48 -4.68
C TYR C 628 43.55 -3.32 -5.53
N ALA C 629 43.13 -3.71 -6.74
CA ALA C 629 43.96 -4.55 -7.58
C ALA C 629 45.18 -3.80 -8.07
N SER C 630 45.04 -2.50 -8.34
CA SER C 630 46.19 -1.67 -8.67
C SER C 630 46.91 -1.24 -7.40
N ALA C 631 46.31 -1.52 -6.24
CA ALA C 631 46.96 -1.23 -4.98
C ALA C 631 47.75 -2.41 -4.45
N LEU C 632 47.16 -3.62 -4.50
CA LEU C 632 47.79 -4.79 -3.90
C LEU C 632 49.03 -5.22 -4.67
N VAL C 633 49.03 -5.04 -5.99
CA VAL C 633 50.18 -5.47 -6.79
C VAL C 633 51.29 -4.43 -6.72
N SER C 634 50.97 -3.26 -6.17
CA SER C 634 52.02 -2.29 -5.85
C SER C 634 52.81 -2.77 -4.65
N LEU C 635 52.15 -3.48 -3.74
CA LEU C 635 52.79 -4.08 -2.57
C LEU C 635 53.32 -5.43 -2.99
N LEU C 636 54.33 -5.44 -3.87
CA LEU C 636 54.82 -6.67 -4.49
C LEU C 636 56.21 -6.43 -5.07
N ASN C 637 57.16 -7.32 -4.75
CA ASN C 637 58.56 -7.26 -5.15
C ASN C 637 58.70 -7.27 -6.66
N PRO C 638 59.45 -6.33 -7.25
CA PRO C 638 59.47 -6.21 -8.71
C PRO C 638 60.47 -7.11 -9.42
N CYS C 639 60.54 -8.38 -9.02
CA CYS C 639 61.42 -9.41 -9.58
C CYS C 639 62.87 -8.95 -9.60
N ALA C 640 63.38 -8.52 -8.45
CA ALA C 640 64.73 -8.00 -8.35
C ALA C 640 65.28 -8.16 -6.95
N ARG C 661 54.49 -15.68 -6.76
CA ARG C 661 55.26 -15.52 -7.98
C ARG C 661 55.92 -14.14 -7.95
N ASP C 662 57.01 -13.99 -8.70
CA ASP C 662 57.88 -12.81 -8.62
C ASP C 662 57.22 -11.48 -9.00
N SER C 663 56.89 -11.27 -10.29
CA SER C 663 56.37 -10.00 -10.80
C SER C 663 56.01 -10.07 -12.29
N GLU C 664 55.46 -8.96 -12.80
CA GLU C 664 55.29 -8.63 -14.23
C GLU C 664 54.35 -9.64 -14.90
N THR C 665 53.31 -10.05 -14.17
CA THR C 665 52.21 -10.83 -14.74
C THR C 665 50.89 -10.22 -14.29
N PHE C 666 50.77 -8.90 -14.45
CA PHE C 666 49.64 -8.11 -13.96
C PHE C 666 48.31 -8.51 -14.60
N SER C 667 48.38 -9.02 -15.84
CA SER C 667 47.20 -9.55 -16.53
C SER C 667 46.61 -10.73 -15.76
N THR C 668 47.47 -11.55 -15.17
CA THR C 668 47.00 -12.63 -14.30
C THR C 668 46.66 -12.10 -12.90
N PHE C 669 47.42 -11.11 -12.43
CA PHE C 669 47.25 -10.57 -11.08
C PHE C 669 45.92 -9.84 -10.93
N LEU C 670 45.39 -9.31 -12.03
CA LEU C 670 44.03 -8.79 -12.05
C LEU C 670 43.06 -9.94 -11.86
N LEU C 671 43.30 -11.05 -12.55
CA LEU C 671 42.41 -12.21 -12.48
C LEU C 671 42.55 -12.93 -11.14
N ASP C 672 43.78 -12.97 -10.60
CA ASP C 672 44.07 -13.64 -9.34
C ASP C 672 43.30 -13.07 -8.17
N LEU C 673 43.04 -11.77 -8.20
CA LEU C 673 42.22 -11.14 -7.17
C LEU C 673 40.77 -11.58 -7.31
N PHE C 674 40.28 -11.70 -8.55
CA PHE C 674 38.91 -12.09 -8.82
C PHE C 674 38.64 -13.53 -8.41
N LYS C 675 39.67 -14.36 -8.43
CA LYS C 675 39.57 -15.75 -7.98
C LYS C 675 39.30 -15.81 -6.48
N LEU C 676 39.84 -14.85 -5.75
CA LEU C 676 39.72 -14.82 -4.29
C LEU C 676 38.34 -14.39 -3.84
N THR C 677 37.64 -13.61 -4.67
CA THR C 677 36.35 -13.06 -4.26
C THR C 677 35.20 -14.04 -4.44
N ILE C 678 35.40 -15.12 -5.22
CA ILE C 678 34.36 -16.10 -5.45
C ILE C 678 34.70 -17.45 -4.81
N GLY C 679 35.96 -17.64 -4.41
CA GLY C 679 36.33 -18.83 -3.67
C GLY C 679 37.54 -19.57 -4.22
N MET C 680 37.72 -19.55 -5.53
CA MET C 680 38.78 -20.35 -6.15
C MET C 680 40.13 -19.65 -6.14
N GLY C 681 40.56 -19.19 -4.97
CA GLY C 681 41.82 -18.49 -4.87
C GLY C 681 42.88 -19.34 -4.19
N ASP C 682 44.10 -18.81 -4.09
CA ASP C 682 45.21 -19.56 -3.51
C ASP C 682 45.97 -18.75 -2.47
N LEU C 683 45.94 -17.43 -2.61
CA LEU C 683 46.72 -16.45 -1.85
C LEU C 683 48.23 -16.73 -1.90
N GLU C 684 48.69 -17.35 -2.99
CA GLU C 684 50.10 -17.56 -3.26
C GLU C 684 50.73 -16.26 -3.71
N MET C 685 49.88 -15.30 -4.12
CA MET C 685 50.27 -13.94 -4.47
C MET C 685 50.89 -13.16 -3.30
N LEU C 686 50.73 -13.66 -2.08
CA LEU C 686 51.46 -13.21 -0.90
C LEU C 686 52.95 -13.27 -1.21
N SER C 687 53.46 -14.47 -1.49
CA SER C 687 54.78 -14.73 -2.07
C SER C 687 55.94 -14.15 -1.27
N SER C 688 55.76 -14.07 0.06
CA SER C 688 56.63 -13.36 0.99
C SER C 688 56.87 -11.92 0.53
N THR C 689 55.81 -11.12 0.49
CA THR C 689 55.91 -9.72 0.10
C THR C 689 56.47 -8.88 1.23
N LYS C 690 56.56 -7.57 0.99
CA LYS C 690 57.20 -6.67 1.93
C LYS C 690 56.40 -6.48 3.20
N TYR C 691 55.07 -6.45 3.12
CA TYR C 691 54.22 -6.20 4.28
C TYR C 691 53.01 -7.11 4.24
N PRO C 692 53.14 -8.34 4.75
CA PRO C 692 52.03 -9.30 4.65
C PRO C 692 50.88 -9.00 5.59
N VAL C 693 51.14 -8.22 6.64
CA VAL C 693 50.11 -7.80 7.58
C VAL C 693 49.19 -6.83 6.86
N VAL C 694 49.78 -5.91 6.10
CA VAL C 694 49.05 -4.88 5.38
C VAL C 694 48.30 -5.53 4.21
N PHE C 695 48.97 -6.45 3.52
CA PHE C 695 48.43 -7.09 2.33
C PHE C 695 47.17 -7.90 2.61
N ILE C 696 47.05 -8.44 3.83
CA ILE C 696 45.92 -9.31 4.12
C ILE C 696 44.74 -8.53 4.69
N ILE C 697 44.98 -7.34 5.26
CA ILE C 697 43.85 -6.57 5.80
C ILE C 697 43.24 -5.70 4.72
N LEU C 698 43.96 -5.46 3.62
CA LEU C 698 43.33 -4.90 2.43
C LEU C 698 42.55 -5.96 1.68
N LEU C 699 43.06 -7.19 1.67
CA LEU C 699 42.41 -8.27 0.95
C LEU C 699 41.10 -8.67 1.61
N VAL C 700 41.07 -8.71 2.94
CA VAL C 700 39.85 -9.09 3.65
C VAL C 700 38.90 -7.90 3.69
N THR C 701 39.40 -6.70 3.42
CA THR C 701 38.52 -5.55 3.22
C THR C 701 37.81 -5.67 1.88
N TYR C 702 38.53 -6.12 0.85
CA TYR C 702 37.98 -6.16 -0.50
C TYR C 702 36.94 -7.25 -0.65
N ILE C 703 37.02 -8.30 0.17
CA ILE C 703 36.03 -9.38 0.15
C ILE C 703 34.71 -8.85 0.67
N ILE C 704 34.76 -8.05 1.74
CA ILE C 704 33.58 -7.48 2.37
C ILE C 704 32.94 -6.47 1.43
N LEU C 705 33.74 -5.57 0.86
CA LEU C 705 33.20 -4.50 0.03
C LEU C 705 32.61 -5.04 -1.28
N THR C 706 33.15 -6.15 -1.78
CA THR C 706 32.54 -6.78 -2.94
C THR C 706 31.39 -7.70 -2.55
N PHE C 707 31.20 -7.95 -1.26
CA PHE C 707 29.96 -8.57 -0.80
C PHE C 707 28.93 -7.51 -0.44
N VAL C 708 29.41 -6.35 0.01
CA VAL C 708 28.56 -5.19 0.27
C VAL C 708 27.90 -4.71 -1.02
N LEU C 709 28.71 -4.57 -2.08
CA LEU C 709 28.19 -4.12 -3.38
C LEU C 709 27.32 -5.17 -4.05
N LEU C 710 27.61 -6.44 -3.81
CA LEU C 710 26.84 -7.51 -4.43
C LEU C 710 25.45 -7.57 -3.82
N LEU C 711 25.34 -7.19 -2.54
CA LEU C 711 24.05 -7.18 -1.87
C LEU C 711 23.35 -5.87 -2.24
N ASN C 712 24.14 -4.82 -2.49
CA ASN C 712 23.57 -3.54 -2.91
C ASN C 712 22.97 -3.62 -4.30
N MET C 713 23.59 -4.43 -5.17
CA MET C 713 23.01 -4.69 -6.49
C MET C 713 21.68 -5.41 -6.33
N LEU C 714 21.60 -6.30 -5.34
CA LEU C 714 20.38 -7.08 -5.11
C LEU C 714 19.23 -6.19 -4.65
N ILE C 715 19.52 -5.22 -3.78
CA ILE C 715 18.45 -4.37 -3.27
C ILE C 715 18.18 -3.20 -4.22
N ALA C 716 19.13 -2.91 -5.10
CA ALA C 716 18.85 -1.99 -6.21
C ALA C 716 17.98 -2.68 -7.23
N LEU C 717 17.98 -4.02 -7.23
CA LEU C 717 17.02 -4.76 -8.04
C LEU C 717 15.73 -5.00 -7.27
N MET C 718 15.57 -4.33 -6.12
CA MET C 718 14.32 -4.37 -5.39
C MET C 718 13.56 -3.05 -5.43
N GLY C 719 14.27 -1.91 -5.44
CA GLY C 719 13.60 -0.63 -5.43
C GLY C 719 13.43 0.05 -6.77
N GLU C 720 14.52 0.18 -7.54
CA GLU C 720 14.45 0.79 -8.85
C GLU C 720 13.76 -0.15 -9.83
N THR C 721 14.02 -1.44 -9.64
CA THR C 721 13.38 -2.58 -10.26
C THR C 721 12.09 -2.86 -9.48
N VAL C 722 11.84 -4.13 -9.16
CA VAL C 722 10.62 -4.90 -8.92
C VAL C 722 9.57 -4.24 -8.01
N GLY C 723 8.41 -4.89 -7.83
CA GLY C 723 7.07 -4.55 -8.25
C GLY C 723 6.62 -3.19 -8.74
N GLN C 724 7.32 -2.10 -8.41
CA GLN C 724 7.08 -0.84 -9.14
C GLN C 724 7.31 -0.98 -10.64
N VAL C 725 8.15 -1.93 -11.07
CA VAL C 725 8.38 -2.15 -12.49
C VAL C 725 7.46 -3.25 -13.02
N SER C 726 7.00 -4.15 -12.14
CA SER C 726 6.16 -5.27 -12.56
C SER C 726 4.79 -4.81 -13.09
N LYS C 727 4.35 -3.63 -12.67
CA LYS C 727 3.18 -3.02 -13.31
C LYS C 727 3.56 -2.40 -14.66
N GLU C 728 4.78 -1.84 -14.74
CA GLU C 728 5.22 -1.19 -15.97
C GLU C 728 5.59 -2.21 -17.04
N SER C 729 6.00 -3.41 -16.64
CA SER C 729 6.26 -4.47 -17.62
C SER C 729 4.95 -4.98 -18.22
N LYS C 730 3.86 -4.92 -17.45
CA LYS C 730 2.55 -5.28 -17.99
C LYS C 730 2.09 -4.28 -19.03
N HIS C 731 2.34 -2.99 -18.78
CA HIS C 731 1.97 -1.93 -19.72
C HIS C 731 2.80 -2.02 -20.99
N ILE C 732 4.10 -2.26 -20.84
CA ILE C 732 4.98 -2.25 -21.99
C ILE C 732 4.95 -3.58 -22.72
N TRP C 733 4.31 -4.60 -22.11
CA TRP C 733 4.05 -5.82 -22.86
C TRP C 733 3.00 -5.60 -23.93
N LYS C 734 1.92 -4.89 -23.61
CA LYS C 734 0.83 -4.66 -24.54
C LYS C 734 1.26 -3.75 -25.69
N LEU C 735 2.24 -2.89 -25.45
CA LEU C 735 2.82 -2.10 -26.52
C LEU C 735 3.68 -2.95 -27.44
N GLN C 736 4.26 -4.03 -26.91
CA GLN C 736 4.93 -5.03 -27.70
C GLN C 736 3.95 -6.04 -28.28
N TRP C 737 2.82 -6.24 -27.58
CA TRP C 737 1.82 -7.17 -28.07
C TRP C 737 1.06 -6.57 -29.25
N ALA C 738 0.64 -5.31 -29.13
CA ALA C 738 -0.09 -4.65 -30.21
C ALA C 738 0.80 -4.40 -31.42
N THR C 739 2.11 -4.36 -31.20
CA THR C 739 3.06 -4.27 -32.30
C THR C 739 3.08 -5.59 -33.06
N THR C 740 2.83 -6.69 -32.36
CA THR C 740 2.94 -8.01 -32.96
C THR C 740 1.79 -8.30 -33.91
N ILE C 741 0.57 -7.90 -33.52
CA ILE C 741 -0.58 -8.09 -34.41
C ILE C 741 -0.47 -7.23 -35.65
N LEU C 742 -0.08 -5.96 -35.50
CA LEU C 742 -0.07 -5.02 -36.62
C LEU C 742 1.03 -5.34 -37.62
N ASP C 743 2.20 -5.80 -37.15
CA ASP C 743 3.29 -6.17 -38.05
C ASP C 743 2.94 -7.37 -38.92
N ILE C 744 2.12 -8.27 -38.40
CA ILE C 744 1.57 -9.34 -39.22
C ILE C 744 0.54 -8.76 -40.19
N GLU C 745 -0.29 -7.86 -39.71
CA GLU C 745 -1.42 -7.33 -40.45
C GLU C 745 -0.97 -6.29 -41.48
N ARG C 746 0.25 -5.77 -41.33
CA ARG C 746 0.85 -4.87 -42.31
C ARG C 746 1.54 -5.63 -43.43
N SER C 747 1.86 -6.90 -43.21
CA SER C 747 2.59 -7.69 -44.19
C SER C 747 1.69 -8.53 -45.06
N PHE C 748 0.42 -8.70 -44.70
CA PHE C 748 -0.52 -9.39 -45.56
C PHE C 748 -0.83 -8.54 -46.79
N PRO C 749 -1.12 -9.15 -47.93
CA PRO C 749 -1.64 -8.37 -49.06
C PRO C 749 -3.07 -7.93 -48.79
N VAL C 750 -3.51 -6.91 -49.52
CA VAL C 750 -4.71 -6.14 -49.21
C VAL C 750 -5.97 -6.99 -49.33
N PHE C 751 -6.01 -7.87 -50.33
CA PHE C 751 -7.18 -8.72 -50.55
C PHE C 751 -7.34 -9.75 -49.44
N LEU C 752 -6.22 -10.26 -48.93
CA LEU C 752 -6.27 -11.15 -47.78
C LEU C 752 -6.52 -10.37 -46.50
N ARG C 753 -6.02 -9.13 -46.45
CA ARG C 753 -6.18 -8.26 -45.30
C ARG C 753 -7.62 -7.80 -45.17
N LYS C 754 -8.33 -7.76 -46.30
CA LYS C 754 -9.75 -7.44 -46.33
C LYS C 754 -10.59 -8.69 -46.06
N ALA C 755 -9.99 -9.86 -46.20
CA ALA C 755 -10.68 -11.10 -45.88
C ALA C 755 -10.73 -11.31 -44.38
N PHE C 756 -9.76 -10.74 -43.67
CA PHE C 756 -9.69 -10.83 -42.20
C PHE C 756 -10.08 -9.54 -41.52
N ARG C 757 -11.10 -8.84 -42.02
CA ARG C 757 -11.58 -7.63 -41.37
C ARG C 757 -12.29 -7.99 -40.07
N SER C 758 -12.53 -6.97 -39.24
CA SER C 758 -13.27 -7.14 -38.01
C SER C 758 -14.61 -6.42 -38.14
N GLY C 759 -15.52 -6.74 -37.24
CA GLY C 759 -16.84 -6.15 -37.26
C GLY C 759 -17.67 -6.64 -38.43
N GLU C 760 -18.72 -5.90 -38.73
CA GLU C 760 -19.64 -6.27 -39.80
C GLU C 760 -20.28 -5.02 -40.37
N MET C 761 -20.62 -5.07 -41.66
CA MET C 761 -21.23 -3.94 -42.35
C MET C 761 -22.71 -3.82 -41.98
N VAL C 762 -23.04 -2.74 -41.28
CA VAL C 762 -24.36 -2.57 -40.66
C VAL C 762 -25.05 -1.36 -41.28
N THR C 763 -26.26 -1.55 -41.80
CA THR C 763 -27.15 -0.43 -42.05
C THR C 763 -27.50 0.24 -40.74
N VAL C 764 -27.07 1.48 -40.56
CA VAL C 764 -26.97 2.09 -39.25
C VAL C 764 -27.96 3.22 -39.06
N GLY C 765 -28.61 3.67 -40.12
CA GLY C 765 -29.55 4.76 -40.01
C GLY C 765 -29.77 5.41 -41.37
N LYS C 766 -30.79 6.25 -41.42
CA LYS C 766 -31.11 6.99 -42.63
C LYS C 766 -30.21 8.21 -42.68
N SER C 767 -29.46 8.34 -43.78
CA SER C 767 -28.61 9.50 -43.97
C SER C 767 -29.44 10.72 -44.34
N SER C 768 -28.77 11.87 -44.41
CA SER C 768 -29.39 13.17 -44.67
C SER C 768 -30.11 13.22 -46.01
N ASP C 769 -29.48 12.67 -47.05
CA ASP C 769 -30.07 12.67 -48.38
C ASP C 769 -31.21 11.66 -48.51
N GLY C 770 -31.24 10.66 -47.62
CA GLY C 770 -32.22 9.62 -47.68
C GLY C 770 -31.70 8.26 -48.11
N THR C 771 -30.40 8.12 -48.29
CA THR C 771 -29.75 6.87 -48.65
C THR C 771 -29.39 6.12 -47.37
N PRO C 772 -29.21 4.80 -47.40
CA PRO C 772 -28.76 4.12 -46.18
C PRO C 772 -27.31 4.43 -45.83
N ASP C 773 -27.04 4.48 -44.53
CA ASP C 773 -25.70 4.74 -44.02
C ASP C 773 -25.06 3.40 -43.73
N ARG C 774 -24.04 3.05 -44.50
CA ARG C 774 -23.46 1.71 -44.49
C ARG C 774 -22.06 1.76 -43.90
N ARG C 775 -21.98 1.58 -42.58
CA ARG C 775 -20.72 1.66 -41.85
C ARG C 775 -20.00 0.31 -41.83
N TRP C 776 -18.97 0.20 -41.00
CA TRP C 776 -18.24 -1.04 -40.75
C TRP C 776 -18.14 -1.27 -39.26
N CYS C 777 -19.29 -1.22 -38.59
CA CYS C 777 -19.35 -1.17 -37.14
C CYS C 777 -18.89 -2.48 -36.49
N PHE C 778 -18.58 -2.39 -35.19
CA PHE C 778 -18.04 -3.50 -34.39
C PHE C 778 -18.88 -3.60 -33.13
N ARG C 779 -19.45 -4.78 -32.89
CA ARG C 779 -20.41 -4.97 -31.81
C ARG C 779 -19.72 -5.27 -30.49
N VAL C 780 -20.13 -4.54 -29.45
CA VAL C 780 -19.73 -4.82 -28.07
C VAL C 780 -20.96 -4.90 -27.20
N ASP C 781 -21.27 -6.11 -26.70
CA ASP C 781 -22.44 -6.30 -25.87
C ASP C 781 -22.13 -5.94 -24.42
N GLU C 782 -23.15 -5.46 -23.72
CA GLU C 782 -22.98 -4.96 -22.36
C GLU C 782 -24.27 -5.19 -21.58
N VAL C 783 -24.14 -5.31 -20.26
CA VAL C 783 -25.24 -5.61 -19.35
C VAL C 783 -25.35 -4.53 -18.28
N ASN C 784 -26.52 -3.91 -18.18
CA ASN C 784 -26.76 -2.84 -17.21
C ASN C 784 -28.00 -3.19 -16.40
N TRP C 785 -27.83 -3.28 -15.08
CA TRP C 785 -28.91 -3.65 -14.17
C TRP C 785 -29.55 -2.47 -13.48
N SER C 786 -28.96 -1.28 -13.56
CA SER C 786 -29.42 -0.14 -12.77
C SER C 786 -30.31 0.81 -13.56
N HIS C 787 -29.84 1.33 -14.69
CA HIS C 787 -30.62 2.27 -15.47
C HIS C 787 -31.65 1.53 -16.30
N TRP C 788 -32.82 1.25 -15.73
CA TRP C 788 -33.82 0.47 -16.44
C TRP C 788 -34.59 1.30 -17.47
N ASN C 789 -33.89 1.85 -18.46
CA ASN C 789 -34.54 2.59 -19.53
C ASN C 789 -33.87 2.29 -20.86
N GLN C 790 -33.41 1.06 -21.06
CA GLN C 790 -32.74 0.67 -22.31
C GLN C 790 -33.73 0.54 -23.45
N ASN C 791 -34.34 1.64 -23.86
CA ASN C 791 -35.22 1.72 -25.01
C ASN C 791 -34.94 3.09 -25.62
N LEU C 792 -34.12 3.10 -26.67
CA LEU C 792 -33.45 4.30 -27.16
C LEU C 792 -33.53 4.23 -28.67
N GLY C 793 -32.68 4.97 -29.40
CA GLY C 793 -32.66 4.92 -30.85
C GLY C 793 -32.18 3.60 -31.44
N ILE C 794 -32.90 2.51 -31.15
CA ILE C 794 -32.56 1.14 -31.52
C ILE C 794 -32.61 0.98 -33.03
N ILE C 795 -31.61 0.32 -33.61
CA ILE C 795 -31.57 0.13 -35.05
C ILE C 795 -32.49 -1.02 -35.46
N ASN C 796 -32.20 -2.22 -34.97
CA ASN C 796 -32.96 -3.42 -35.29
C ASN C 796 -33.92 -3.72 -34.15
N GLU C 797 -35.22 -3.72 -34.43
CA GLU C 797 -36.22 -3.89 -33.39
C GLU C 797 -36.28 -5.33 -32.88
N ASP C 798 -35.75 -6.28 -33.65
CA ASP C 798 -35.68 -7.67 -33.22
C ASP C 798 -34.42 -7.92 -32.39
N PRO C 799 -34.57 -8.16 -31.09
CA PRO C 799 -33.39 -8.24 -30.22
C PRO C 799 -32.61 -9.53 -30.41
N GLY C 800 -31.73 -9.55 -31.40
CA GLY C 800 -30.89 -10.72 -31.59
C GLY C 800 -29.91 -10.65 -32.74
N LYS C 801 -28.82 -11.40 -32.64
CA LYS C 801 -27.87 -11.57 -33.74
C LYS C 801 -28.31 -12.74 -34.62
N ASN C 802 -29.02 -12.41 -35.69
CA ASN C 802 -29.55 -13.41 -36.61
C ASN C 802 -28.44 -14.06 -37.43
N VAL D 148 -56.38 -3.43 -50.63
CA VAL D 148 -56.30 -2.17 -49.91
C VAL D 148 -55.20 -2.25 -48.86
N PHE D 149 -55.21 -3.34 -48.10
CA PHE D 149 -54.22 -3.57 -47.05
C PHE D 149 -53.33 -4.75 -47.41
N ASN D 150 -52.09 -4.69 -46.92
CA ASN D 150 -51.10 -5.72 -47.24
C ASN D 150 -50.07 -5.72 -46.12
N ARG D 151 -49.26 -6.79 -46.07
CA ARG D 151 -48.18 -6.94 -45.09
C ARG D 151 -47.14 -5.81 -45.13
N PRO D 152 -46.65 -5.31 -46.31
CA PRO D 152 -45.81 -4.11 -46.25
C PRO D 152 -46.59 -2.84 -45.92
N ILE D 153 -47.92 -2.90 -46.01
CA ILE D 153 -48.75 -1.73 -45.74
C ILE D 153 -49.16 -1.69 -44.28
N LEU D 154 -49.76 -2.78 -43.80
CA LEU D 154 -50.38 -2.85 -42.48
C LEU D 154 -49.35 -2.71 -41.37
N PHE D 155 -48.26 -3.48 -41.45
CA PHE D 155 -47.18 -3.41 -40.48
C PHE D 155 -46.47 -2.06 -40.48
N ASP D 156 -46.50 -1.36 -41.62
CA ASP D 156 -45.91 -0.02 -41.69
C ASP D 156 -46.80 1.01 -41.01
N ILE D 157 -48.12 0.84 -41.12
CA ILE D 157 -49.10 1.69 -40.45
C ILE D 157 -48.97 1.54 -38.95
N VAL D 158 -48.88 0.30 -38.48
CA VAL D 158 -48.80 -0.04 -37.07
C VAL D 158 -47.52 0.49 -36.46
N SER D 159 -46.40 0.31 -37.16
CA SER D 159 -45.09 0.74 -36.68
C SER D 159 -44.99 2.24 -36.50
N ARG D 160 -45.63 3.01 -37.38
CA ARG D 160 -45.57 4.46 -37.29
C ARG D 160 -46.72 5.05 -36.48
N GLY D 161 -47.02 4.48 -35.31
CA GLY D 161 -47.99 4.95 -34.34
C GLY D 161 -49.34 5.49 -34.83
N SER D 162 -49.87 4.92 -35.91
CA SER D 162 -51.00 5.53 -36.59
C SER D 162 -52.33 5.18 -35.95
N THR D 163 -52.84 6.07 -35.09
CA THR D 163 -54.15 5.91 -34.47
C THR D 163 -55.29 5.99 -35.50
N ALA D 164 -55.00 6.57 -36.66
CA ALA D 164 -55.93 6.59 -37.78
C ALA D 164 -55.34 5.80 -38.93
N ASP D 165 -55.99 5.87 -40.10
CA ASP D 165 -55.57 5.34 -41.40
C ASP D 165 -55.62 3.83 -41.48
N LEU D 166 -55.97 3.15 -40.39
CA LEU D 166 -56.27 1.73 -40.42
C LEU D 166 -57.78 1.56 -40.33
N ASP D 167 -58.49 2.68 -40.24
CA ASP D 167 -59.94 2.70 -40.29
C ASP D 167 -60.42 2.20 -41.64
N GLY D 168 -61.22 1.14 -41.64
CA GLY D 168 -61.55 0.43 -42.85
C GLY D 168 -60.90 -0.92 -42.99
N LEU D 169 -60.13 -1.36 -41.98
CA LEU D 169 -59.57 -2.70 -42.00
C LEU D 169 -60.63 -3.74 -41.70
N LEU D 170 -61.65 -3.37 -40.92
CA LEU D 170 -62.74 -4.30 -40.60
C LEU D 170 -63.56 -4.71 -41.83
N PRO D 171 -63.91 -3.80 -42.80
CA PRO D 171 -64.50 -4.33 -44.04
C PRO D 171 -63.53 -5.11 -44.91
N PHE D 172 -62.23 -4.88 -44.74
CA PHE D 172 -61.24 -5.55 -45.59
C PHE D 172 -61.16 -7.04 -45.26
N LEU D 173 -61.30 -7.40 -43.99
CA LEU D 173 -61.29 -8.81 -43.62
C LEU D 173 -62.65 -9.47 -43.78
N LEU D 174 -63.73 -8.68 -43.78
CA LEU D 174 -65.06 -9.27 -43.92
C LEU D 174 -65.45 -9.51 -45.37
N THR D 175 -65.02 -8.65 -46.29
CA THR D 175 -65.35 -8.84 -47.70
C THR D 175 -64.48 -9.90 -48.36
N HIS D 176 -63.19 -9.91 -48.05
CA HIS D 176 -62.28 -10.90 -48.64
C HIS D 176 -62.32 -12.25 -47.94
N LYS D 177 -63.00 -12.34 -46.79
CA LYS D 177 -63.11 -13.53 -45.95
C LYS D 177 -61.72 -14.04 -45.55
N LYS D 178 -61.05 -13.20 -44.77
CA LYS D 178 -59.77 -13.53 -44.15
C LYS D 178 -59.80 -13.06 -42.71
N ARG D 179 -58.80 -13.47 -41.94
CA ARG D 179 -58.66 -13.07 -40.55
C ARG D 179 -57.22 -12.62 -40.32
N LEU D 180 -56.99 -11.90 -39.21
CA LEU D 180 -55.67 -11.39 -38.93
C LEU D 180 -54.77 -12.41 -38.25
N THR D 181 -54.73 -13.64 -38.76
CA THR D 181 -53.80 -14.63 -38.23
C THR D 181 -53.27 -15.57 -39.31
N ASP D 182 -53.49 -15.27 -40.58
CA ASP D 182 -53.08 -16.14 -41.67
C ASP D 182 -51.62 -15.89 -42.03
N GLU D 183 -51.12 -16.68 -42.98
CA GLU D 183 -49.76 -16.56 -43.47
C GLU D 183 -49.52 -15.20 -44.13
N GLU D 184 -50.55 -14.65 -44.75
CA GLU D 184 -50.45 -13.41 -45.53
C GLU D 184 -50.25 -12.18 -44.65
N PHE D 185 -50.72 -12.21 -43.41
CA PHE D 185 -50.49 -11.12 -42.47
C PHE D 185 -49.55 -11.50 -41.34
N ARG D 186 -48.67 -12.46 -41.58
CA ARG D 186 -47.64 -12.84 -40.62
C ARG D 186 -46.33 -12.93 -41.38
N GLU D 187 -45.30 -12.26 -40.85
CA GLU D 187 -44.05 -12.13 -41.57
C GLU D 187 -43.31 -13.48 -41.60
N PRO D 188 -42.84 -13.92 -42.77
CA PRO D 188 -42.29 -15.27 -42.90
C PRO D 188 -40.92 -15.37 -42.24
N SER D 189 -40.63 -16.60 -41.76
CA SER D 189 -39.40 -17.10 -41.13
C SER D 189 -39.16 -16.53 -39.73
N THR D 190 -39.90 -15.50 -39.36
CA THR D 190 -40.07 -15.07 -37.97
C THR D 190 -41.52 -14.63 -37.79
N GLY D 191 -42.37 -15.56 -37.36
CA GLY D 191 -43.81 -15.37 -37.51
C GLY D 191 -44.42 -14.37 -36.58
N LYS D 192 -44.06 -13.11 -36.77
CA LYS D 192 -44.61 -11.99 -36.03
C LYS D 192 -46.05 -11.79 -36.47
N THR D 193 -46.86 -11.16 -35.64
CA THR D 193 -48.23 -10.86 -36.02
C THR D 193 -48.34 -9.34 -35.88
N CYS D 194 -49.51 -8.76 -36.16
CA CYS D 194 -49.74 -7.32 -36.04
C CYS D 194 -49.50 -6.81 -34.62
N LEU D 195 -49.93 -7.58 -33.64
CA LEU D 195 -49.83 -7.17 -32.24
C LEU D 195 -48.41 -7.22 -31.67
N PRO D 196 -47.52 -8.24 -31.96
CA PRO D 196 -46.13 -8.09 -31.51
C PRO D 196 -45.37 -6.96 -32.19
N LYS D 197 -45.73 -6.61 -33.43
CA LYS D 197 -45.10 -5.50 -34.13
C LYS D 197 -45.45 -4.19 -33.46
N ALA D 198 -46.68 -4.08 -32.94
CA ALA D 198 -47.11 -2.92 -32.18
C ALA D 198 -46.36 -2.82 -30.86
N LEU D 199 -46.09 -3.96 -30.24
CA LEU D 199 -45.48 -3.94 -28.92
C LEU D 199 -43.96 -3.80 -28.98
N LEU D 200 -43.38 -3.88 -30.18
CA LEU D 200 -41.95 -3.58 -30.31
C LEU D 200 -41.73 -2.08 -30.48
N ASN D 201 -42.62 -1.41 -31.21
CA ASN D 201 -42.44 0.00 -31.58
C ASN D 201 -43.30 0.86 -30.66
N LEU D 202 -42.68 1.38 -29.61
CA LEU D 202 -43.36 2.23 -28.64
C LEU D 202 -42.84 3.66 -28.71
N SER D 203 -43.69 4.59 -28.28
CA SER D 203 -43.36 6.00 -28.19
C SER D 203 -44.22 6.60 -27.09
N ASN D 204 -43.59 6.91 -25.94
CA ASN D 204 -44.26 7.24 -24.67
C ASN D 204 -45.25 6.14 -24.26
N GLY D 205 -44.92 4.89 -24.59
CA GLY D 205 -45.69 3.72 -24.24
C GLY D 205 -47.14 3.69 -24.68
N ARG D 206 -47.44 4.19 -25.88
CA ARG D 206 -48.83 4.12 -26.32
C ARG D 206 -49.01 3.16 -27.50
N ASN D 207 -48.44 3.53 -28.65
CA ASN D 207 -48.72 2.93 -29.95
C ASN D 207 -50.22 2.70 -30.14
N ASP D 208 -51.01 3.77 -30.26
CA ASP D 208 -52.46 3.76 -30.12
C ASP D 208 -53.25 2.82 -31.04
N THR D 209 -52.56 2.12 -31.96
CA THR D 209 -53.18 1.06 -32.75
C THR D 209 -53.66 -0.13 -31.91
N ILE D 210 -53.02 -0.38 -30.77
CA ILE D 210 -53.18 -1.63 -30.00
C ILE D 210 -54.60 -1.87 -29.51
N PRO D 211 -55.31 -0.91 -28.79
CA PRO D 211 -56.68 -1.25 -28.35
C PRO D 211 -57.65 -1.36 -29.52
N VAL D 212 -57.32 -0.65 -30.60
CA VAL D 212 -58.14 -0.71 -31.81
C VAL D 212 -57.97 -2.06 -32.49
N LEU D 213 -56.73 -2.55 -32.56
CA LEU D 213 -56.46 -3.81 -33.24
C LEU D 213 -57.00 -5.01 -32.48
N LEU D 214 -57.23 -4.85 -31.17
CA LEU D 214 -57.93 -5.88 -30.43
C LEU D 214 -59.41 -5.90 -30.81
N ASP D 215 -59.96 -4.73 -31.13
CA ASP D 215 -61.39 -4.60 -31.42
C ASP D 215 -61.76 -5.23 -32.76
N ILE D 216 -60.90 -5.09 -33.76
CA ILE D 216 -61.07 -5.79 -35.04
C ILE D 216 -60.91 -7.29 -34.79
N ALA D 217 -59.99 -7.64 -33.90
CA ALA D 217 -59.79 -9.05 -33.55
C ALA D 217 -60.96 -9.60 -32.76
N GLU D 218 -61.74 -8.73 -32.11
CA GLU D 218 -62.99 -9.17 -31.49
C GLU D 218 -64.05 -9.46 -32.53
N ARG D 219 -64.06 -8.71 -33.63
CA ARG D 219 -65.11 -8.86 -34.64
C ARG D 219 -64.89 -10.10 -35.48
N THR D 220 -63.66 -10.28 -35.98
CA THR D 220 -63.33 -11.52 -36.67
C THR D 220 -63.35 -12.70 -35.72
N GLY D 221 -62.48 -12.69 -34.72
CA GLY D 221 -62.51 -13.66 -33.65
C GLY D 221 -61.49 -14.76 -33.82
N ASN D 222 -60.32 -14.60 -33.20
CA ASN D 222 -59.36 -15.67 -33.10
C ASN D 222 -58.69 -15.64 -31.72
N MET D 223 -59.02 -14.62 -30.93
CA MET D 223 -58.17 -13.98 -29.92
C MET D 223 -57.26 -14.89 -29.09
N ARG D 224 -57.70 -16.12 -28.82
CA ARG D 224 -56.85 -17.14 -28.23
C ARG D 224 -55.87 -17.74 -29.26
N GLU D 225 -55.91 -17.27 -30.50
CA GLU D 225 -54.91 -17.57 -31.51
C GLU D 225 -54.18 -16.31 -31.99
N PHE D 226 -54.83 -15.16 -31.98
CA PHE D 226 -54.19 -13.90 -32.37
C PHE D 226 -53.22 -13.38 -31.32
N ILE D 227 -53.61 -13.34 -30.05
CA ILE D 227 -52.72 -12.90 -28.99
C ILE D 227 -51.76 -14.02 -28.59
N ASN D 228 -52.13 -15.26 -28.88
CA ASN D 228 -51.35 -16.43 -28.50
C ASN D 228 -50.66 -16.99 -29.73
N SER D 229 -50.22 -16.11 -30.62
CA SER D 229 -49.46 -16.61 -31.77
C SER D 229 -47.98 -16.50 -31.48
N PRO D 230 -47.27 -17.62 -31.30
CA PRO D 230 -45.85 -17.54 -31.01
C PRO D 230 -45.06 -17.26 -32.27
N PHE D 231 -43.82 -16.81 -32.13
CA PHE D 231 -42.93 -16.71 -33.28
C PHE D 231 -42.46 -18.12 -33.62
N ARG D 232 -42.71 -18.57 -34.85
CA ARG D 232 -42.30 -19.92 -35.22
C ARG D 232 -40.85 -19.97 -35.72
N ASP D 233 -40.05 -18.95 -35.42
CA ASP D 233 -38.64 -18.91 -35.77
C ASP D 233 -37.88 -19.93 -34.92
N ILE D 234 -36.65 -20.24 -35.30
CA ILE D 234 -35.78 -21.08 -34.49
C ILE D 234 -34.89 -20.23 -33.59
N TYR D 235 -35.26 -18.97 -33.39
CA TYR D 235 -34.44 -18.00 -32.66
C TYR D 235 -35.30 -17.25 -31.65
N TYR D 236 -36.62 -17.39 -31.73
CA TYR D 236 -37.55 -16.76 -30.80
C TYR D 236 -38.72 -17.66 -30.47
N ARG D 237 -38.51 -18.99 -30.52
CA ARG D 237 -39.51 -20.01 -30.84
C ARG D 237 -40.80 -19.98 -30.01
N GLY D 238 -40.78 -19.33 -28.85
CA GLY D 238 -41.98 -19.31 -28.06
C GLY D 238 -42.51 -17.95 -27.68
N GLN D 239 -41.84 -16.88 -28.12
CA GLN D 239 -42.16 -15.54 -27.66
C GLN D 239 -43.51 -15.08 -28.18
N THR D 240 -44.31 -14.52 -27.29
CA THR D 240 -45.66 -14.08 -27.62
C THR D 240 -45.79 -12.60 -27.32
N ALA D 241 -47.00 -12.09 -27.54
CA ALA D 241 -47.29 -10.67 -27.28
C ALA D 241 -47.30 -10.37 -25.80
N LEU D 242 -47.53 -11.39 -24.97
CA LEU D 242 -47.45 -11.20 -23.52
C LEU D 242 -46.01 -10.99 -23.07
N HIS D 243 -45.05 -11.68 -23.70
CA HIS D 243 -43.65 -11.52 -23.35
C HIS D 243 -43.14 -10.12 -23.68
N ILE D 244 -43.52 -9.58 -24.83
CA ILE D 244 -43.01 -8.28 -25.27
C ILE D 244 -43.59 -7.14 -24.45
N ALA D 245 -44.87 -7.24 -24.07
CA ALA D 245 -45.50 -6.22 -23.25
C ALA D 245 -44.91 -6.12 -21.85
N ILE D 246 -44.51 -7.24 -21.26
CA ILE D 246 -43.79 -7.21 -19.99
C ILE D 246 -42.34 -6.75 -20.18
N GLU D 247 -41.72 -7.13 -21.30
CA GLU D 247 -40.37 -6.73 -21.68
C GLU D 247 -40.21 -5.21 -21.81
N ARG D 248 -41.14 -4.56 -22.49
CA ARG D 248 -41.04 -3.13 -22.80
C ARG D 248 -41.51 -2.24 -21.66
N ARG D 249 -41.74 -2.84 -20.49
CA ARG D 249 -42.12 -2.19 -19.24
C ARG D 249 -43.42 -1.43 -19.40
N CYS D 250 -44.47 -2.15 -19.76
CA CYS D 250 -45.66 -1.55 -20.33
C CYS D 250 -46.92 -2.16 -19.70
N LYS D 251 -46.97 -2.14 -18.36
CA LYS D 251 -47.99 -2.75 -17.49
C LYS D 251 -49.43 -2.63 -17.97
N HIS D 252 -49.82 -1.45 -18.44
CA HIS D 252 -51.19 -1.22 -18.88
C HIS D 252 -51.53 -1.97 -20.18
N TYR D 253 -50.52 -2.35 -20.96
CA TYR D 253 -50.81 -3.27 -22.05
C TYR D 253 -50.52 -4.72 -21.68
N VAL D 254 -49.99 -4.97 -20.49
CA VAL D 254 -50.00 -6.33 -19.96
C VAL D 254 -51.39 -6.64 -19.41
N GLU D 255 -52.07 -5.61 -18.87
CA GLU D 255 -53.39 -5.79 -18.29
C GLU D 255 -54.43 -6.15 -19.34
N LEU D 256 -54.32 -5.56 -20.53
CA LEU D 256 -55.25 -5.88 -21.61
C LEU D 256 -55.07 -7.30 -22.12
N LEU D 257 -53.82 -7.76 -22.22
CA LEU D 257 -53.58 -9.09 -22.78
C LEU D 257 -53.88 -10.18 -21.77
N VAL D 258 -53.84 -9.85 -20.47
CA VAL D 258 -54.21 -10.78 -19.42
C VAL D 258 -55.72 -10.83 -19.29
N ALA D 259 -56.37 -9.67 -19.42
CA ALA D 259 -57.84 -9.62 -19.37
C ALA D 259 -58.47 -10.32 -20.55
N GLN D 260 -57.79 -10.31 -21.70
CA GLN D 260 -58.29 -11.09 -22.82
C GLN D 260 -57.70 -12.50 -22.77
N GLY D 261 -56.75 -12.72 -21.86
CA GLY D 261 -56.34 -14.07 -21.54
C GLY D 261 -55.38 -14.67 -22.53
N ALA D 262 -54.19 -14.07 -22.69
CA ALA D 262 -53.31 -14.45 -23.80
C ALA D 262 -52.77 -15.86 -23.72
N ASP D 263 -51.69 -16.07 -22.96
CA ASP D 263 -51.24 -17.41 -22.60
C ASP D 263 -50.41 -17.37 -21.33
N VAL D 264 -50.90 -16.78 -20.24
CA VAL D 264 -50.11 -16.65 -19.02
C VAL D 264 -49.61 -18.02 -18.56
N HIS D 265 -48.27 -18.13 -18.46
CA HIS D 265 -47.37 -19.29 -18.62
C HIS D 265 -47.09 -19.73 -20.06
N ALA D 266 -46.87 -18.79 -20.99
CA ALA D 266 -46.35 -19.14 -22.31
C ALA D 266 -44.83 -19.25 -22.27
N GLN D 267 -44.30 -20.40 -22.64
CA GLN D 267 -42.85 -20.61 -22.59
C GLN D 267 -42.19 -20.05 -23.84
N ALA D 268 -41.16 -19.24 -23.63
CA ALA D 268 -40.41 -18.63 -24.73
C ALA D 268 -39.15 -19.45 -24.99
N ARG D 269 -39.34 -20.55 -25.71
CA ARG D 269 -38.32 -21.57 -25.89
C ARG D 269 -37.40 -21.26 -27.06
N GLY D 270 -36.83 -20.05 -27.10
CA GLY D 270 -36.08 -19.66 -28.28
C GLY D 270 -34.64 -20.11 -28.26
N ARG D 271 -33.83 -19.57 -29.16
CA ARG D 271 -32.38 -19.72 -29.10
C ARG D 271 -31.73 -18.46 -28.57
N PHE D 272 -32.35 -17.30 -28.75
CA PHE D 272 -31.94 -16.08 -28.07
C PHE D 272 -32.16 -16.14 -26.58
N PHE D 273 -33.20 -16.84 -26.12
CA PHE D 273 -33.59 -16.86 -24.71
C PHE D 273 -32.90 -17.97 -23.94
N GLN D 274 -31.90 -18.61 -24.53
CA GLN D 274 -31.05 -19.61 -23.91
C GLN D 274 -30.00 -18.93 -23.05
N PRO D 275 -29.34 -19.65 -22.12
CA PRO D 275 -28.26 -19.03 -21.34
C PRO D 275 -27.05 -18.63 -22.17
N LYS D 276 -26.12 -17.92 -21.53
CA LYS D 276 -24.94 -17.37 -22.20
C LYS D 276 -23.99 -18.46 -22.70
N ASP D 277 -23.95 -19.61 -22.02
CA ASP D 277 -23.17 -20.75 -22.47
C ASP D 277 -23.80 -21.44 -23.67
N GLU D 278 -25.13 -21.48 -23.74
CA GLU D 278 -25.84 -22.24 -24.75
C GLU D 278 -26.17 -21.39 -25.98
N GLY D 279 -25.35 -20.38 -26.25
CA GLY D 279 -25.57 -19.55 -27.43
C GLY D 279 -26.34 -18.28 -27.20
N GLY D 280 -27.42 -18.36 -26.42
CA GLY D 280 -28.28 -17.22 -26.18
C GLY D 280 -27.65 -16.09 -25.37
N TYR D 281 -28.39 -14.99 -25.24
CA TYR D 281 -27.90 -13.81 -24.53
C TYR D 281 -28.55 -13.64 -23.16
N PHE D 282 -29.86 -13.70 -23.07
CA PHE D 282 -30.59 -13.41 -21.84
C PHE D 282 -31.48 -14.59 -21.49
N TYR D 283 -31.12 -15.30 -20.43
CA TYR D 283 -31.94 -16.40 -19.90
C TYR D 283 -32.70 -15.89 -18.69
N PHE D 284 -34.04 -16.00 -18.75
CA PHE D 284 -34.88 -15.54 -17.66
C PHE D 284 -35.82 -16.62 -17.17
N GLY D 285 -35.59 -17.87 -17.52
CA GLY D 285 -36.46 -18.93 -17.07
C GLY D 285 -37.70 -19.15 -17.91
N GLU D 286 -37.77 -18.51 -19.08
CA GLU D 286 -38.70 -18.83 -20.16
C GLU D 286 -40.17 -18.79 -19.79
N LEU D 287 -40.61 -17.74 -19.09
CA LEU D 287 -41.98 -17.72 -18.60
C LEU D 287 -42.36 -16.28 -18.29
N PRO D 288 -43.62 -15.87 -18.52
CA PRO D 288 -43.96 -14.44 -18.36
C PRO D 288 -43.97 -13.95 -16.92
N LEU D 289 -44.28 -14.79 -15.94
CA LEU D 289 -44.03 -14.41 -14.55
C LEU D 289 -42.55 -14.40 -14.24
N SER D 290 -41.78 -15.35 -14.78
CA SER D 290 -40.33 -15.33 -14.66
C SER D 290 -39.71 -14.15 -15.38
N LEU D 291 -40.25 -13.75 -16.53
CA LEU D 291 -39.74 -12.56 -17.22
C LEU D 291 -40.07 -11.29 -16.46
N ALA D 292 -41.17 -11.29 -15.72
CA ALA D 292 -41.53 -10.13 -14.91
C ALA D 292 -40.71 -10.04 -13.63
N ALA D 293 -40.33 -11.17 -13.04
CA ALA D 293 -39.50 -11.16 -11.85
C ALA D 293 -38.03 -10.98 -12.15
N CYS D 294 -37.56 -11.40 -13.32
CA CYS D 294 -36.15 -11.26 -13.64
C CYS D 294 -35.75 -9.83 -13.97
N THR D 295 -36.58 -9.09 -14.71
CA THR D 295 -36.19 -7.74 -15.09
C THR D 295 -36.74 -6.68 -14.14
N ASN D 296 -36.52 -6.87 -12.82
CA ASN D 296 -36.78 -5.92 -11.72
C ASN D 296 -38.13 -5.21 -11.83
N GLN D 297 -39.21 -5.98 -11.94
CA GLN D 297 -40.48 -5.41 -12.39
C GLN D 297 -41.61 -5.93 -11.50
N PRO D 298 -41.74 -5.37 -10.28
CA PRO D 298 -42.57 -6.00 -9.25
C PRO D 298 -44.07 -5.87 -9.48
N HIS D 299 -44.49 -4.79 -10.14
CA HIS D 299 -45.92 -4.48 -10.22
C HIS D 299 -46.63 -5.41 -11.20
N ILE D 300 -45.89 -5.96 -12.16
CA ILE D 300 -46.43 -6.98 -13.03
C ILE D 300 -46.41 -8.35 -12.33
N VAL D 301 -45.42 -8.57 -11.45
CA VAL D 301 -45.40 -9.77 -10.62
C VAL D 301 -46.59 -9.80 -9.67
N ASN D 302 -46.95 -8.63 -9.12
CA ASN D 302 -48.12 -8.54 -8.27
C ASN D 302 -49.42 -8.48 -9.05
N TYR D 303 -49.38 -8.48 -10.39
CA TYR D 303 -50.59 -8.51 -11.20
C TYR D 303 -50.76 -9.84 -11.91
N LEU D 304 -49.68 -10.50 -12.32
CA LEU D 304 -49.81 -11.80 -12.98
C LEU D 304 -50.25 -12.89 -12.03
N THR D 305 -49.93 -12.75 -10.73
CA THR D 305 -50.31 -13.72 -9.73
C THR D 305 -51.66 -13.39 -9.10
N GLU D 306 -51.98 -12.11 -8.94
CA GLU D 306 -53.18 -11.65 -8.26
C GLU D 306 -54.01 -10.81 -9.23
N ASN D 307 -54.87 -11.49 -9.99
CA ASN D 307 -55.72 -10.88 -11.00
C ASN D 307 -57.09 -11.55 -10.99
N PRO D 308 -58.13 -10.88 -11.49
CA PRO D 308 -59.43 -11.56 -11.67
C PRO D 308 -59.35 -12.68 -12.69
N HIS D 309 -58.57 -12.46 -13.75
CA HIS D 309 -58.38 -13.41 -14.82
C HIS D 309 -57.34 -14.47 -14.44
N LYS D 310 -56.88 -15.20 -15.46
CA LYS D 310 -55.94 -16.33 -15.34
C LYS D 310 -54.68 -15.99 -14.55
N LYS D 311 -54.35 -16.81 -13.58
CA LYS D 311 -53.27 -16.54 -12.64
C LYS D 311 -51.98 -17.20 -13.08
N ALA D 312 -50.87 -16.57 -12.69
CA ALA D 312 -49.55 -17.14 -12.87
C ALA D 312 -49.13 -17.79 -11.56
N ASP D 313 -49.35 -19.10 -11.45
CA ASP D 313 -48.91 -19.79 -10.25
C ASP D 313 -47.40 -19.97 -10.27
N MET D 314 -46.77 -19.70 -9.15
CA MET D 314 -45.34 -19.61 -8.96
C MET D 314 -44.64 -20.94 -8.89
N ARG D 315 -45.37 -22.06 -8.99
CA ARG D 315 -44.79 -23.38 -8.91
C ARG D 315 -44.56 -23.99 -10.29
N ARG D 316 -44.81 -23.25 -11.36
CA ARG D 316 -44.66 -23.75 -12.71
C ARG D 316 -43.18 -23.85 -13.09
N GLN D 317 -42.85 -24.86 -13.88
CA GLN D 317 -41.49 -25.09 -14.35
C GLN D 317 -41.42 -24.79 -15.83
N ASP D 318 -40.25 -24.34 -16.30
CA ASP D 318 -40.03 -24.17 -17.73
C ASP D 318 -39.60 -25.47 -18.38
N SER D 319 -39.05 -25.38 -19.59
CA SER D 319 -38.65 -26.53 -20.40
C SER D 319 -37.50 -27.32 -19.79
N ARG D 320 -36.71 -26.73 -18.90
CA ARG D 320 -35.60 -27.44 -18.29
C ARG D 320 -35.73 -27.57 -16.79
N GLY D 321 -36.85 -27.14 -16.19
CA GLY D 321 -37.12 -27.35 -14.80
C GLY D 321 -37.11 -26.11 -13.94
N ASN D 322 -36.45 -25.05 -14.38
CA ASN D 322 -36.26 -23.83 -13.61
C ASN D 322 -37.57 -23.10 -13.31
N THR D 323 -37.89 -22.92 -12.04
CA THR D 323 -39.05 -22.15 -11.64
C THR D 323 -38.73 -20.67 -11.54
N VAL D 324 -39.62 -19.89 -10.93
CA VAL D 324 -39.42 -18.45 -10.80
C VAL D 324 -38.33 -18.09 -9.79
N LEU D 325 -37.87 -19.05 -8.99
CA LEU D 325 -36.78 -18.81 -8.06
C LEU D 325 -35.45 -19.36 -8.55
N HIS D 326 -35.47 -20.41 -9.36
CA HIS D 326 -34.26 -20.84 -10.07
C HIS D 326 -33.77 -19.77 -11.03
N ALA D 327 -34.69 -19.09 -11.71
CA ALA D 327 -34.34 -18.10 -12.71
C ALA D 327 -33.90 -16.78 -12.12
N LEU D 328 -34.22 -16.51 -10.85
CA LEU D 328 -33.63 -15.38 -10.15
C LEU D 328 -32.22 -15.67 -9.68
N VAL D 329 -31.84 -16.94 -9.60
CA VAL D 329 -30.46 -17.35 -9.37
C VAL D 329 -29.66 -17.35 -10.66
N ALA D 330 -30.30 -17.62 -11.80
CA ALA D 330 -29.68 -17.58 -13.12
C ALA D 330 -29.16 -16.18 -13.48
N ILE D 331 -30.00 -15.16 -13.38
CA ILE D 331 -29.50 -13.79 -13.51
C ILE D 331 -29.12 -13.21 -12.16
N ALA D 332 -27.96 -13.59 -11.64
CA ALA D 332 -27.54 -13.08 -10.35
C ALA D 332 -26.07 -12.73 -10.33
N ASP D 333 -25.59 -12.00 -11.35
CA ASP D 333 -24.23 -11.47 -11.38
C ASP D 333 -23.93 -10.69 -10.12
N ASN D 334 -22.76 -10.89 -9.54
CA ASN D 334 -22.53 -10.55 -8.14
C ASN D 334 -22.30 -9.07 -7.87
N THR D 335 -22.68 -8.21 -8.81
CA THR D 335 -22.57 -6.76 -8.69
C THR D 335 -23.49 -6.21 -7.60
N ARG D 336 -23.34 -4.93 -7.27
CA ARG D 336 -24.08 -4.31 -6.20
C ARG D 336 -25.55 -4.10 -6.49
N GLU D 337 -25.89 -3.69 -7.71
CA GLU D 337 -27.28 -3.41 -8.04
C GLU D 337 -28.09 -4.66 -8.30
N ASN D 338 -27.47 -5.68 -8.87
CA ASN D 338 -28.15 -6.94 -9.16
C ASN D 338 -28.57 -7.68 -7.91
N THR D 339 -27.71 -7.76 -6.89
CA THR D 339 -28.07 -8.45 -5.66
C THR D 339 -29.07 -7.66 -4.82
N LYS D 340 -29.35 -6.41 -5.16
CA LYS D 340 -30.33 -5.63 -4.42
C LYS D 340 -31.76 -6.01 -4.76
N PHE D 341 -32.08 -6.20 -6.04
CA PHE D 341 -33.46 -6.54 -6.37
C PHE D 341 -33.69 -8.03 -6.46
N VAL D 342 -32.63 -8.83 -6.68
CA VAL D 342 -32.79 -10.28 -6.73
C VAL D 342 -33.20 -10.82 -5.38
N THR D 343 -32.50 -10.40 -4.31
CA THR D 343 -32.86 -10.83 -2.96
C THR D 343 -34.20 -10.25 -2.53
N LYS D 344 -34.56 -9.08 -3.07
CA LYS D 344 -35.87 -8.51 -2.76
C LYS D 344 -36.98 -9.26 -3.49
N MET D 345 -36.71 -9.70 -4.72
CA MET D 345 -37.71 -10.42 -5.50
C MET D 345 -37.70 -11.92 -5.18
N TYR D 346 -36.60 -12.46 -4.67
CA TYR D 346 -36.57 -13.84 -4.24
C TYR D 346 -37.45 -14.08 -3.03
N ASP D 347 -37.46 -13.15 -2.08
CA ASP D 347 -38.34 -13.26 -0.93
C ASP D 347 -39.79 -13.07 -1.33
N LEU D 348 -40.05 -12.03 -2.13
CA LEU D 348 -41.39 -11.63 -2.55
C LEU D 348 -42.12 -12.72 -3.32
N LEU D 349 -41.36 -13.62 -3.97
CA LEU D 349 -41.99 -14.79 -4.58
C LEU D 349 -42.00 -15.97 -3.63
N LEU D 350 -41.14 -15.97 -2.62
CA LEU D 350 -41.09 -17.10 -1.69
C LEU D 350 -42.18 -16.95 -0.65
N LEU D 351 -42.38 -15.72 -0.16
CA LEU D 351 -43.45 -15.45 0.79
C LEU D 351 -44.81 -15.66 0.16
N LYS D 352 -45.00 -15.16 -1.06
CA LYS D 352 -46.30 -15.16 -1.72
C LYS D 352 -46.75 -16.57 -2.07
N CYS D 353 -45.82 -17.49 -2.28
CA CYS D 353 -46.20 -18.87 -2.51
C CYS D 353 -46.60 -19.55 -1.21
N ALA D 354 -46.01 -19.12 -0.09
CA ALA D 354 -46.35 -19.67 1.20
C ALA D 354 -47.73 -19.22 1.66
N ARG D 355 -48.12 -18.01 1.28
CA ARG D 355 -49.46 -17.51 1.59
C ARG D 355 -50.52 -18.26 0.79
N LEU D 356 -50.35 -18.32 -0.54
CA LEU D 356 -51.34 -18.96 -1.39
C LEU D 356 -51.33 -20.48 -1.24
N PHE D 357 -50.15 -21.09 -1.25
CA PHE D 357 -50.05 -22.53 -1.10
C PHE D 357 -49.27 -22.87 0.16
N PRO D 358 -49.94 -23.00 1.32
CA PRO D 358 -49.21 -23.19 2.58
C PRO D 358 -48.64 -24.57 2.75
N ASP D 359 -49.10 -25.57 1.99
CA ASP D 359 -48.61 -26.93 2.12
C ASP D 359 -47.34 -27.21 1.33
N SER D 360 -46.82 -26.21 0.62
CA SER D 360 -45.66 -26.42 -0.21
C SER D 360 -44.70 -25.24 -0.08
N ASN D 361 -43.45 -25.54 0.21
CA ASN D 361 -42.34 -24.60 0.12
C ASN D 361 -41.90 -24.64 -1.34
N LEU D 362 -41.73 -23.47 -1.95
CA LEU D 362 -41.32 -23.42 -3.36
C LEU D 362 -39.87 -23.85 -3.50
N GLU D 363 -39.06 -23.63 -2.46
CA GLU D 363 -37.65 -23.99 -2.51
C GLU D 363 -37.47 -25.47 -2.14
N ALA D 364 -38.24 -26.34 -2.78
CA ALA D 364 -38.07 -27.78 -2.70
C ALA D 364 -38.25 -28.31 -4.11
N VAL D 365 -38.89 -27.51 -4.95
CA VAL D 365 -39.17 -27.85 -6.33
C VAL D 365 -37.85 -27.87 -7.09
N LEU D 366 -37.50 -29.01 -7.67
CA LEU D 366 -36.17 -29.26 -8.15
C LEU D 366 -36.05 -29.02 -9.65
N ASN D 367 -34.94 -28.41 -10.06
CA ASN D 367 -34.45 -28.37 -11.42
C ASN D 367 -34.28 -29.79 -11.98
N ASN D 368 -34.34 -29.96 -13.30
CA ASN D 368 -34.13 -31.28 -13.89
C ASN D 368 -32.68 -31.75 -13.82
N ASP D 369 -31.76 -30.92 -13.34
CA ASP D 369 -30.43 -31.37 -12.93
C ASP D 369 -30.44 -31.87 -11.49
N GLY D 370 -31.58 -31.76 -10.81
CA GLY D 370 -31.70 -32.21 -9.44
C GLY D 370 -31.54 -31.08 -8.44
N LEU D 371 -31.11 -29.91 -8.92
CA LEU D 371 -30.72 -28.82 -8.04
C LEU D 371 -31.93 -28.11 -7.47
N SER D 372 -31.74 -27.52 -6.30
CA SER D 372 -32.65 -26.61 -5.62
C SER D 372 -32.19 -25.18 -5.89
N PRO D 373 -33.00 -24.14 -5.57
CA PRO D 373 -32.51 -22.76 -5.74
C PRO D 373 -31.32 -22.39 -4.87
N LEU D 374 -31.05 -23.16 -3.82
CA LEU D 374 -29.84 -22.97 -3.04
C LEU D 374 -28.63 -23.67 -3.68
N MET D 375 -28.79 -24.93 -4.09
CA MET D 375 -27.71 -25.66 -4.73
C MET D 375 -27.34 -25.11 -6.10
N MET D 376 -28.27 -24.44 -6.78
CA MET D 376 -27.95 -23.78 -8.03
C MET D 376 -27.11 -22.53 -7.82
N ALA D 377 -27.23 -21.91 -6.65
CA ALA D 377 -26.41 -20.75 -6.30
C ALA D 377 -25.04 -21.13 -5.81
N ALA D 378 -24.82 -22.38 -5.43
CA ALA D 378 -23.50 -22.87 -5.03
C ALA D 378 -22.73 -23.49 -6.18
N LYS D 379 -23.41 -24.16 -7.10
CA LYS D 379 -22.75 -24.72 -8.27
C LYS D 379 -22.28 -23.64 -9.24
N THR D 380 -23.06 -22.57 -9.41
CA THR D 380 -22.71 -21.50 -10.32
C THR D 380 -22.02 -20.33 -9.64
N GLY D 381 -21.91 -20.33 -8.32
CA GLY D 381 -21.18 -19.30 -7.60
C GLY D 381 -21.82 -17.94 -7.63
N LYS D 382 -22.96 -17.79 -6.98
CA LYS D 382 -23.71 -16.53 -6.95
C LYS D 382 -23.82 -16.08 -5.49
N ILE D 383 -22.82 -15.38 -4.97
CA ILE D 383 -23.00 -14.82 -3.63
C ILE D 383 -23.60 -13.43 -3.67
N GLY D 384 -24.88 -13.35 -3.99
CA GLY D 384 -25.73 -12.33 -3.44
C GLY D 384 -26.95 -13.05 -2.94
N ILE D 385 -27.24 -14.18 -3.61
CA ILE D 385 -28.39 -15.00 -3.30
C ILE D 385 -27.99 -16.23 -2.51
N PHE D 386 -26.70 -16.56 -2.47
CA PHE D 386 -26.27 -17.67 -1.63
C PHE D 386 -26.23 -17.23 -0.18
N GLN D 387 -25.77 -16.01 0.08
CA GLN D 387 -25.79 -15.47 1.43
C GLN D 387 -27.21 -15.28 1.92
N HIS D 388 -28.05 -14.66 1.10
CA HIS D 388 -29.38 -14.23 1.53
C HIS D 388 -30.31 -15.41 1.78
N ILE D 389 -30.11 -16.53 1.10
CA ILE D 389 -30.85 -17.75 1.41
C ILE D 389 -30.36 -18.33 2.71
N ILE D 390 -29.04 -18.45 2.87
CA ILE D 390 -28.46 -19.22 3.96
C ILE D 390 -28.57 -18.51 5.31
N ARG D 391 -28.96 -17.24 5.33
CA ARG D 391 -29.20 -16.53 6.57
C ARG D 391 -30.59 -15.91 6.58
N ARG D 392 -31.50 -16.45 5.77
CA ARG D 392 -32.86 -15.92 5.61
C ARG D 392 -33.64 -16.07 6.91
N GLU D 393 -34.23 -14.97 7.36
CA GLU D 393 -34.95 -14.92 8.62
C GLU D 393 -36.26 -14.16 8.40
N VAL D 394 -37.34 -14.90 8.19
CA VAL D 394 -38.66 -14.28 8.02
C VAL D 394 -39.26 -14.12 9.41
N THR D 395 -39.53 -12.88 9.79
CA THR D 395 -39.86 -12.53 11.17
C THR D 395 -41.30 -12.80 11.54
N ASP D 396 -42.15 -13.14 10.57
CA ASP D 396 -43.59 -13.27 10.81
C ASP D 396 -43.93 -14.54 11.59
N GLU D 397 -45.23 -14.76 11.82
CA GLU D 397 -45.66 -15.96 12.52
C GLU D 397 -46.44 -16.86 11.58
N ASP D 398 -46.96 -16.28 10.50
CA ASP D 398 -47.62 -17.08 9.47
C ASP D 398 -46.63 -17.82 8.60
N THR D 399 -45.46 -17.23 8.34
CA THR D 399 -44.46 -17.80 7.46
C THR D 399 -43.10 -17.84 8.17
N ARG D 400 -43.11 -18.22 9.44
CA ARG D 400 -41.87 -18.36 10.20
C ARG D 400 -41.07 -19.57 9.76
N HIS D 401 -41.73 -20.60 9.22
CA HIS D 401 -41.06 -21.83 8.85
C HIS D 401 -40.18 -21.69 7.61
N LEU D 402 -40.25 -20.55 6.92
CA LEU D 402 -39.41 -20.32 5.75
C LEU D 402 -38.01 -19.85 6.11
N SER D 403 -37.75 -19.53 7.38
CA SER D 403 -36.47 -18.97 7.77
C SER D 403 -35.40 -20.06 7.78
N ARG D 404 -34.15 -19.64 7.88
CA ARG D 404 -33.05 -20.59 8.02
C ARG D 404 -32.09 -20.14 9.12
N LYS D 405 -32.26 -18.94 9.67
CA LYS D 405 -31.47 -18.49 10.83
C LYS D 405 -32.45 -18.18 11.95
N PHE D 406 -32.61 -19.11 12.87
CA PHE D 406 -33.49 -18.88 14.01
C PHE D 406 -32.68 -18.44 15.21
N LYS D 407 -33.18 -17.44 15.92
CA LYS D 407 -32.57 -16.98 17.16
C LYS D 407 -33.12 -17.81 18.30
N ASP D 408 -32.26 -18.55 18.99
CA ASP D 408 -32.71 -19.50 19.99
C ASP D 408 -32.93 -18.90 21.36
N TRP D 409 -32.01 -18.08 21.84
CA TRP D 409 -32.21 -17.37 23.10
C TRP D 409 -31.48 -16.05 23.03
N ALA D 410 -31.75 -15.19 24.02
CA ALA D 410 -31.06 -13.92 24.17
C ALA D 410 -31.14 -13.48 25.63
N TYR D 411 -30.00 -13.13 26.21
CA TYR D 411 -29.96 -12.58 27.57
C TYR D 411 -29.12 -11.32 27.54
N GLY D 412 -29.77 -10.19 27.33
CA GLY D 412 -29.07 -8.96 27.13
C GLY D 412 -28.32 -8.99 25.82
N PRO D 413 -27.07 -8.52 25.82
CA PRO D 413 -26.30 -8.43 24.59
C PRO D 413 -25.54 -9.70 24.22
N VAL D 414 -26.22 -10.83 24.29
CA VAL D 414 -25.67 -12.10 23.79
C VAL D 414 -26.83 -12.97 23.33
N TYR D 415 -26.80 -13.36 22.07
CA TYR D 415 -27.85 -14.20 21.51
C TYR D 415 -27.26 -15.39 20.78
N SER D 416 -28.12 -16.38 20.56
CA SER D 416 -27.72 -17.67 19.99
C SER D 416 -28.55 -17.90 18.73
N SER D 417 -27.92 -17.74 17.58
CA SER D 417 -28.58 -17.94 16.31
C SER D 417 -28.33 -19.36 15.83
N LEU D 418 -29.35 -19.99 15.28
CA LEU D 418 -29.29 -21.36 14.79
C LEU D 418 -29.51 -21.37 13.29
N TYR D 419 -28.42 -21.53 12.54
CA TYR D 419 -28.46 -21.68 11.09
C TYR D 419 -29.04 -23.03 10.76
N ASP D 420 -29.66 -23.19 9.59
CA ASP D 420 -30.40 -24.40 9.26
C ASP D 420 -29.60 -25.27 8.30
N LEU D 421 -29.01 -26.34 8.81
CA LEU D 421 -28.34 -27.34 7.99
C LEU D 421 -29.35 -28.36 7.49
N SER D 422 -30.01 -28.08 6.37
CA SER D 422 -31.01 -28.98 5.84
C SER D 422 -30.63 -29.39 4.43
N SER D 423 -29.69 -28.65 3.86
CA SER D 423 -29.07 -29.04 2.60
C SER D 423 -27.57 -28.87 2.70
N LEU D 424 -27.11 -28.04 3.64
CA LEU D 424 -25.71 -27.76 3.87
C LEU D 424 -24.94 -28.97 4.37
N ASP D 425 -25.57 -29.84 5.15
CA ASP D 425 -24.89 -31.02 5.66
C ASP D 425 -25.86 -32.17 5.73
N THR D 426 -25.94 -32.95 4.67
CA THR D 426 -26.80 -34.11 4.55
C THR D 426 -25.88 -35.30 4.30
N CYS D 427 -25.53 -36.00 5.37
CA CYS D 427 -24.53 -37.06 5.28
C CYS D 427 -25.06 -38.29 4.55
N GLY D 428 -24.61 -38.46 3.30
CA GLY D 428 -24.87 -39.67 2.55
C GLY D 428 -26.22 -39.77 1.86
N GLU D 429 -27.30 -39.58 2.62
CA GLU D 429 -28.63 -39.96 2.15
C GLU D 429 -29.33 -38.88 1.32
N GLU D 430 -28.60 -37.82 0.97
CA GLU D 430 -29.19 -36.72 0.20
C GLU D 430 -28.05 -35.95 -0.46
N ALA D 431 -28.35 -35.18 -1.51
CA ALA D 431 -27.36 -34.33 -2.15
C ALA D 431 -27.12 -33.10 -1.30
N SER D 432 -25.85 -32.69 -1.25
CA SER D 432 -25.40 -31.65 -0.34
C SER D 432 -25.11 -30.35 -1.08
N VAL D 433 -25.21 -29.24 -0.36
CA VAL D 433 -24.65 -27.97 -0.82
C VAL D 433 -23.15 -27.93 -0.66
N LEU D 434 -22.64 -28.46 0.45
CA LEU D 434 -21.22 -28.39 0.79
C LEU D 434 -20.38 -29.26 -0.13
N GLU D 435 -20.90 -30.40 -0.57
CA GLU D 435 -20.18 -31.24 -1.53
C GLU D 435 -20.18 -30.63 -2.91
N ILE D 436 -21.24 -29.91 -3.27
CA ILE D 436 -21.31 -29.20 -4.54
C ILE D 436 -20.35 -28.01 -4.50
N LEU D 437 -20.34 -27.32 -3.37
CA LEU D 437 -19.59 -26.08 -3.27
C LEU D 437 -18.09 -26.31 -3.21
N VAL D 438 -17.66 -27.45 -2.69
CA VAL D 438 -16.23 -27.74 -2.59
C VAL D 438 -15.69 -28.46 -3.82
N TYR D 439 -16.45 -29.38 -4.39
CA TYR D 439 -16.00 -30.12 -5.56
C TYR D 439 -16.50 -29.57 -6.89
N ASN D 440 -17.80 -29.32 -7.02
CA ASN D 440 -18.41 -29.06 -8.33
C ASN D 440 -18.73 -27.60 -8.54
N SER D 441 -17.89 -26.69 -8.07
CA SER D 441 -18.22 -25.27 -8.13
C SER D 441 -17.26 -24.53 -9.05
N LYS D 442 -17.52 -23.23 -9.22
CA LYS D 442 -16.69 -22.32 -9.99
C LYS D 442 -15.59 -21.78 -9.10
N ILE D 443 -14.33 -22.07 -9.43
CA ILE D 443 -13.24 -21.89 -8.45
C ILE D 443 -12.84 -20.44 -8.27
N GLU D 444 -13.32 -19.53 -9.12
CA GLU D 444 -12.96 -18.12 -8.97
C GLU D 444 -13.71 -17.49 -7.80
N ASN D 445 -14.75 -18.15 -7.30
CA ASN D 445 -15.59 -17.62 -6.24
C ASN D 445 -15.81 -18.63 -5.11
N ARG D 446 -15.26 -19.83 -5.20
CA ARG D 446 -15.53 -20.85 -4.19
C ARG D 446 -14.79 -20.59 -2.89
N HIS D 447 -13.88 -19.63 -2.83
CA HIS D 447 -13.21 -19.30 -1.59
C HIS D 447 -13.96 -18.22 -0.81
N GLU D 448 -14.89 -17.51 -1.43
CA GLU D 448 -15.76 -16.58 -0.76
C GLU D 448 -17.11 -17.20 -0.43
N MET D 449 -17.33 -18.44 -0.87
CA MET D 449 -18.48 -19.20 -0.43
C MET D 449 -18.15 -20.13 0.72
N LEU D 450 -16.87 -20.43 0.93
CA LEU D 450 -16.45 -21.05 2.18
C LEU D 450 -16.05 -20.02 3.21
N ALA D 451 -16.84 -18.96 3.36
CA ALA D 451 -16.59 -17.97 4.41
C ALA D 451 -17.87 -17.40 4.99
N VAL D 452 -19.03 -17.85 4.52
CA VAL D 452 -20.29 -17.35 5.06
C VAL D 452 -20.53 -18.08 6.36
N GLU D 453 -21.38 -17.51 7.22
CA GLU D 453 -21.45 -17.83 8.64
C GLU D 453 -21.74 -19.28 9.02
N PRO D 454 -22.63 -20.04 8.38
CA PRO D 454 -22.74 -21.45 8.79
C PRO D 454 -21.70 -22.36 8.16
N ILE D 455 -21.07 -21.97 7.06
CA ILE D 455 -20.18 -22.84 6.31
C ILE D 455 -18.80 -22.93 6.95
N ASN D 456 -18.21 -21.77 7.28
CA ASN D 456 -16.86 -21.70 7.82
C ASN D 456 -16.76 -22.38 9.18
N GLU D 457 -17.70 -22.12 10.08
CA GLU D 457 -17.73 -22.82 11.36
C GLU D 457 -18.21 -24.26 11.24
N LEU D 458 -18.73 -24.68 10.09
CA LEU D 458 -19.06 -26.08 9.92
C LEU D 458 -17.82 -26.92 9.68
N LEU D 459 -16.88 -26.40 8.89
CA LEU D 459 -15.69 -27.15 8.52
C LEU D 459 -14.74 -27.31 9.71
N ARG D 460 -14.64 -26.26 10.53
CA ARG D 460 -13.87 -26.36 11.76
C ARG D 460 -14.49 -27.37 12.73
N ASP D 461 -15.81 -27.35 12.83
CA ASP D 461 -16.50 -28.32 13.68
C ASP D 461 -16.50 -29.72 13.08
N LYS D 462 -16.30 -29.87 11.77
CA LYS D 462 -16.03 -31.17 11.19
C LYS D 462 -14.55 -31.51 11.22
N TRP D 463 -13.68 -30.55 11.56
CA TRP D 463 -12.26 -30.82 11.75
C TRP D 463 -11.98 -31.28 13.17
N ARG D 464 -12.72 -30.75 14.15
CA ARG D 464 -12.56 -31.13 15.55
C ARG D 464 -13.01 -32.56 15.79
N LYS D 465 -14.13 -32.96 15.20
CA LYS D 465 -14.70 -34.27 15.50
C LYS D 465 -13.93 -35.40 14.83
N PHE D 466 -13.86 -35.39 13.50
CA PHE D 466 -13.21 -36.46 12.78
C PHE D 466 -12.21 -35.98 11.75
N GLY D 467 -12.13 -34.67 11.53
CA GLY D 467 -11.26 -34.15 10.49
C GLY D 467 -9.80 -34.18 10.88
N ALA D 468 -9.47 -33.72 12.08
CA ALA D 468 -8.08 -33.67 12.53
C ALA D 468 -7.54 -35.07 12.76
N VAL D 469 -8.23 -35.85 13.60
CA VAL D 469 -7.77 -37.15 14.09
C VAL D 469 -7.58 -38.15 12.95
N SER D 470 -8.57 -38.25 12.06
CA SER D 470 -8.48 -39.21 10.97
C SER D 470 -7.57 -38.76 9.84
N PHE D 471 -7.10 -37.52 9.85
CA PHE D 471 -6.12 -37.09 8.86
C PHE D 471 -4.72 -37.48 9.29
N TYR D 472 -4.42 -37.42 10.59
CA TYR D 472 -3.08 -37.79 11.04
C TYR D 472 -2.94 -39.29 11.26
N ILE D 473 -4.03 -40.05 11.13
CA ILE D 473 -3.89 -41.49 10.98
C ILE D 473 -3.27 -41.82 9.64
N ASN D 474 -3.58 -41.05 8.60
CA ASN D 474 -3.06 -41.31 7.25
C ASN D 474 -1.58 -40.96 7.14
N VAL D 475 -1.16 -39.86 7.76
CA VAL D 475 0.23 -39.40 7.63
C VAL D 475 1.15 -40.32 8.44
N VAL D 476 0.61 -41.03 9.42
CA VAL D 476 1.42 -42.03 10.11
C VAL D 476 1.18 -43.40 9.50
N SER D 477 0.30 -43.47 8.48
CA SER D 477 0.15 -44.72 7.75
C SER D 477 0.81 -44.64 6.38
N TYR D 478 0.82 -43.46 5.78
CA TYR D 478 1.45 -43.31 4.47
C TYR D 478 2.96 -43.28 4.61
N LEU D 479 3.47 -42.52 5.58
CA LEU D 479 4.90 -42.48 5.88
C LEU D 479 5.39 -43.84 6.33
N CYS D 480 4.59 -44.52 7.16
CA CYS D 480 4.95 -45.88 7.57
C CYS D 480 4.59 -46.92 6.51
N ALA D 481 4.09 -46.52 5.35
CA ALA D 481 4.10 -47.36 4.17
C ALA D 481 5.14 -46.92 3.16
N MET D 482 5.89 -45.87 3.48
CA MET D 482 7.01 -45.48 2.64
C MET D 482 8.34 -45.81 3.28
N VAL D 483 8.38 -45.99 4.60
CA VAL D 483 9.54 -46.60 5.24
C VAL D 483 9.68 -48.05 4.78
N ILE D 484 8.55 -48.76 4.71
CA ILE D 484 8.50 -50.17 4.29
C ILE D 484 8.91 -50.28 2.82
N PHE D 485 8.49 -49.32 2.01
CA PHE D 485 8.84 -49.31 0.59
C PHE D 485 10.31 -48.95 0.41
N THR D 486 10.86 -48.16 1.33
CA THR D 486 12.28 -47.78 1.28
C THR D 486 13.17 -48.98 1.58
N LEU D 487 12.92 -49.64 2.72
CA LEU D 487 13.68 -50.78 3.18
C LEU D 487 13.72 -51.95 2.21
N THR D 488 12.63 -52.16 1.46
CA THR D 488 12.62 -53.26 0.49
C THR D 488 13.22 -52.84 -0.84
N ALA D 489 13.58 -51.57 -0.97
CA ALA D 489 14.35 -51.13 -2.12
C ALA D 489 15.83 -51.15 -1.78
N TYR D 490 16.16 -50.87 -0.52
CA TYR D 490 17.54 -50.87 -0.06
C TYR D 490 18.05 -52.29 0.15
N TYR D 491 17.19 -53.18 0.62
CA TYR D 491 17.56 -54.58 0.78
C TYR D 491 17.24 -55.38 -0.47
N GLN D 492 17.67 -54.90 -1.63
CA GLN D 492 17.35 -55.53 -2.90
C GLN D 492 18.60 -56.19 -3.46
N PRO D 493 18.58 -57.50 -3.73
CA PRO D 493 19.76 -58.16 -4.31
C PRO D 493 19.99 -57.78 -5.76
N LEU D 494 21.11 -57.10 -6.02
CA LEU D 494 21.43 -56.59 -7.35
C LEU D 494 22.36 -57.57 -8.07
N GLU D 495 21.80 -58.72 -8.49
CA GLU D 495 22.58 -59.70 -9.22
C GLU D 495 21.71 -60.58 -10.12
N GLY D 496 22.17 -60.79 -11.35
CA GLY D 496 21.67 -61.86 -12.20
C GLY D 496 20.28 -61.71 -12.77
N THR D 497 19.47 -62.74 -12.56
CA THR D 497 18.08 -62.80 -13.01
C THR D 497 17.21 -62.94 -11.76
N PRO D 498 16.06 -62.25 -11.71
CA PRO D 498 15.51 -61.69 -10.43
C PRO D 498 15.37 -62.70 -9.30
N PRO D 499 15.74 -62.32 -8.07
CA PRO D 499 15.86 -63.29 -6.98
C PRO D 499 14.54 -63.82 -6.44
N TYR D 500 13.87 -64.66 -7.22
CA TYR D 500 12.68 -65.37 -6.76
C TYR D 500 12.93 -66.35 -5.61
N PRO D 501 14.04 -67.18 -5.58
CA PRO D 501 14.21 -68.04 -4.40
C PRO D 501 14.67 -67.28 -3.17
N TYR D 502 13.70 -66.74 -2.41
CA TYR D 502 13.98 -65.98 -1.19
C TYR D 502 14.65 -66.85 -0.13
N ARG D 503 13.92 -67.82 0.40
CA ARG D 503 14.41 -68.92 1.26
C ARG D 503 15.03 -68.49 2.59
N THR D 504 15.06 -67.20 2.89
CA THR D 504 15.63 -66.69 4.14
C THR D 504 14.69 -65.69 4.78
N THR D 505 14.79 -65.52 6.09
CA THR D 505 13.90 -64.60 6.81
C THR D 505 14.20 -63.14 6.50
N VAL D 506 15.39 -62.86 5.96
CA VAL D 506 15.75 -61.50 5.55
C VAL D 506 15.13 -61.23 4.18
N ASP D 507 14.77 -62.28 3.45
CA ASP D 507 14.15 -62.11 2.14
C ASP D 507 12.66 -62.37 2.21
N TYR D 508 12.19 -62.98 3.30
CA TYR D 508 10.76 -63.19 3.49
C TYR D 508 10.06 -61.86 3.79
N LEU D 509 10.73 -61.00 4.57
CA LEU D 509 10.16 -59.69 4.87
C LEU D 509 10.21 -58.78 3.65
N ARG D 510 11.13 -59.04 2.71
CA ARG D 510 11.09 -58.34 1.44
C ARG D 510 9.92 -58.83 0.59
N LEU D 511 9.61 -60.12 0.63
CA LEU D 511 8.42 -60.64 -0.03
C LEU D 511 7.15 -60.08 0.59
N ALA D 512 7.12 -59.99 1.93
CA ALA D 512 6.00 -59.33 2.59
C ALA D 512 6.05 -57.82 2.39
N GLY D 513 7.20 -57.28 2.03
CA GLY D 513 7.35 -55.86 1.81
C GLY D 513 7.11 -55.41 0.38
N GLU D 514 7.21 -56.33 -0.58
CA GLU D 514 6.95 -55.94 -1.97
C GLU D 514 5.52 -56.23 -2.37
N VAL D 515 4.73 -56.79 -1.45
CA VAL D 515 3.28 -56.97 -1.67
C VAL D 515 2.56 -55.73 -1.17
N ILE D 516 3.00 -55.21 -0.02
CA ILE D 516 2.51 -53.94 0.54
C ILE D 516 2.83 -52.81 -0.42
N THR D 517 3.97 -52.94 -1.12
CA THR D 517 4.26 -52.10 -2.28
C THR D 517 3.17 -52.20 -3.34
N LEU D 518 2.81 -53.42 -3.72
CA LEU D 518 1.80 -53.59 -4.76
C LEU D 518 0.39 -53.35 -4.23
N PHE D 519 0.20 -53.50 -2.92
CA PHE D 519 -1.12 -53.22 -2.34
C PHE D 519 -1.39 -51.72 -2.32
N THR D 520 -0.37 -50.92 -2.01
CA THR D 520 -0.53 -49.47 -2.12
C THR D 520 -0.49 -49.01 -3.56
N GLY D 521 0.12 -49.81 -4.45
CA GLY D 521 0.16 -49.43 -5.84
C GLY D 521 -1.17 -49.60 -6.54
N VAL D 522 -1.98 -50.55 -6.08
CA VAL D 522 -3.24 -50.84 -6.76
C VAL D 522 -4.39 -50.06 -6.13
N LEU D 523 -4.25 -49.68 -4.85
CA LEU D 523 -5.22 -48.80 -4.22
C LEU D 523 -5.14 -47.40 -4.80
N PHE D 524 -3.92 -46.97 -5.13
CA PHE D 524 -3.74 -45.66 -5.74
C PHE D 524 -4.07 -45.70 -7.22
N PHE D 525 -4.27 -46.91 -7.77
CA PHE D 525 -4.91 -47.08 -9.06
C PHE D 525 -6.42 -47.13 -8.92
N PHE D 526 -6.91 -47.75 -7.84
CA PHE D 526 -8.34 -47.89 -7.63
C PHE D 526 -8.97 -46.58 -7.21
N THR D 527 -8.53 -46.05 -6.07
CA THR D 527 -9.19 -44.91 -5.45
C THR D 527 -9.01 -43.61 -6.23
N ASN D 528 -7.97 -43.52 -7.04
CA ASN D 528 -7.75 -42.29 -7.80
C ASN D 528 -8.66 -42.22 -9.01
N ILE D 529 -8.85 -43.36 -9.69
CA ILE D 529 -9.67 -43.37 -10.92
C ILE D 529 -11.15 -43.29 -10.56
N LYS D 530 -11.56 -43.96 -9.48
CA LYS D 530 -12.95 -43.92 -9.03
C LYS D 530 -13.33 -42.53 -8.55
N ASP D 531 -12.37 -41.75 -8.04
CA ASP D 531 -12.63 -40.35 -7.76
C ASP D 531 -12.73 -39.53 -9.03
N LEU D 532 -11.77 -39.72 -9.94
CA LEU D 532 -11.58 -38.83 -11.09
C LEU D 532 -12.72 -38.92 -12.09
N PHE D 533 -13.39 -40.07 -12.16
CA PHE D 533 -14.52 -40.22 -13.07
C PHE D 533 -15.85 -39.80 -12.46
N MET D 534 -16.09 -40.07 -11.18
CA MET D 534 -17.35 -39.68 -10.56
C MET D 534 -17.32 -38.22 -10.12
N LYS D 535 -16.45 -37.91 -9.17
CA LYS D 535 -16.38 -36.59 -8.57
C LYS D 535 -15.16 -35.87 -9.16
N LYS D 536 -14.77 -34.73 -8.58
CA LYS D 536 -13.44 -34.12 -8.64
C LYS D 536 -13.09 -33.43 -9.94
N CYS D 537 -13.93 -33.62 -11.00
CA CYS D 537 -14.09 -32.85 -12.25
C CYS D 537 -12.85 -32.12 -12.77
N PRO D 538 -11.79 -32.84 -13.21
CA PRO D 538 -10.51 -32.17 -13.48
C PRO D 538 -10.52 -31.23 -14.68
N GLY D 539 -9.71 -30.18 -14.62
CA GLY D 539 -9.65 -29.21 -15.70
C GLY D 539 -8.37 -28.42 -15.64
N VAL D 540 -8.40 -27.26 -16.32
CA VAL D 540 -7.27 -26.35 -16.34
C VAL D 540 -7.19 -25.53 -15.04
N ASN D 541 -8.31 -25.41 -14.34
CA ASN D 541 -8.46 -24.50 -13.22
C ASN D 541 -8.01 -25.07 -11.88
N SER D 542 -8.31 -26.34 -11.59
CA SER D 542 -8.19 -26.88 -10.24
C SER D 542 -6.84 -27.53 -9.96
N LEU D 543 -5.74 -27.06 -10.58
CA LEU D 543 -4.45 -27.73 -10.44
C LEU D 543 -3.90 -27.63 -9.03
N PHE D 544 -4.02 -26.48 -8.39
CA PHE D 544 -3.48 -26.29 -7.06
C PHE D 544 -4.48 -26.65 -5.96
N ILE D 545 -5.60 -27.26 -6.33
CA ILE D 545 -6.71 -27.57 -5.44
C ILE D 545 -6.92 -29.07 -5.50
N ASP D 546 -5.80 -29.82 -5.42
CA ASP D 546 -5.70 -31.28 -5.40
C ASP D 546 -5.94 -31.81 -6.81
N GLY D 547 -5.58 -31.02 -7.81
CA GLY D 547 -5.55 -31.49 -9.18
C GLY D 547 -4.17 -31.94 -9.60
N SER D 548 -3.13 -31.32 -9.03
CA SER D 548 -1.75 -31.67 -9.31
C SER D 548 -1.43 -33.08 -8.80
N PHE D 549 -1.92 -33.41 -7.61
CA PHE D 549 -1.59 -34.71 -7.03
C PHE D 549 -2.37 -35.84 -7.66
N GLN D 550 -3.43 -35.52 -8.40
CA GLN D 550 -4.09 -36.55 -9.22
C GLN D 550 -3.18 -37.01 -10.34
N LEU D 551 -2.32 -36.11 -10.84
CA LEU D 551 -1.38 -36.48 -11.88
C LEU D 551 -0.14 -37.15 -11.31
N LEU D 552 0.22 -36.82 -10.06
CA LEU D 552 1.44 -37.40 -9.49
C LEU D 552 1.18 -38.71 -8.75
N TYR D 553 -0.02 -38.88 -8.17
CA TYR D 553 -0.36 -40.20 -7.63
C TYR D 553 -0.76 -41.17 -8.71
N PHE D 554 -0.95 -40.72 -9.95
CA PHE D 554 -1.23 -41.64 -11.03
C PHE D 554 0.05 -42.11 -11.70
N ILE D 555 1.09 -41.26 -11.70
CA ILE D 555 2.41 -41.71 -12.17
C ILE D 555 2.99 -42.70 -11.16
N TYR D 556 2.77 -42.45 -9.87
CA TYR D 556 3.13 -43.43 -8.86
C TYR D 556 2.27 -44.68 -8.96
N SER D 557 1.05 -44.55 -9.50
CA SER D 557 0.21 -45.72 -9.71
C SER D 557 0.75 -46.61 -10.83
N VAL D 558 1.24 -46.00 -11.91
CA VAL D 558 1.76 -46.73 -13.06
C VAL D 558 3.08 -47.40 -12.72
N LEU D 559 4.03 -46.60 -12.24
CA LEU D 559 5.42 -46.99 -12.00
C LEU D 559 5.62 -48.14 -11.02
N VAL D 560 4.73 -48.28 -10.04
CA VAL D 560 4.81 -49.41 -9.11
C VAL D 560 4.41 -50.69 -9.84
N ILE D 561 3.37 -50.61 -10.67
CA ILE D 561 2.87 -51.76 -11.41
C ILE D 561 3.88 -52.17 -12.48
N VAL D 562 4.48 -51.18 -13.15
CA VAL D 562 5.49 -51.40 -14.19
C VAL D 562 6.73 -52.06 -13.60
N SER D 563 7.09 -51.65 -12.37
CA SER D 563 8.20 -52.26 -11.66
C SER D 563 7.92 -53.71 -11.32
N ALA D 564 6.66 -54.04 -11.05
CA ALA D 564 6.27 -55.42 -10.86
C ALA D 564 6.26 -56.17 -12.17
N ALA D 565 5.83 -55.50 -13.24
CA ALA D 565 5.70 -56.09 -14.57
C ALA D 565 7.07 -56.51 -15.12
N LEU D 566 8.12 -55.82 -14.71
CA LEU D 566 9.47 -56.23 -15.04
C LEU D 566 9.94 -57.32 -14.07
N TYR D 567 9.57 -57.18 -12.79
CA TYR D 567 10.02 -58.13 -11.77
C TYR D 567 9.31 -59.47 -11.86
N LEU D 568 8.01 -59.47 -12.15
CA LEU D 568 7.30 -60.74 -12.29
C LEU D 568 7.68 -61.44 -13.59
N ALA D 569 8.16 -60.68 -14.57
CA ALA D 569 8.80 -61.24 -15.75
C ALA D 569 10.28 -61.45 -15.48
N GLY D 570 11.04 -61.79 -16.52
CA GLY D 570 12.45 -62.08 -16.35
C GLY D 570 13.37 -60.88 -16.41
N ILE D 571 12.79 -59.70 -16.66
CA ILE D 571 13.58 -58.49 -16.91
C ILE D 571 14.19 -57.96 -15.61
N GLU D 572 15.50 -57.73 -15.62
CA GLU D 572 16.25 -57.23 -14.47
C GLU D 572 16.31 -55.71 -14.43
N ALA D 573 15.55 -55.03 -15.31
CA ALA D 573 15.55 -53.57 -15.31
C ALA D 573 14.48 -53.01 -14.38
N TYR D 574 14.14 -53.77 -13.32
CA TYR D 574 13.11 -53.36 -12.39
C TYR D 574 13.68 -52.53 -11.26
N LEU D 575 14.95 -52.14 -11.36
CA LEU D 575 15.50 -51.16 -10.42
C LEU D 575 15.55 -49.75 -10.98
N ALA D 576 15.30 -49.54 -12.26
CA ALA D 576 15.20 -48.18 -12.79
C ALA D 576 13.83 -47.62 -12.45
N VAL D 577 12.77 -48.39 -12.71
CA VAL D 577 11.40 -47.91 -12.58
C VAL D 577 11.04 -47.82 -11.10
N MET D 578 11.55 -48.75 -10.29
CA MET D 578 11.33 -48.78 -8.85
C MET D 578 11.86 -47.53 -8.16
N VAL D 579 12.99 -47.02 -8.64
CA VAL D 579 13.61 -45.88 -7.97
C VAL D 579 13.01 -44.58 -8.50
N PHE D 580 12.37 -44.62 -9.66
CA PHE D 580 11.51 -43.50 -10.03
C PHE D 580 10.27 -43.45 -9.17
N ALA D 581 9.84 -44.60 -8.64
CA ALA D 581 8.69 -44.61 -7.74
C ALA D 581 9.08 -44.14 -6.35
N LEU D 582 10.31 -44.44 -5.94
CA LEU D 582 10.74 -44.12 -4.57
C LEU D 582 11.01 -42.63 -4.39
N VAL D 583 11.34 -41.92 -5.47
CA VAL D 583 11.45 -40.47 -5.34
C VAL D 583 10.08 -39.81 -5.36
N LEU D 584 9.10 -40.45 -6.01
CA LEU D 584 7.76 -39.87 -6.05
C LEU D 584 7.06 -40.00 -4.70
N GLY D 585 7.06 -41.21 -4.15
CA GLY D 585 6.32 -41.49 -2.92
C GLY D 585 6.78 -40.74 -1.69
N TRP D 586 7.94 -40.10 -1.76
CA TRP D 586 8.38 -39.17 -0.73
C TRP D 586 8.12 -37.72 -1.14
N MET D 587 8.09 -37.45 -2.45
CA MET D 587 7.57 -36.16 -2.89
C MET D 587 6.06 -36.09 -2.77
N ASN D 588 5.37 -37.24 -2.85
CA ASN D 588 3.92 -37.26 -2.73
C ASN D 588 3.44 -37.20 -1.29
N ALA D 589 4.35 -37.15 -0.31
CA ALA D 589 3.95 -36.89 1.07
C ALA D 589 3.94 -35.40 1.38
N LEU D 590 4.03 -34.55 0.36
CA LEU D 590 3.70 -33.14 0.51
C LEU D 590 2.21 -32.88 0.37
N TYR D 591 1.42 -33.91 0.06
CA TYR D 591 -0.02 -33.83 0.19
C TYR D 591 -0.40 -33.54 1.63
N PHE D 592 0.32 -34.14 2.58
CA PHE D 592 -0.06 -34.12 3.98
C PHE D 592 0.52 -32.91 4.71
N THR D 593 0.99 -31.92 3.97
CA THR D 593 1.30 -30.61 4.52
C THR D 593 0.07 -29.73 4.56
N ARG D 594 -1.06 -30.22 4.05
CA ARG D 594 -2.33 -29.53 3.96
C ARG D 594 -3.15 -29.63 5.22
N GLY D 595 -2.55 -30.03 6.33
CA GLY D 595 -3.24 -30.08 7.59
C GLY D 595 -3.01 -28.85 8.42
N LEU D 596 -1.89 -28.15 8.16
CA LEU D 596 -1.56 -26.92 8.86
C LEU D 596 -1.58 -25.79 7.86
N LYS D 597 -1.93 -24.59 8.33
CA LYS D 597 -1.92 -23.42 7.47
C LYS D 597 -0.51 -22.97 7.15
N LEU D 598 0.41 -23.08 8.10
CA LEU D 598 1.74 -22.50 7.91
C LEU D 598 2.70 -23.44 7.21
N THR D 599 2.34 -24.73 7.06
CA THR D 599 3.02 -25.61 6.14
C THR D 599 2.27 -25.72 4.82
N GLY D 600 0.94 -25.51 4.85
CA GLY D 600 0.16 -25.65 3.64
C GLY D 600 0.34 -24.52 2.66
N THR D 601 0.47 -23.29 3.17
CA THR D 601 0.71 -22.16 2.29
C THR D 601 2.15 -22.09 1.82
N TYR D 602 3.04 -22.86 2.44
CA TYR D 602 4.42 -22.93 1.96
C TYR D 602 4.57 -23.97 0.85
N SER D 603 3.86 -25.09 0.96
CA SER D 603 3.96 -26.14 -0.04
C SER D 603 3.22 -25.80 -1.33
N ILE D 604 2.36 -24.77 -1.32
CA ILE D 604 1.74 -24.31 -2.56
C ILE D 604 2.67 -23.41 -3.36
N MET D 605 3.44 -22.56 -2.69
CA MET D 605 4.45 -21.74 -3.35
C MET D 605 5.55 -22.55 -3.98
N ILE D 606 5.81 -23.77 -3.49
CA ILE D 606 6.73 -24.69 -4.14
C ILE D 606 6.16 -25.18 -5.46
N GLN D 607 4.83 -25.26 -5.57
CA GLN D 607 4.22 -25.62 -6.85
C GLN D 607 4.16 -24.44 -7.81
N LYS D 608 3.84 -23.24 -7.31
CA LYS D 608 3.76 -22.08 -8.17
C LYS D 608 5.13 -21.59 -8.62
N ILE D 609 6.19 -21.97 -7.90
CA ILE D 609 7.53 -21.62 -8.34
C ILE D 609 7.98 -22.68 -9.34
N LEU D 610 7.28 -23.81 -9.38
CA LEU D 610 7.66 -24.90 -10.26
C LEU D 610 6.82 -24.85 -11.52
N PHE D 611 5.50 -24.83 -11.37
CA PHE D 611 4.64 -24.91 -12.54
C PHE D 611 4.59 -23.59 -13.29
N LYS D 612 4.78 -22.46 -12.60
CA LYS D 612 4.85 -21.19 -13.31
C LYS D 612 6.30 -20.76 -13.55
N ASP D 613 7.07 -20.59 -12.48
CA ASP D 613 8.36 -19.90 -12.58
C ASP D 613 9.57 -20.83 -12.65
N LEU D 614 9.40 -22.03 -13.21
CA LEU D 614 10.57 -22.87 -13.42
C LEU D 614 10.66 -23.35 -14.86
N PHE D 615 9.56 -23.55 -15.57
CA PHE D 615 9.66 -23.76 -17.01
C PHE D 615 9.87 -22.45 -17.74
N ARG D 616 9.56 -21.34 -17.07
CA ARG D 616 9.89 -20.02 -17.59
C ARG D 616 11.38 -19.83 -17.71
N PHE D 617 12.12 -20.13 -16.63
CA PHE D 617 13.57 -20.02 -16.64
C PHE D 617 14.19 -21.07 -17.56
N LEU D 618 13.70 -22.31 -17.48
CA LEU D 618 14.23 -23.39 -18.29
C LEU D 618 13.87 -23.24 -19.76
N LEU D 619 12.94 -22.34 -20.09
CA LEU D 619 12.77 -21.92 -21.47
C LEU D 619 13.97 -21.13 -21.95
N VAL D 620 14.28 -20.03 -21.25
CA VAL D 620 15.30 -19.07 -21.67
C VAL D 620 16.69 -19.66 -21.48
N TYR D 621 16.89 -20.38 -20.37
CA TYR D 621 18.21 -20.95 -20.07
C TYR D 621 18.54 -22.11 -20.98
N LEU D 622 17.54 -22.69 -21.64
CA LEU D 622 17.78 -23.65 -22.71
C LEU D 622 17.63 -22.99 -24.08
N LEU D 623 17.90 -21.69 -24.17
CA LEU D 623 18.22 -21.04 -25.44
C LEU D 623 19.69 -20.65 -25.41
N PHE D 624 20.19 -20.27 -24.24
CA PHE D 624 21.58 -19.87 -24.10
C PHE D 624 22.50 -21.09 -24.06
N MET D 625 22.03 -22.19 -23.47
CA MET D 625 22.81 -23.42 -23.42
C MET D 625 22.70 -24.17 -24.75
N ILE D 626 21.67 -23.86 -25.54
CA ILE D 626 21.58 -24.40 -26.89
C ILE D 626 22.19 -23.33 -27.81
N GLY D 627 22.62 -22.23 -27.19
CA GLY D 627 23.23 -21.13 -27.89
C GLY D 627 24.73 -21.21 -27.78
N TYR D 628 25.31 -20.52 -26.80
CA TYR D 628 26.75 -20.35 -26.62
C TYR D 628 27.50 -21.68 -26.55
N ALA D 629 26.88 -22.72 -25.97
CA ALA D 629 27.55 -24.01 -25.85
C ALA D 629 27.68 -24.71 -27.19
N SER D 630 26.67 -24.57 -28.05
CA SER D 630 26.75 -25.10 -29.40
C SER D 630 27.61 -24.20 -30.28
N ALA D 631 27.94 -23.01 -29.77
CA ALA D 631 28.87 -22.14 -30.46
C ALA D 631 30.31 -22.46 -30.08
N LEU D 632 30.55 -22.73 -28.79
CA LEU D 632 31.92 -22.92 -28.33
C LEU D 632 32.49 -24.27 -28.76
N VAL D 633 31.63 -25.20 -29.18
CA VAL D 633 32.12 -26.48 -29.70
C VAL D 633 32.61 -26.30 -31.11
N SER D 634 32.24 -25.19 -31.76
CA SER D 634 32.85 -24.81 -33.02
C SER D 634 34.21 -24.14 -32.84
N LEU D 635 34.54 -23.73 -31.61
CA LEU D 635 35.90 -23.31 -31.28
C LEU D 635 36.66 -24.51 -30.71
N LEU D 636 36.79 -25.53 -31.55
CA LEU D 636 37.36 -26.80 -31.13
C LEU D 636 37.78 -27.55 -32.38
N ASN D 637 38.93 -28.23 -32.32
CA ASN D 637 39.42 -29.05 -33.42
C ASN D 637 38.49 -30.22 -33.72
N PRO D 638 38.23 -30.53 -34.99
CA PRO D 638 37.26 -31.59 -35.34
C PRO D 638 37.90 -32.97 -35.39
N CYS D 639 38.60 -33.32 -34.30
CA CYS D 639 39.37 -34.55 -34.13
C CYS D 639 40.36 -34.74 -35.28
N ALA D 640 41.34 -33.84 -35.37
CA ALA D 640 42.34 -33.89 -36.43
C ALA D 640 43.68 -33.38 -35.93
N ARG D 661 40.68 -34.31 -24.83
CA ARG D 661 39.67 -34.75 -25.79
C ARG D 661 39.77 -33.97 -27.09
N ASP D 662 39.32 -34.56 -28.18
CA ASP D 662 39.39 -33.94 -29.50
C ASP D 662 38.03 -33.48 -30.00
N SER D 663 37.06 -34.40 -30.11
CA SER D 663 35.74 -34.12 -30.64
C SER D 663 34.78 -35.25 -30.28
N GLU D 664 33.57 -35.22 -30.88
CA GLU D 664 32.58 -36.33 -30.85
C GLU D 664 31.99 -36.53 -29.45
N THR D 665 32.30 -35.62 -28.54
CA THR D 665 31.95 -35.75 -27.13
C THR D 665 31.28 -34.47 -26.64
N PHE D 666 30.26 -34.02 -27.36
CA PHE D 666 29.56 -32.77 -27.04
C PHE D 666 28.84 -32.83 -25.71
N SER D 667 28.53 -34.03 -25.22
CA SER D 667 27.95 -34.17 -23.89
C SER D 667 28.97 -33.82 -22.80
N THR D 668 30.25 -34.08 -23.07
CA THR D 668 31.29 -33.79 -22.09
C THR D 668 31.53 -32.29 -21.97
N PHE D 669 31.33 -31.55 -23.06
CA PHE D 669 31.49 -30.10 -22.99
C PHE D 669 30.31 -29.47 -22.26
N LEU D 670 29.15 -30.14 -22.31
CA LEU D 670 28.00 -29.68 -21.55
C LEU D 670 28.22 -29.85 -20.06
N LEU D 671 29.02 -30.85 -19.69
CA LEU D 671 29.56 -30.92 -18.33
C LEU D 671 30.52 -29.75 -18.09
N ASP D 672 31.40 -29.50 -19.05
CA ASP D 672 32.48 -28.53 -18.90
C ASP D 672 31.98 -27.09 -18.80
N LEU D 673 30.89 -26.78 -19.51
CA LEU D 673 30.30 -25.45 -19.48
C LEU D 673 29.69 -25.17 -18.12
N PHE D 674 28.89 -26.11 -17.62
CA PHE D 674 28.22 -25.93 -16.34
C PHE D 674 29.20 -26.03 -15.17
N LYS D 675 30.34 -26.69 -15.40
CA LYS D 675 31.43 -26.81 -14.45
C LYS D 675 31.99 -25.44 -14.10
N LEU D 676 32.08 -24.57 -15.12
CA LEU D 676 32.77 -23.30 -15.01
C LEU D 676 31.96 -22.25 -14.27
N THR D 677 30.65 -22.22 -14.51
CA THR D 677 29.80 -21.12 -14.08
C THR D 677 29.51 -21.13 -12.58
N ILE D 678 29.51 -22.30 -11.96
CA ILE D 678 29.09 -22.42 -10.56
C ILE D 678 30.32 -22.49 -9.66
N GLY D 679 31.45 -21.98 -10.16
CA GLY D 679 32.64 -21.83 -9.34
C GLY D 679 33.34 -23.12 -9.00
N MET D 680 33.35 -24.07 -9.94
CA MET D 680 34.14 -25.29 -9.77
C MET D 680 34.80 -25.71 -11.07
N GLY D 681 34.94 -24.78 -12.02
CA GLY D 681 35.65 -25.05 -13.25
C GLY D 681 37.15 -25.03 -13.08
N ASP D 682 37.85 -25.29 -14.19
CA ASP D 682 39.29 -25.44 -14.16
C ASP D 682 39.99 -24.58 -15.20
N LEU D 683 39.24 -24.17 -16.23
CA LEU D 683 39.69 -23.45 -17.44
C LEU D 683 40.70 -24.23 -18.27
N GLU D 684 40.83 -25.54 -18.06
CA GLU D 684 41.72 -26.35 -18.88
C GLU D 684 41.02 -26.85 -20.13
N MET D 685 39.74 -26.50 -20.30
CA MET D 685 38.96 -27.00 -21.43
C MET D 685 39.13 -26.14 -22.67
N LEU D 686 40.20 -25.34 -22.71
CA LEU D 686 40.58 -24.53 -23.86
C LEU D 686 40.86 -25.43 -25.05
N SER D 687 41.81 -26.36 -24.90
CA SER D 687 42.16 -27.39 -25.89
C SER D 687 42.55 -26.82 -27.25
N SER D 688 43.43 -25.82 -27.23
CA SER D 688 44.22 -25.29 -28.34
C SER D 688 43.46 -24.46 -29.37
N THR D 689 42.12 -24.50 -29.39
CA THR D 689 41.20 -23.40 -29.68
C THR D 689 41.61 -22.45 -30.80
N LYS D 690 41.38 -22.84 -32.06
CA LYS D 690 41.76 -22.16 -33.31
C LYS D 690 41.71 -20.63 -33.27
N TYR D 691 40.68 -20.05 -32.65
CA TYR D 691 40.78 -18.66 -32.25
C TYR D 691 40.55 -18.54 -30.75
N PRO D 692 41.64 -18.37 -29.97
CA PRO D 692 41.53 -18.54 -28.51
C PRO D 692 40.82 -17.42 -27.78
N VAL D 693 41.01 -16.16 -28.20
CA VAL D 693 40.49 -15.02 -27.48
C VAL D 693 38.99 -14.88 -27.68
N VAL D 694 38.46 -15.52 -28.73
CA VAL D 694 37.03 -15.60 -28.97
C VAL D 694 36.41 -16.45 -27.87
N PHE D 695 37.10 -17.53 -27.49
CA PHE D 695 36.59 -18.46 -26.51
C PHE D 695 36.49 -17.85 -25.11
N ILE D 696 37.34 -16.87 -24.79
CA ILE D 696 37.25 -16.19 -23.50
C ILE D 696 36.03 -15.27 -23.48
N ILE D 697 35.88 -14.44 -24.51
CA ILE D 697 34.91 -13.35 -24.46
C ILE D 697 33.49 -13.87 -24.59
N LEU D 698 33.32 -15.04 -25.21
CA LEU D 698 32.01 -15.66 -25.27
C LEU D 698 31.67 -16.35 -23.96
N LEU D 699 32.67 -17.00 -23.35
CA LEU D 699 32.47 -17.70 -22.09
C LEU D 699 32.24 -16.74 -20.93
N VAL D 700 32.98 -15.62 -20.92
CA VAL D 700 32.79 -14.65 -19.85
C VAL D 700 31.51 -13.86 -20.08
N THR D 701 30.99 -13.87 -21.31
CA THR D 701 29.63 -13.41 -21.56
C THR D 701 28.63 -14.38 -20.94
N TYR D 702 28.89 -15.68 -21.09
CA TYR D 702 28.01 -16.71 -20.54
C TYR D 702 28.02 -16.69 -19.01
N ILE D 703 29.13 -16.26 -18.42
CA ILE D 703 29.19 -16.05 -16.98
C ILE D 703 28.24 -14.92 -16.61
N ILE D 704 28.45 -13.74 -17.20
CA ILE D 704 27.84 -12.52 -16.69
C ILE D 704 26.38 -12.43 -17.09
N LEU D 705 25.98 -13.14 -18.16
CA LEU D 705 24.61 -13.06 -18.62
C LEU D 705 23.72 -13.99 -17.82
N THR D 706 24.23 -15.19 -17.50
CA THR D 706 23.41 -16.16 -16.80
C THR D 706 23.22 -15.82 -15.32
N PHE D 707 24.12 -15.02 -14.75
CA PHE D 707 23.85 -14.51 -13.41
C PHE D 707 22.69 -13.53 -13.43
N VAL D 708 22.57 -12.74 -14.50
CA VAL D 708 21.45 -11.80 -14.63
C VAL D 708 20.12 -12.55 -14.70
N LEU D 709 20.12 -13.67 -15.41
CA LEU D 709 18.97 -14.57 -15.38
C LEU D 709 18.80 -15.21 -14.01
N LEU D 710 19.91 -15.54 -13.36
CA LEU D 710 19.83 -16.10 -12.01
C LEU D 710 19.42 -15.04 -11.01
N LEU D 711 19.81 -13.79 -11.25
CA LEU D 711 19.24 -12.68 -10.49
C LEU D 711 17.77 -12.51 -10.82
N ASN D 712 17.39 -12.71 -12.08
CA ASN D 712 16.02 -12.47 -12.53
C ASN D 712 15.06 -13.49 -11.94
N MET D 713 15.57 -14.70 -11.65
CA MET D 713 14.80 -15.67 -10.89
C MET D 713 14.57 -15.19 -9.46
N LEU D 714 15.50 -14.42 -8.92
CA LEU D 714 15.33 -13.94 -7.56
C LEU D 714 14.46 -12.68 -7.59
N ILE D 715 14.43 -12.00 -8.73
CA ILE D 715 13.76 -10.70 -8.80
C ILE D 715 12.35 -10.79 -9.39
N ALA D 716 12.21 -11.30 -10.61
CA ALA D 716 10.91 -11.31 -11.28
C ALA D 716 9.90 -12.20 -10.57
N LEU D 717 10.41 -13.17 -9.82
CA LEU D 717 9.59 -14.03 -8.98
C LEU D 717 9.14 -13.27 -7.73
N MET D 718 10.02 -12.43 -7.18
CA MET D 718 9.74 -11.63 -5.99
C MET D 718 8.55 -10.68 -6.19
N GLY D 719 8.44 -10.06 -7.35
CA GLY D 719 7.33 -9.16 -7.58
C GLY D 719 6.05 -9.86 -7.97
N GLU D 720 6.16 -10.86 -8.86
CA GLU D 720 4.97 -11.52 -9.36
C GLU D 720 4.34 -12.43 -8.31
N THR D 721 5.16 -13.21 -7.60
CA THR D 721 4.56 -14.13 -6.64
C THR D 721 4.17 -13.46 -5.33
N VAL D 722 5.16 -13.03 -4.53
CA VAL D 722 4.89 -12.80 -3.10
C VAL D 722 4.26 -11.43 -2.90
N GLY D 723 4.21 -10.62 -3.96
CA GLY D 723 3.41 -9.42 -3.94
C GLY D 723 1.92 -9.72 -3.98
N GLN D 724 1.57 -10.93 -4.42
CA GLN D 724 0.19 -11.36 -4.48
C GLN D 724 -0.07 -12.70 -3.78
N VAL D 725 0.90 -13.62 -3.82
CA VAL D 725 0.61 -15.00 -3.43
C VAL D 725 0.61 -15.13 -1.91
N SER D 726 1.12 -14.13 -1.20
CA SER D 726 1.06 -14.17 0.26
C SER D 726 -0.36 -13.92 0.73
N LYS D 727 -1.18 -13.31 -0.11
CA LYS D 727 -2.60 -13.09 0.16
C LYS D 727 -3.45 -14.06 -0.66
N GLU D 728 -2.89 -14.63 -1.72
CA GLU D 728 -3.63 -15.50 -2.62
C GLU D 728 -3.56 -16.96 -2.19
N SER D 729 -2.40 -17.43 -1.77
CA SER D 729 -2.23 -18.86 -1.50
C SER D 729 -2.93 -19.28 -0.21
N LYS D 730 -3.33 -18.31 0.61
CA LYS D 730 -4.12 -18.63 1.79
C LYS D 730 -5.56 -18.90 1.41
N HIS D 731 -5.97 -18.48 0.21
CA HIS D 731 -7.27 -18.83 -0.32
C HIS D 731 -7.23 -20.24 -0.89
N ILE D 732 -6.19 -20.56 -1.67
CA ILE D 732 -6.00 -21.87 -2.27
C ILE D 732 -5.82 -22.94 -1.19
N TRP D 733 -5.18 -22.59 -0.08
CA TRP D 733 -5.05 -23.53 1.02
C TRP D 733 -6.40 -23.86 1.66
N LYS D 734 -7.25 -22.84 1.84
CA LYS D 734 -8.57 -23.04 2.42
C LYS D 734 -9.43 -23.91 1.51
N LEU D 735 -9.19 -23.84 0.21
CA LEU D 735 -9.86 -24.76 -0.72
C LEU D 735 -9.27 -26.15 -0.67
N GLN D 736 -7.98 -26.28 -0.34
CA GLN D 736 -7.39 -27.61 -0.14
C GLN D 736 -7.74 -28.18 1.22
N TRP D 737 -7.93 -27.33 2.22
CA TRP D 737 -8.25 -27.82 3.55
C TRP D 737 -9.69 -28.31 3.61
N ALA D 738 -10.60 -27.60 2.95
CA ALA D 738 -12.00 -28.00 2.91
C ALA D 738 -12.21 -29.26 2.08
N THR D 739 -11.36 -29.46 1.09
CA THR D 739 -11.48 -30.64 0.23
C THR D 739 -11.02 -31.86 0.99
N THR D 740 -10.05 -31.68 1.90
CA THR D 740 -9.55 -32.80 2.70
C THR D 740 -10.59 -33.29 3.68
N ILE D 741 -11.30 -32.35 4.32
CA ILE D 741 -12.34 -32.69 5.30
C ILE D 741 -13.49 -33.43 4.62
N LEU D 742 -13.86 -32.99 3.42
CA LEU D 742 -14.92 -33.65 2.67
C LEU D 742 -14.47 -34.95 2.02
N ASP D 743 -13.17 -35.21 1.94
CA ASP D 743 -12.68 -36.51 1.50
C ASP D 743 -12.59 -37.53 2.61
N ILE D 744 -12.33 -37.09 3.84
CA ILE D 744 -12.35 -38.00 4.99
C ILE D 744 -13.77 -38.43 5.34
N GLU D 745 -14.73 -37.50 5.27
CA GLU D 745 -16.13 -37.80 5.55
C GLU D 745 -16.71 -38.76 4.52
N ARG D 746 -16.42 -38.55 3.25
CA ARG D 746 -17.03 -39.29 2.15
C ARG D 746 -16.55 -40.74 2.13
N SER D 747 -15.40 -41.00 2.74
CA SER D 747 -14.87 -42.36 2.79
C SER D 747 -15.54 -43.18 3.87
N PHE D 748 -16.14 -42.52 4.87
CA PHE D 748 -16.84 -43.19 5.96
C PHE D 748 -18.14 -43.81 5.44
N PRO D 749 -18.66 -44.85 6.10
CA PRO D 749 -20.01 -45.32 5.76
C PRO D 749 -21.06 -44.35 6.31
N VAL D 750 -22.30 -44.55 5.85
CA VAL D 750 -23.39 -43.62 6.09
C VAL D 750 -23.76 -43.54 7.57
N PHE D 751 -23.85 -44.70 8.22
CA PHE D 751 -24.25 -44.76 9.62
C PHE D 751 -23.17 -44.16 10.52
N LEU D 752 -21.91 -44.28 10.11
CA LEU D 752 -20.83 -43.63 10.83
C LEU D 752 -20.88 -42.12 10.61
N ARG D 753 -21.27 -41.69 9.40
CA ARG D 753 -21.48 -40.27 9.15
C ARG D 753 -22.70 -39.76 9.90
N LYS D 754 -23.67 -40.63 10.15
CA LYS D 754 -24.83 -40.27 10.97
C LYS D 754 -24.53 -40.31 12.46
N ALA D 755 -23.32 -40.72 12.85
CA ALA D 755 -22.85 -40.63 14.22
C ALA D 755 -22.08 -39.36 14.50
N PHE D 756 -21.31 -38.88 13.52
CA PHE D 756 -20.57 -37.63 13.64
C PHE D 756 -21.29 -36.46 12.99
N ARG D 757 -22.62 -36.41 13.04
CA ARG D 757 -23.38 -35.31 12.48
C ARG D 757 -23.09 -34.00 13.21
N SER D 758 -22.45 -33.07 12.51
CA SER D 758 -22.17 -31.76 13.05
C SER D 758 -23.48 -30.97 13.12
N GLY D 759 -23.82 -30.50 14.30
CA GLY D 759 -25.09 -29.84 14.54
C GLY D 759 -25.88 -30.55 15.60
N GLU D 760 -27.14 -30.12 15.74
CA GLU D 760 -28.00 -30.62 16.80
C GLU D 760 -29.44 -30.67 16.31
N MET D 761 -30.24 -31.48 16.98
CA MET D 761 -31.69 -31.43 16.82
C MET D 761 -32.25 -30.28 17.65
N VAL D 762 -33.33 -29.68 17.14
CA VAL D 762 -34.01 -28.60 17.84
C VAL D 762 -35.46 -28.56 17.37
N THR D 763 -36.38 -28.20 18.26
CA THR D 763 -37.78 -28.04 17.90
C THR D 763 -38.08 -26.57 17.66
N VAL D 764 -38.07 -26.20 16.38
CA VAL D 764 -38.15 -24.81 15.97
C VAL D 764 -39.56 -24.26 16.12
N GLY D 765 -40.52 -24.88 15.45
CA GLY D 765 -41.86 -24.34 15.46
C GLY D 765 -42.90 -25.45 15.38
N LYS D 766 -44.12 -25.04 15.05
CA LYS D 766 -45.26 -25.95 14.91
C LYS D 766 -45.76 -25.83 13.47
N SER D 767 -45.52 -26.87 12.67
CA SER D 767 -45.80 -26.79 11.25
C SER D 767 -47.30 -26.91 10.99
N SER D 768 -47.96 -25.75 11.07
CA SER D 768 -49.34 -25.43 10.66
C SER D 768 -50.44 -26.04 11.54
N ASP D 769 -50.09 -27.06 12.34
CA ASP D 769 -50.83 -27.49 13.53
C ASP D 769 -49.97 -28.53 14.25
N GLY D 770 -49.69 -28.30 15.54
CA GLY D 770 -49.21 -29.38 16.39
C GLY D 770 -47.82 -29.93 16.15
N THR D 771 -47.60 -30.43 14.92
CA THR D 771 -46.45 -31.15 14.40
C THR D 771 -45.14 -30.40 14.67
N PRO D 772 -44.16 -31.05 15.29
CA PRO D 772 -42.89 -30.38 15.55
C PRO D 772 -42.11 -30.12 14.27
N ASP D 773 -41.35 -29.04 14.26
CA ASP D 773 -40.59 -28.59 13.10
C ASP D 773 -39.12 -28.93 13.23
N ARG D 774 -38.82 -30.16 13.63
CA ARG D 774 -37.48 -30.66 13.90
C ARG D 774 -36.53 -30.41 12.74
N ARG D 775 -35.33 -29.93 13.06
CA ARG D 775 -34.33 -29.54 12.07
C ARG D 775 -32.99 -30.12 12.46
N TRP D 776 -31.92 -29.68 11.80
CA TRP D 776 -30.57 -30.12 12.09
C TRP D 776 -29.68 -28.90 12.27
N CYS D 777 -30.12 -27.96 13.11
CA CYS D 777 -29.51 -26.65 13.20
C CYS D 777 -28.11 -26.70 13.84
N PHE D 778 -27.38 -25.61 13.63
CA PHE D 778 -25.98 -25.48 14.06
C PHE D 778 -25.86 -24.20 14.86
N ARG D 779 -25.65 -24.33 16.16
CA ARG D 779 -25.68 -23.17 17.05
C ARG D 779 -24.43 -22.32 16.92
N VAL D 780 -24.62 -21.04 16.63
CA VAL D 780 -23.54 -20.07 16.59
C VAL D 780 -23.90 -18.94 17.56
N ASP D 781 -23.00 -18.67 18.51
CA ASP D 781 -23.25 -17.68 19.54
C ASP D 781 -22.61 -16.35 19.16
N GLU D 782 -23.40 -15.27 19.30
CA GLU D 782 -22.97 -13.95 18.86
C GLU D 782 -23.22 -12.94 19.96
N VAL D 783 -22.53 -11.79 19.88
CA VAL D 783 -22.63 -10.70 20.83
C VAL D 783 -22.76 -9.39 20.07
N ASN D 784 -23.83 -8.64 20.30
CA ASN D 784 -24.05 -7.36 19.63
C ASN D 784 -24.52 -6.34 20.65
N TRP D 785 -23.81 -5.21 20.71
CA TRP D 785 -24.06 -4.16 21.70
C TRP D 785 -24.91 -3.02 21.14
N SER D 786 -25.23 -3.05 19.85
CA SER D 786 -25.92 -1.91 19.23
C SER D 786 -27.42 -2.00 19.42
N HIS D 787 -28.05 -3.06 18.90
CA HIS D 787 -29.49 -3.20 19.00
C HIS D 787 -29.83 -3.96 20.29
N TRP D 788 -30.78 -3.41 21.04
CA TRP D 788 -31.10 -3.99 22.33
C TRP D 788 -32.46 -4.67 22.33
N ASN D 789 -33.52 -3.95 21.98
CA ASN D 789 -34.86 -4.51 21.96
C ASN D 789 -35.17 -4.86 20.50
N GLN D 790 -34.63 -5.99 20.06
CA GLN D 790 -35.07 -6.65 18.83
C GLN D 790 -35.36 -8.12 19.08
N ASN D 791 -36.06 -8.45 20.17
CA ASN D 791 -36.36 -9.83 20.50
C ASN D 791 -37.37 -10.39 19.51
N LEU D 792 -36.86 -11.10 18.51
CA LEU D 792 -37.62 -11.38 17.29
C LEU D 792 -38.50 -12.62 17.41
N GLY D 793 -37.86 -13.79 17.52
CA GLY D 793 -38.54 -15.06 17.35
C GLY D 793 -38.05 -16.16 18.27
N ILE D 794 -37.56 -15.78 19.46
CA ILE D 794 -36.83 -16.63 20.41
C ILE D 794 -37.57 -17.92 20.75
N ILE D 795 -36.91 -19.05 20.51
CA ILE D 795 -37.49 -20.37 20.73
C ILE D 795 -37.51 -20.70 22.21
N ASN D 796 -36.35 -20.61 22.86
CA ASN D 796 -36.21 -21.08 24.23
C ASN D 796 -36.15 -19.90 25.19
N GLU D 797 -37.08 -19.87 26.14
CA GLU D 797 -37.09 -18.85 27.18
C GLU D 797 -36.04 -19.10 28.26
N ASP D 798 -35.47 -20.30 28.29
CA ASP D 798 -34.42 -20.69 29.23
C ASP D 798 -33.08 -20.66 28.51
N PRO D 799 -32.31 -19.57 28.64
CA PRO D 799 -31.17 -19.37 27.74
C PRO D 799 -29.93 -20.18 28.11
N GLY D 800 -29.10 -20.44 27.11
CA GLY D 800 -27.72 -20.83 27.34
C GLY D 800 -27.38 -22.30 27.31
N LYS D 801 -27.92 -23.05 26.33
CA LYS D 801 -27.76 -24.51 26.22
C LYS D 801 -28.14 -25.18 27.52
N ASN D 802 -29.42 -25.11 27.91
CA ASN D 802 -29.91 -25.41 29.25
C ASN D 802 -29.56 -26.81 29.72
N GLU D 803 -28.75 -26.89 30.78
CA GLU D 803 -28.26 -28.15 31.31
C GLU D 803 -28.92 -28.47 32.65
#